data_2K16
#
_entry.id   2K16
#
loop_
_entity.id
_entity.type
_entity.pdbx_description
1 polymer 'Transcription initiation factor TFIID subunit 3'
2 non-polymer 'ZINC ION'
#
_entity_poly.entity_id   1
_entity_poly.type   'polypeptide(L)'
_entity_poly.pdbx_seq_one_letter_code
;GSHMAMAYVIRDEWGNQIWICPGCNKPDDGSPMIGCDDCDDWYHWPCVGIMAAPPEEMQWFCPKCANKIKKDKKH
;
_entity_poly.pdbx_strand_id   A
#
loop_
_chem_comp.id
_chem_comp.type
_chem_comp.name
_chem_comp.formula
ZN non-polymer 'ZINC ION' 'Zn 2'
#
# COMPACT_ATOMS: atom_id res chain seq x y z
N GLY A 1 -14.61 15.31 11.18
CA GLY A 1 -13.69 14.31 11.70
C GLY A 1 -13.67 13.10 10.83
N SER A 2 -12.57 12.37 10.83
CA SER A 2 -12.45 11.21 10.00
C SER A 2 -13.25 10.06 10.61
N HIS A 3 -14.29 9.65 9.92
CA HIS A 3 -15.08 8.52 10.32
C HIS A 3 -14.43 7.27 9.75
N MET A 4 -13.99 7.39 8.51
CA MET A 4 -13.30 6.30 7.87
C MET A 4 -11.81 6.47 8.07
N ALA A 5 -11.04 5.45 7.67
CA ALA A 5 -9.57 5.40 7.80
C ALA A 5 -9.16 5.12 9.24
N MET A 6 -10.12 4.71 10.05
CA MET A 6 -9.86 4.31 11.42
C MET A 6 -9.51 2.84 11.44
N ALA A 7 -9.96 2.16 10.43
CA ALA A 7 -9.65 0.79 10.25
C ALA A 7 -8.55 0.70 9.22
N TYR A 8 -8.20 -0.54 8.82
CA TYR A 8 -7.05 -0.80 7.94
C TYR A 8 -5.77 -0.49 8.69
N VAL A 9 -5.92 -0.31 9.98
CA VAL A 9 -4.88 0.11 10.86
C VAL A 9 -4.96 -0.72 12.12
N ILE A 10 -3.96 -1.50 12.33
CA ILE A 10 -3.87 -2.31 13.52
C ILE A 10 -2.56 -1.97 14.18
N ARG A 11 -2.46 -2.16 15.46
CA ARG A 11 -1.23 -1.95 16.14
C ARG A 11 -0.52 -3.25 16.36
N ASP A 12 0.74 -3.23 16.08
CA ASP A 12 1.64 -4.33 16.28
C ASP A 12 1.91 -4.52 17.76
N GLU A 13 2.60 -5.58 18.09
CA GLU A 13 2.91 -5.92 19.46
C GLU A 13 3.79 -4.86 20.10
N TRP A 14 4.67 -4.27 19.30
CA TRP A 14 5.57 -3.23 19.77
C TRP A 14 4.87 -1.88 19.63
N GLY A 15 3.80 -1.86 18.88
CA GLY A 15 3.06 -0.65 18.68
C GLY A 15 3.30 -0.07 17.30
N ASN A 16 3.94 -0.84 16.45
CA ASN A 16 4.18 -0.41 15.06
C ASN A 16 2.85 -0.39 14.32
N GLN A 17 2.81 0.26 13.20
CA GLN A 17 1.59 0.32 12.46
C GLN A 17 1.48 -0.84 11.52
N ILE A 18 0.45 -1.58 11.70
CA ILE A 18 0.14 -2.64 10.82
C ILE A 18 -0.78 -2.07 9.79
N TRP A 19 -0.28 -2.01 8.62
CA TRP A 19 -0.98 -1.46 7.52
C TRP A 19 -1.79 -2.53 6.85
N ILE A 20 -3.02 -2.25 6.63
CA ILE A 20 -3.82 -3.10 5.84
C ILE A 20 -3.90 -2.50 4.48
N CYS A 21 -3.15 -3.10 3.59
CA CYS A 21 -3.04 -2.72 2.22
C CYS A 21 -4.43 -2.68 1.60
N PRO A 22 -4.91 -1.49 1.22
CA PRO A 22 -6.24 -1.34 0.66
C PRO A 22 -6.32 -1.89 -0.77
N GLY A 23 -5.23 -2.46 -1.22
CA GLY A 23 -5.22 -3.08 -2.50
C GLY A 23 -5.75 -4.50 -2.44
N CYS A 24 -5.45 -5.19 -1.35
CA CYS A 24 -5.87 -6.57 -1.19
C CYS A 24 -6.86 -6.72 -0.04
N ASN A 25 -6.73 -5.80 0.92
CA ASN A 25 -7.48 -5.76 2.18
C ASN A 25 -6.84 -6.69 3.20
N LYS A 26 -5.56 -6.98 3.02
CA LYS A 26 -4.75 -7.75 3.97
C LYS A 26 -3.85 -6.86 4.80
N PRO A 27 -3.64 -7.22 6.06
CA PRO A 27 -2.61 -6.62 6.91
C PRO A 27 -1.27 -7.28 6.57
N ASP A 28 -0.19 -6.80 7.13
CA ASP A 28 1.07 -7.53 6.94
C ASP A 28 1.03 -8.83 7.68
N ASP A 29 0.81 -9.88 6.93
CA ASP A 29 0.79 -11.22 7.48
C ASP A 29 2.15 -11.88 7.34
N GLY A 30 3.09 -11.12 6.86
CA GLY A 30 4.41 -11.63 6.67
C GLY A 30 4.80 -11.54 5.23
N SER A 31 4.72 -10.36 4.68
CA SER A 31 5.05 -10.16 3.33
C SER A 31 5.94 -8.90 3.20
N PRO A 32 6.64 -8.73 2.07
CA PRO A 32 7.39 -7.53 1.79
C PRO A 32 6.42 -6.42 1.42
N MET A 33 6.64 -5.25 1.92
CA MET A 33 5.72 -4.18 1.72
C MET A 33 6.36 -3.06 0.94
N ILE A 34 5.57 -2.32 0.23
CA ILE A 34 6.03 -1.24 -0.59
C ILE A 34 5.14 -0.01 -0.37
N GLY A 35 5.72 1.15 -0.19
CA GLY A 35 4.95 2.35 0.07
C GLY A 35 4.76 3.17 -1.18
N CYS A 36 3.78 4.04 -1.18
CA CYS A 36 3.50 4.85 -2.34
C CYS A 36 4.35 6.10 -2.35
N ASP A 37 4.37 6.76 -3.47
CA ASP A 37 5.11 7.98 -3.63
C ASP A 37 4.16 9.15 -3.35
N ASP A 38 2.85 8.91 -3.48
CA ASP A 38 1.88 9.97 -3.21
C ASP A 38 1.23 9.80 -1.84
N CYS A 39 0.98 8.57 -1.45
CA CYS A 39 0.41 8.35 -0.15
C CYS A 39 1.45 7.86 0.86
N ASP A 40 1.07 7.84 2.10
CA ASP A 40 1.98 7.57 3.22
C ASP A 40 1.98 6.10 3.63
N ASP A 41 0.93 5.41 3.26
CA ASP A 41 0.71 4.07 3.72
C ASP A 41 1.40 3.04 2.84
N TRP A 42 1.54 1.84 3.37
CA TRP A 42 2.26 0.79 2.71
C TRP A 42 1.35 -0.32 2.20
N TYR A 43 1.71 -0.84 1.06
CA TYR A 43 1.01 -1.91 0.37
C TYR A 43 1.90 -3.12 0.36
N HIS A 44 1.46 -4.20 -0.24
CA HIS A 44 2.27 -5.41 -0.32
C HIS A 44 2.73 -5.64 -1.74
N TRP A 45 3.75 -6.43 -1.90
CA TRP A 45 4.28 -6.81 -3.21
C TRP A 45 3.29 -7.56 -4.12
N PRO A 46 2.66 -8.68 -3.67
CA PRO A 46 1.75 -9.47 -4.54
C PRO A 46 0.52 -8.70 -5.02
N CYS A 47 0.10 -7.72 -4.25
CA CYS A 47 -1.09 -6.96 -4.53
C CYS A 47 -0.93 -6.09 -5.76
N VAL A 48 0.24 -5.57 -5.91
CA VAL A 48 0.53 -4.63 -6.95
C VAL A 48 1.40 -5.27 -8.04
N GLY A 49 2.03 -6.39 -7.72
CA GLY A 49 2.81 -7.11 -8.68
C GLY A 49 4.27 -6.73 -8.67
N ILE A 50 4.87 -6.71 -7.50
CA ILE A 50 6.29 -6.40 -7.40
C ILE A 50 7.08 -7.70 -7.53
N MET A 51 7.99 -7.72 -8.47
CA MET A 51 8.81 -8.89 -8.69
C MET A 51 10.08 -8.79 -7.87
N ALA A 52 10.59 -7.58 -7.78
CA ALA A 52 11.81 -7.28 -7.07
C ALA A 52 11.74 -5.82 -6.71
N ALA A 53 12.49 -5.39 -5.71
CA ALA A 53 12.46 -4.02 -5.23
C ALA A 53 12.74 -3.01 -6.34
N PRO A 54 11.73 -2.20 -6.68
CA PRO A 54 11.84 -1.18 -7.74
C PRO A 54 12.77 -0.02 -7.36
N PRO A 55 13.18 0.83 -8.34
CA PRO A 55 14.05 1.97 -8.09
C PRO A 55 13.35 3.05 -7.26
N GLU A 56 14.15 3.75 -6.54
CA GLU A 56 13.73 4.82 -5.66
C GLU A 56 13.60 6.12 -6.45
N GLU A 57 14.28 6.17 -7.58
CA GLU A 57 14.21 7.30 -8.50
C GLU A 57 12.87 7.30 -9.21
N MET A 58 12.30 6.12 -9.33
CA MET A 58 11.00 5.94 -9.93
C MET A 58 9.97 6.32 -8.90
N GLN A 59 8.90 6.90 -9.32
CA GLN A 59 7.85 7.22 -8.43
C GLN A 59 6.85 6.11 -8.57
N TRP A 60 6.57 5.45 -7.52
CA TRP A 60 5.73 4.29 -7.56
C TRP A 60 4.40 4.63 -6.97
N PHE A 61 3.35 4.26 -7.65
CA PHE A 61 2.03 4.55 -7.19
C PHE A 61 1.21 3.29 -7.18
N CYS A 62 0.46 3.12 -6.14
CA CYS A 62 -0.42 1.99 -5.96
C CYS A 62 -1.58 2.09 -6.93
N PRO A 63 -2.40 1.02 -7.11
CA PRO A 63 -3.59 1.05 -7.97
C PRO A 63 -4.54 2.24 -7.65
N LYS A 64 -4.39 2.78 -6.44
CA LYS A 64 -5.17 3.89 -5.97
C LYS A 64 -4.62 5.19 -6.56
N CYS A 65 -3.34 5.44 -6.34
CA CYS A 65 -2.71 6.65 -6.84
C CYS A 65 -2.35 6.56 -8.32
N ALA A 66 -2.32 5.36 -8.85
CA ALA A 66 -2.15 5.12 -10.28
C ALA A 66 -3.39 5.62 -10.99
N ASN A 67 -4.48 5.52 -10.29
CA ASN A 67 -5.75 6.01 -10.75
C ASN A 67 -5.80 7.54 -10.69
N LYS A 68 -4.95 8.11 -9.85
CA LYS A 68 -4.75 9.57 -9.81
C LYS A 68 -3.93 9.99 -11.02
N ILE A 69 -2.96 9.13 -11.40
CA ILE A 69 -2.20 9.29 -12.65
C ILE A 69 -3.21 9.25 -13.79
N LYS A 70 -4.13 8.29 -13.65
CA LYS A 70 -5.31 8.12 -14.44
C LYS A 70 -5.04 7.64 -15.85
N LYS A 71 -4.46 8.49 -16.59
CA LYS A 71 -4.18 8.31 -17.99
C LYS A 71 -3.43 9.53 -18.44
N ASP A 72 -3.99 10.66 -18.11
CA ASP A 72 -3.42 11.93 -18.41
C ASP A 72 -2.58 12.38 -17.25
N LYS A 73 -1.31 12.08 -17.29
CA LYS A 73 -0.44 12.51 -16.24
C LYS A 73 0.24 13.78 -16.67
N LYS A 74 0.37 14.66 -15.77
CA LYS A 74 0.91 15.96 -16.07
C LYS A 74 2.21 16.19 -15.34
N HIS A 75 2.70 15.13 -14.77
CA HIS A 75 3.97 15.15 -14.13
C HIS A 75 4.90 14.29 -14.94
ZN ZN B . -0.74 5.85 -3.28
ZN ZN C . -1.80 -5.91 0.01
N GLY A 1 -6.43 -14.71 4.04
CA GLY A 1 -6.28 -15.84 4.95
C GLY A 1 -7.36 -15.80 5.97
N SER A 2 -7.28 -16.64 6.96
CA SER A 2 -8.25 -16.62 8.01
C SER A 2 -7.83 -15.57 9.01
N HIS A 3 -8.20 -14.35 8.74
CA HIS A 3 -7.80 -13.24 9.55
C HIS A 3 -9.00 -12.43 10.02
N MET A 4 -8.76 -11.55 10.94
CA MET A 4 -9.74 -10.63 11.45
C MET A 4 -9.23 -9.25 11.10
N ALA A 5 -10.01 -8.47 10.41
CA ALA A 5 -9.53 -7.18 9.96
C ALA A 5 -10.58 -6.09 10.11
N MET A 6 -10.18 -5.01 10.75
CA MET A 6 -11.00 -3.83 10.91
C MET A 6 -10.12 -2.63 10.67
N ALA A 7 -10.63 -1.67 9.90
CA ALA A 7 -9.90 -0.45 9.54
C ALA A 7 -8.64 -0.81 8.77
N TYR A 8 -7.59 0.00 8.86
CA TYR A 8 -6.36 -0.32 8.17
C TYR A 8 -5.20 -0.46 9.15
N VAL A 9 -5.54 -0.48 10.43
CA VAL A 9 -4.56 -0.61 11.49
C VAL A 9 -5.00 -1.67 12.48
N ILE A 10 -4.24 -2.71 12.58
CA ILE A 10 -4.46 -3.74 13.57
C ILE A 10 -3.18 -3.77 14.41
N ARG A 11 -3.24 -4.25 15.60
CA ARG A 11 -2.05 -4.32 16.39
C ARG A 11 -1.47 -5.70 16.43
N ASP A 12 -0.20 -5.75 16.18
CA ASP A 12 0.61 -6.94 16.28
C ASP A 12 0.79 -7.30 17.75
N GLU A 13 1.39 -8.41 17.99
CA GLU A 13 1.61 -8.93 19.33
C GLU A 13 2.46 -7.97 20.15
N TRP A 14 3.42 -7.34 19.51
CA TRP A 14 4.32 -6.45 20.23
C TRP A 14 3.79 -5.03 20.19
N GLY A 15 2.64 -4.87 19.57
CA GLY A 15 2.02 -3.58 19.46
C GLY A 15 2.42 -2.88 18.19
N ASN A 16 3.00 -3.63 17.27
CA ASN A 16 3.38 -3.06 15.99
C ASN A 16 2.15 -2.84 15.17
N GLN A 17 2.20 -1.94 14.24
CA GLN A 17 1.06 -1.65 13.44
C GLN A 17 0.97 -2.52 12.23
N ILE A 18 -0.03 -3.34 12.23
CA ILE A 18 -0.33 -4.18 11.13
C ILE A 18 -1.06 -3.36 10.12
N TRP A 19 -0.48 -3.25 9.00
CA TRP A 19 -0.99 -2.45 7.96
C TRP A 19 -1.86 -3.25 7.06
N ILE A 20 -2.94 -2.68 6.68
CA ILE A 20 -3.80 -3.30 5.72
C ILE A 20 -3.60 -2.60 4.40
N CYS A 21 -3.33 -3.39 3.39
CA CYS A 21 -3.08 -2.95 2.06
C CYS A 21 -4.43 -2.66 1.39
N PRO A 22 -4.71 -1.38 1.09
CA PRO A 22 -5.97 -0.95 0.43
C PRO A 22 -6.17 -1.57 -0.97
N GLY A 23 -5.18 -2.29 -1.45
CA GLY A 23 -5.29 -2.93 -2.72
C GLY A 23 -5.97 -4.28 -2.62
N CYS A 24 -5.92 -4.87 -1.44
CA CYS A 24 -6.47 -6.20 -1.23
C CYS A 24 -7.50 -6.21 -0.10
N ASN A 25 -7.24 -5.37 0.91
CA ASN A 25 -7.98 -5.28 2.17
C ASN A 25 -7.48 -6.35 3.13
N LYS A 26 -6.27 -6.81 2.89
CA LYS A 26 -5.65 -7.80 3.75
C LYS A 26 -4.61 -7.12 4.62
N PRO A 27 -4.54 -7.52 5.89
CA PRO A 27 -3.51 -7.08 6.79
C PRO A 27 -2.19 -7.73 6.47
N ASP A 28 -1.12 -7.09 6.82
CA ASP A 28 0.18 -7.61 6.58
C ASP A 28 0.57 -8.64 7.61
N ASP A 29 1.32 -9.63 7.16
CA ASP A 29 1.76 -10.73 8.01
C ASP A 29 3.24 -10.62 8.29
N GLY A 30 3.85 -9.60 7.73
CA GLY A 30 5.28 -9.45 7.79
C GLY A 30 5.85 -9.78 6.43
N SER A 31 5.30 -9.13 5.43
CA SER A 31 5.68 -9.39 4.06
C SER A 31 6.48 -8.20 3.52
N PRO A 32 7.21 -8.36 2.39
CA PRO A 32 7.85 -7.24 1.73
C PRO A 32 6.78 -6.31 1.18
N MET A 33 6.72 -5.12 1.70
CA MET A 33 5.72 -4.18 1.28
C MET A 33 6.42 -3.02 0.62
N ILE A 34 5.68 -2.19 -0.04
CA ILE A 34 6.22 -1.05 -0.72
C ILE A 34 5.40 0.20 -0.38
N GLY A 35 6.05 1.33 -0.24
CA GLY A 35 5.37 2.56 0.08
C GLY A 35 5.16 3.42 -1.15
N CYS A 36 4.07 4.15 -1.16
CA CYS A 36 3.71 5.00 -2.27
C CYS A 36 4.49 6.32 -2.19
N ASP A 37 4.41 7.12 -3.22
CA ASP A 37 5.01 8.44 -3.22
C ASP A 37 3.98 9.41 -2.67
N ASP A 38 2.72 9.04 -2.82
CA ASP A 38 1.63 9.88 -2.37
C ASP A 38 1.09 9.38 -1.03
N CYS A 39 1.17 8.09 -0.81
CA CYS A 39 0.75 7.52 0.46
C CYS A 39 1.99 7.14 1.27
N ASP A 40 1.88 7.21 2.57
CA ASP A 40 2.93 6.73 3.47
C ASP A 40 2.62 5.29 3.82
N ASP A 41 1.43 4.87 3.44
CA ASP A 41 0.94 3.53 3.66
C ASP A 41 1.71 2.53 2.85
N TRP A 42 1.78 1.34 3.37
CA TRP A 42 2.51 0.28 2.74
C TRP A 42 1.54 -0.65 2.04
N TYR A 43 1.88 -1.01 0.84
CA TYR A 43 1.09 -1.90 0.02
C TYR A 43 1.88 -3.17 -0.21
N HIS A 44 1.20 -4.27 -0.38
CA HIS A 44 1.91 -5.56 -0.56
C HIS A 44 2.42 -5.70 -1.98
N TRP A 45 3.62 -6.25 -2.12
CA TRP A 45 4.21 -6.52 -3.44
C TRP A 45 3.28 -7.35 -4.37
N PRO A 46 2.74 -8.53 -3.93
CA PRO A 46 1.83 -9.33 -4.78
C PRO A 46 0.49 -8.62 -5.09
N CYS A 47 0.25 -7.50 -4.44
CA CYS A 47 -0.96 -6.77 -4.62
C CYS A 47 -0.80 -5.69 -5.66
N VAL A 48 0.44 -5.36 -5.94
CA VAL A 48 0.75 -4.31 -6.87
C VAL A 48 1.54 -4.85 -8.05
N GLY A 49 1.66 -6.16 -8.11
CA GLY A 49 2.38 -6.82 -9.19
C GLY A 49 3.87 -6.59 -9.12
N ILE A 50 4.40 -6.59 -7.93
CA ILE A 50 5.82 -6.40 -7.76
C ILE A 50 6.48 -7.67 -7.32
N MET A 51 7.45 -8.05 -8.09
CA MET A 51 8.21 -9.24 -7.88
C MET A 51 9.58 -8.90 -7.32
N ALA A 52 10.01 -7.67 -7.53
CA ALA A 52 11.31 -7.22 -7.14
C ALA A 52 11.27 -5.73 -6.96
N ALA A 53 12.05 -5.25 -6.02
CA ALA A 53 12.12 -3.86 -5.65
C ALA A 53 12.43 -2.95 -6.82
N PRO A 54 11.49 -2.09 -7.20
CA PRO A 54 11.74 -1.10 -8.22
C PRO A 54 12.75 -0.06 -7.71
N PRO A 55 13.48 0.64 -8.61
CA PRO A 55 14.49 1.63 -8.20
C PRO A 55 13.88 2.75 -7.35
N GLU A 56 14.67 3.25 -6.41
CA GLU A 56 14.23 4.33 -5.50
C GLU A 56 13.98 5.60 -6.30
N GLU A 57 14.76 5.75 -7.34
CA GLU A 57 14.68 6.89 -8.25
C GLU A 57 13.52 6.76 -9.23
N MET A 58 12.78 5.71 -9.11
CA MET A 58 11.61 5.51 -9.91
C MET A 58 10.43 5.94 -9.08
N GLN A 59 9.54 6.71 -9.65
CA GLN A 59 8.38 7.07 -8.91
C GLN A 59 7.39 5.96 -8.99
N TRP A 60 6.79 5.67 -7.89
CA TRP A 60 5.90 4.57 -7.80
C TRP A 60 4.65 4.99 -7.08
N PHE A 61 3.53 4.55 -7.59
CA PHE A 61 2.26 4.85 -7.04
C PHE A 61 1.45 3.59 -7.01
N CYS A 62 0.78 3.38 -5.91
CA CYS A 62 -0.08 2.24 -5.69
C CYS A 62 -1.23 2.23 -6.70
N PRO A 63 -1.97 1.11 -6.86
CA PRO A 63 -3.15 1.05 -7.74
C PRO A 63 -4.22 2.09 -7.36
N LYS A 64 -4.03 2.73 -6.22
CA LYS A 64 -4.93 3.75 -5.77
C LYS A 64 -4.52 5.07 -6.43
N CYS A 65 -3.25 5.44 -6.30
CA CYS A 65 -2.76 6.67 -6.89
C CYS A 65 -2.42 6.51 -8.38
N ALA A 66 -2.19 5.30 -8.81
CA ALA A 66 -1.93 5.02 -10.20
C ALA A 66 -3.17 5.30 -11.02
N ASN A 67 -4.33 5.17 -10.38
CA ASN A 67 -5.61 5.42 -11.05
C ASN A 67 -5.88 6.94 -11.15
N LYS A 68 -5.00 7.72 -10.55
CA LYS A 68 -5.06 9.18 -10.66
C LYS A 68 -4.36 9.59 -11.95
N ILE A 69 -3.32 8.84 -12.26
CA ILE A 69 -2.53 9.07 -13.45
C ILE A 69 -3.16 8.36 -14.64
N LYS A 70 -3.45 7.10 -14.44
CA LYS A 70 -4.08 6.29 -15.43
C LYS A 70 -5.50 6.04 -14.95
N LYS A 71 -6.40 6.87 -15.44
CA LYS A 71 -7.79 6.88 -14.98
C LYS A 71 -8.54 5.64 -15.43
N ASP A 72 -8.16 5.14 -16.59
CA ASP A 72 -8.80 3.99 -17.27
C ASP A 72 -10.16 4.34 -17.81
N LYS A 73 -10.41 3.94 -19.02
CA LYS A 73 -11.65 4.26 -19.69
C LYS A 73 -12.10 3.09 -20.52
N LYS A 74 -13.18 3.29 -21.24
CA LYS A 74 -13.71 2.30 -22.14
C LYS A 74 -14.42 3.06 -23.22
N HIS A 75 -14.41 2.56 -24.42
CA HIS A 75 -15.12 3.21 -25.47
C HIS A 75 -16.27 2.34 -25.88
ZN ZN B . -0.79 6.01 -3.28
ZN ZN C . -2.29 -6.02 -0.14
N GLY A 1 -18.89 -11.32 11.43
CA GLY A 1 -19.93 -10.93 12.38
C GLY A 1 -20.06 -9.43 12.43
N SER A 2 -20.59 -8.91 13.51
CA SER A 2 -20.75 -7.49 13.65
C SER A 2 -19.45 -6.84 14.12
N HIS A 3 -18.63 -6.45 13.16
CA HIS A 3 -17.36 -5.80 13.42
C HIS A 3 -16.86 -5.20 12.13
N MET A 4 -16.99 -3.92 12.01
CA MET A 4 -16.51 -3.25 10.84
C MET A 4 -15.39 -2.32 11.24
N ALA A 5 -14.33 -2.34 10.50
CA ALA A 5 -13.21 -1.48 10.78
C ALA A 5 -13.43 -0.17 10.08
N MET A 6 -12.91 0.88 10.64
CA MET A 6 -13.09 2.19 10.05
C MET A 6 -11.93 2.47 9.14
N ALA A 7 -10.75 2.35 9.67
CA ALA A 7 -9.56 2.48 8.89
C ALA A 7 -8.74 1.26 9.09
N TYR A 8 -7.90 0.99 8.15
CA TYR A 8 -7.19 -0.25 8.13
C TYR A 8 -5.74 -0.05 8.46
N VAL A 9 -5.53 0.38 9.66
CA VAL A 9 -4.21 0.59 10.22
C VAL A 9 -4.21 0.02 11.62
N ILE A 10 -3.42 -1.00 11.83
CA ILE A 10 -3.34 -1.66 13.12
C ILE A 10 -2.00 -1.31 13.75
N ARG A 11 -1.93 -1.30 15.05
CA ARG A 11 -0.69 -1.07 15.72
C ARG A 11 -0.21 -2.36 16.33
N ASP A 12 1.04 -2.61 16.15
CA ASP A 12 1.70 -3.79 16.70
C ASP A 12 2.01 -3.56 18.18
N GLU A 13 2.50 -4.57 18.86
CA GLU A 13 2.78 -4.50 20.28
C GLU A 13 3.98 -3.59 20.56
N TRP A 14 4.83 -3.44 19.57
CA TRP A 14 5.94 -2.53 19.67
C TRP A 14 5.54 -1.12 19.22
N GLY A 15 4.25 -0.97 18.91
CA GLY A 15 3.67 0.30 18.49
C GLY A 15 4.04 0.64 17.07
N ASN A 16 4.39 -0.37 16.31
CA ASN A 16 4.73 -0.21 14.92
C ASN A 16 3.46 -0.27 14.12
N GLN A 17 3.45 0.33 12.97
CA GLN A 17 2.25 0.32 12.18
C GLN A 17 2.14 -0.89 11.32
N ILE A 18 1.02 -1.47 11.41
CA ILE A 18 0.64 -2.56 10.60
C ILE A 18 -0.29 -2.03 9.59
N TRP A 19 0.22 -1.92 8.45
CA TRP A 19 -0.50 -1.39 7.36
C TRP A 19 -1.31 -2.48 6.73
N ILE A 20 -2.51 -2.15 6.42
CA ILE A 20 -3.36 -3.02 5.70
C ILE A 20 -3.39 -2.54 4.27
N CYS A 21 -3.16 -3.46 3.39
CA CYS A 21 -3.12 -3.26 1.98
C CYS A 21 -4.56 -3.25 1.49
N PRO A 22 -5.08 -2.09 1.07
CA PRO A 22 -6.45 -1.96 0.53
C PRO A 22 -6.68 -2.78 -0.77
N GLY A 23 -5.64 -3.45 -1.23
CA GLY A 23 -5.77 -4.29 -2.39
C GLY A 23 -6.48 -5.58 -2.05
N CYS A 24 -6.03 -6.22 -1.00
CA CYS A 24 -6.59 -7.46 -0.55
C CYS A 24 -7.41 -7.29 0.74
N ASN A 25 -7.13 -6.17 1.43
CA ASN A 25 -7.74 -5.78 2.70
C ASN A 25 -7.07 -6.58 3.84
N LYS A 26 -5.86 -7.04 3.56
CA LYS A 26 -5.08 -7.79 4.51
C LYS A 26 -4.02 -6.92 5.15
N PRO A 27 -3.78 -7.14 6.45
CA PRO A 27 -2.67 -6.54 7.15
C PRO A 27 -1.38 -7.23 6.73
N ASP A 28 -0.26 -6.73 7.18
CA ASP A 28 0.99 -7.40 6.91
C ASP A 28 0.99 -8.79 7.51
N ASP A 29 0.93 -9.73 6.63
CA ASP A 29 0.87 -11.13 6.95
C ASP A 29 2.24 -11.75 6.78
N GLY A 30 3.23 -10.91 6.66
CA GLY A 30 4.57 -11.35 6.48
C GLY A 30 4.97 -11.21 5.05
N SER A 31 4.72 -10.04 4.51
CA SER A 31 5.02 -9.77 3.16
C SER A 31 5.80 -8.45 3.07
N PRO A 32 6.57 -8.23 2.01
CA PRO A 32 7.28 -6.99 1.81
C PRO A 32 6.28 -5.93 1.37
N MET A 33 6.35 -4.76 1.93
CA MET A 33 5.38 -3.76 1.63
C MET A 33 6.02 -2.59 0.96
N ILE A 34 5.32 -2.05 0.03
CA ILE A 34 5.77 -0.92 -0.73
C ILE A 34 4.74 0.19 -0.56
N GLY A 35 5.20 1.39 -0.35
CA GLY A 35 4.29 2.49 -0.12
C GLY A 35 4.43 3.54 -1.15
N CYS A 36 3.34 4.26 -1.39
CA CYS A 36 3.29 5.34 -2.35
C CYS A 36 4.33 6.42 -2.02
N ASP A 37 4.65 7.22 -3.00
CA ASP A 37 5.56 8.34 -2.80
C ASP A 37 4.75 9.54 -2.37
N ASP A 38 3.51 9.57 -2.78
CA ASP A 38 2.66 10.71 -2.52
C ASP A 38 2.05 10.58 -1.15
N CYS A 39 1.66 9.39 -0.79
CA CYS A 39 1.07 9.15 0.49
C CYS A 39 1.60 7.87 1.11
N ASP A 40 1.34 7.68 2.37
CA ASP A 40 1.74 6.46 3.05
C ASP A 40 0.64 5.46 2.94
N ASP A 41 0.45 5.01 1.75
CA ASP A 41 -0.53 4.00 1.46
C ASP A 41 0.28 2.79 1.06
N TRP A 42 0.47 1.92 2.01
CA TRP A 42 1.36 0.79 1.87
C TRP A 42 0.64 -0.47 1.46
N TYR A 43 1.15 -1.10 0.42
CA TYR A 43 0.58 -2.30 -0.14
C TYR A 43 1.60 -3.39 -0.13
N HIS A 44 1.18 -4.58 -0.40
CA HIS A 44 2.09 -5.71 -0.46
C HIS A 44 2.64 -5.86 -1.85
N TRP A 45 3.87 -6.38 -1.94
CA TRP A 45 4.53 -6.65 -3.23
C TRP A 45 3.65 -7.45 -4.23
N PRO A 46 3.13 -8.67 -3.86
CA PRO A 46 2.31 -9.49 -4.77
C PRO A 46 0.96 -8.84 -5.15
N CYS A 47 0.60 -7.79 -4.47
CA CYS A 47 -0.66 -7.13 -4.71
C CYS A 47 -0.56 -6.05 -5.78
N VAL A 48 0.60 -5.44 -5.88
CA VAL A 48 0.78 -4.34 -6.81
C VAL A 48 1.73 -4.68 -7.94
N GLY A 49 2.18 -5.91 -7.96
CA GLY A 49 3.01 -6.36 -9.05
C GLY A 49 4.47 -6.13 -8.84
N ILE A 50 4.94 -6.38 -7.65
CA ILE A 50 6.36 -6.26 -7.39
C ILE A 50 6.92 -7.67 -7.30
N MET A 51 7.78 -8.01 -8.23
CA MET A 51 8.35 -9.34 -8.29
C MET A 51 9.70 -9.36 -7.59
N ALA A 52 10.29 -8.21 -7.48
CA ALA A 52 11.61 -8.03 -6.90
C ALA A 52 11.75 -6.57 -6.63
N ALA A 53 12.71 -6.20 -5.79
CA ALA A 53 12.98 -4.82 -5.45
C ALA A 53 13.00 -3.91 -6.70
N PRO A 54 12.00 -3.02 -6.82
CA PRO A 54 11.89 -2.10 -7.95
C PRO A 54 13.06 -1.11 -7.98
N PRO A 55 13.32 -0.48 -9.13
CA PRO A 55 14.39 0.50 -9.25
C PRO A 55 14.24 1.62 -8.24
N GLU A 56 15.35 2.05 -7.71
CA GLU A 56 15.37 3.10 -6.72
C GLU A 56 15.20 4.47 -7.37
N GLU A 57 15.32 4.50 -8.69
CA GLU A 57 15.09 5.73 -9.43
C GLU A 57 13.63 5.80 -9.87
N MET A 58 12.93 4.70 -9.69
CA MET A 58 11.54 4.59 -10.10
C MET A 58 10.64 5.23 -9.07
N GLN A 59 9.77 6.07 -9.51
CA GLN A 59 8.80 6.63 -8.63
C GLN A 59 7.62 5.71 -8.64
N TRP A 60 7.11 5.42 -7.51
CA TRP A 60 6.06 4.46 -7.40
C TRP A 60 4.92 5.05 -6.61
N PHE A 61 3.73 4.79 -7.05
CA PHE A 61 2.55 5.29 -6.43
C PHE A 61 1.62 4.13 -6.22
N CYS A 62 0.85 4.17 -5.16
CA CYS A 62 -0.09 3.13 -4.83
C CYS A 62 -1.13 2.97 -5.94
N PRO A 63 -1.83 1.81 -6.01
CA PRO A 63 -2.88 1.58 -7.01
C PRO A 63 -3.99 2.65 -6.94
N LYS A 64 -4.03 3.41 -5.87
CA LYS A 64 -4.99 4.46 -5.74
C LYS A 64 -4.49 5.72 -6.47
N CYS A 65 -3.26 6.14 -6.20
CA CYS A 65 -2.70 7.28 -6.90
C CYS A 65 -2.36 6.94 -8.36
N ALA A 66 -2.00 5.70 -8.60
CA ALA A 66 -1.72 5.22 -9.94
C ALA A 66 -2.99 5.25 -10.79
N ASN A 67 -4.12 5.15 -10.11
CA ASN A 67 -5.43 5.21 -10.73
C ASN A 67 -5.79 6.64 -11.11
N LYS A 68 -5.40 7.56 -10.27
CA LYS A 68 -5.60 8.99 -10.52
C LYS A 68 -4.87 9.38 -11.79
N ILE A 69 -3.65 8.87 -11.91
CA ILE A 69 -2.79 9.10 -13.05
C ILE A 69 -3.35 8.40 -14.29
N LYS A 70 -3.59 7.10 -14.19
CA LYS A 70 -4.09 6.32 -15.28
C LYS A 70 -5.57 6.12 -15.12
N LYS A 71 -6.29 7.09 -15.57
CA LYS A 71 -7.73 7.15 -15.42
C LYS A 71 -8.47 6.67 -16.67
N ASP A 72 -7.95 7.06 -17.83
CA ASP A 72 -8.57 6.81 -19.15
C ASP A 72 -9.86 7.61 -19.30
N LYS A 73 -10.93 7.05 -18.76
CA LYS A 73 -12.26 7.58 -18.84
C LYS A 73 -13.13 6.70 -17.95
N LYS A 74 -14.36 7.09 -17.71
CA LYS A 74 -15.23 6.25 -16.92
C LYS A 74 -15.92 5.24 -17.84
N HIS A 75 -15.76 3.96 -17.53
CA HIS A 75 -16.34 2.85 -18.31
C HIS A 75 -15.84 2.93 -19.77
ZN ZN B . -0.76 7.20 -3.13
ZN ZN C . -1.98 -7.24 -0.02
N GLY A 1 -10.48 12.74 14.63
CA GLY A 1 -10.46 11.38 15.16
C GLY A 1 -11.69 10.63 14.76
N SER A 2 -12.56 10.40 15.74
CA SER A 2 -13.88 9.76 15.57
C SER A 2 -13.91 8.52 14.65
N HIS A 3 -13.57 7.38 15.20
CA HIS A 3 -13.66 6.11 14.50
C HIS A 3 -13.52 4.97 15.50
N MET A 4 -13.79 3.78 15.07
CA MET A 4 -13.79 2.62 15.95
C MET A 4 -12.52 1.80 15.79
N ALA A 5 -11.39 2.49 15.62
CA ALA A 5 -10.04 1.90 15.54
C ALA A 5 -9.82 1.13 14.24
N MET A 6 -10.71 1.31 13.29
CA MET A 6 -10.63 0.61 12.04
C MET A 6 -9.86 1.41 11.02
N ALA A 7 -8.57 1.39 11.13
CA ALA A 7 -7.72 2.05 10.17
C ALA A 7 -6.83 1.04 9.49
N TYR A 8 -5.93 1.48 8.64
CA TYR A 8 -5.11 0.57 7.86
C TYR A 8 -3.78 0.34 8.52
N VAL A 9 -3.55 1.05 9.57
CA VAL A 9 -2.38 0.86 10.39
C VAL A 9 -2.85 0.29 11.71
N ILE A 10 -2.59 -0.96 11.90
CA ILE A 10 -2.98 -1.62 13.11
C ILE A 10 -1.76 -1.89 13.94
N ARG A 11 -1.81 -1.56 15.18
CA ARG A 11 -0.77 -1.94 16.09
C ARG A 11 -1.05 -3.32 16.59
N ASP A 12 -0.16 -4.21 16.28
CA ASP A 12 -0.24 -5.60 16.71
C ASP A 12 -0.03 -5.70 18.23
N GLU A 13 -0.12 -6.89 18.74
CA GLU A 13 0.01 -7.21 20.17
C GLU A 13 1.46 -6.95 20.60
N TRP A 14 2.38 -7.15 19.67
CA TRP A 14 3.79 -6.86 19.91
C TRP A 14 4.07 -5.39 19.52
N GLY A 15 3.06 -4.73 19.03
CA GLY A 15 3.16 -3.33 18.64
C GLY A 15 3.64 -3.16 17.23
N ASN A 16 3.69 -4.27 16.49
CA ASN A 16 4.15 -4.26 15.10
C ASN A 16 3.22 -3.41 14.27
N GLN A 17 3.76 -2.80 13.25
CA GLN A 17 2.97 -2.01 12.36
C GLN A 17 2.38 -2.87 11.30
N ILE A 18 1.16 -3.17 11.50
CA ILE A 18 0.43 -3.94 10.56
C ILE A 18 -0.19 -3.00 9.59
N TRP A 19 0.23 -3.10 8.39
CA TRP A 19 -0.29 -2.27 7.37
C TRP A 19 -1.24 -3.04 6.52
N ILE A 20 -2.41 -2.52 6.37
CA ILE A 20 -3.37 -3.08 5.49
C ILE A 20 -3.16 -2.49 4.12
N CYS A 21 -2.96 -3.38 3.18
CA CYS A 21 -2.76 -3.08 1.81
C CYS A 21 -4.12 -2.78 1.20
N PRO A 22 -4.42 -1.51 0.90
CA PRO A 22 -5.70 -1.09 0.30
C PRO A 22 -5.88 -1.59 -1.15
N GLY A 23 -5.06 -2.53 -1.55
CA GLY A 23 -5.21 -3.16 -2.83
C GLY A 23 -6.06 -4.40 -2.71
N CYS A 24 -5.83 -5.15 -1.63
CA CYS A 24 -6.55 -6.37 -1.37
C CYS A 24 -7.45 -6.20 -0.15
N ASN A 25 -7.03 -5.27 0.71
CA ASN A 25 -7.64 -4.95 2.00
C ASN A 25 -7.20 -5.95 3.07
N LYS A 26 -6.11 -6.65 2.79
CA LYS A 26 -5.57 -7.60 3.73
C LYS A 26 -4.46 -6.94 4.55
N PRO A 27 -4.44 -7.23 5.85
CA PRO A 27 -3.38 -6.77 6.74
C PRO A 27 -2.07 -7.54 6.50
N ASP A 28 -0.99 -6.87 6.72
CA ASP A 28 0.35 -7.45 6.56
C ASP A 28 0.67 -8.49 7.61
N ASP A 29 1.33 -9.52 7.16
CA ASP A 29 1.82 -10.62 7.98
C ASP A 29 3.17 -10.26 8.55
N GLY A 30 3.89 -9.54 7.76
CA GLY A 30 5.27 -9.23 8.00
C GLY A 30 6.00 -9.60 6.75
N SER A 31 5.43 -9.19 5.66
CA SER A 31 5.89 -9.54 4.35
C SER A 31 6.42 -8.30 3.63
N PRO A 32 7.17 -8.44 2.51
CA PRO A 32 7.68 -7.30 1.76
C PRO A 32 6.54 -6.43 1.22
N MET A 33 6.59 -5.17 1.56
CA MET A 33 5.57 -4.26 1.17
C MET A 33 6.21 -3.09 0.46
N ILE A 34 5.44 -2.37 -0.26
CA ILE A 34 5.90 -1.24 -0.98
C ILE A 34 4.97 -0.07 -0.70
N GLY A 35 5.53 1.11 -0.50
CA GLY A 35 4.72 2.26 -0.15
C GLY A 35 4.60 3.27 -1.27
N CYS A 36 3.50 4.00 -1.28
CA CYS A 36 3.26 5.02 -2.27
C CYS A 36 4.07 6.28 -1.96
N ASP A 37 4.13 7.16 -2.93
CA ASP A 37 4.83 8.42 -2.81
C ASP A 37 3.83 9.54 -2.62
N ASP A 38 2.60 9.31 -3.06
CA ASP A 38 1.56 10.32 -2.99
C ASP A 38 0.90 10.31 -1.64
N CYS A 39 0.65 9.13 -1.12
CA CYS A 39 0.02 9.04 0.16
C CYS A 39 1.01 8.64 1.24
N ASP A 40 1.06 7.35 1.51
CA ASP A 40 1.94 6.76 2.55
C ASP A 40 1.64 5.29 2.67
N ASP A 41 0.46 4.88 2.22
CA ASP A 41 0.01 3.49 2.36
C ASP A 41 0.95 2.48 1.77
N TRP A 42 1.05 1.38 2.47
CA TRP A 42 1.90 0.29 2.12
C TRP A 42 1.07 -0.82 1.54
N TYR A 43 1.51 -1.34 0.44
CA TYR A 43 0.83 -2.40 -0.26
C TYR A 43 1.74 -3.59 -0.32
N HIS A 44 1.16 -4.74 -0.46
CA HIS A 44 1.93 -5.98 -0.51
C HIS A 44 2.49 -6.16 -1.92
N TRP A 45 3.69 -6.69 -2.02
CA TRP A 45 4.33 -6.98 -3.30
C TRP A 45 3.46 -7.84 -4.26
N PRO A 46 2.92 -9.01 -3.82
CA PRO A 46 2.08 -9.88 -4.68
C PRO A 46 0.81 -9.19 -5.18
N CYS A 47 0.39 -8.13 -4.49
CA CYS A 47 -0.85 -7.47 -4.82
C CYS A 47 -0.68 -6.52 -5.99
N VAL A 48 0.52 -6.04 -6.18
CA VAL A 48 0.81 -5.09 -7.22
C VAL A 48 1.74 -5.68 -8.27
N GLY A 49 1.96 -6.98 -8.15
CA GLY A 49 2.78 -7.70 -9.11
C GLY A 49 4.25 -7.37 -8.98
N ILE A 50 4.75 -7.44 -7.78
CA ILE A 50 6.15 -7.15 -7.53
C ILE A 50 6.83 -8.36 -6.92
N MET A 51 7.99 -8.68 -7.44
CA MET A 51 8.77 -9.81 -7.00
C MET A 51 10.22 -9.41 -6.67
N ALA A 52 10.53 -8.15 -6.91
CA ALA A 52 11.84 -7.57 -6.61
C ALA A 52 11.69 -6.08 -6.66
N ALA A 53 12.19 -5.40 -5.61
CA ALA A 53 12.08 -3.93 -5.36
C ALA A 53 12.34 -3.08 -6.60
N PRO A 54 11.27 -2.69 -7.27
CA PRO A 54 11.33 -1.93 -8.50
C PRO A 54 10.77 -0.48 -8.44
N PRO A 55 11.25 0.36 -9.34
CA PRO A 55 10.55 1.55 -9.76
C PRO A 55 9.81 1.16 -11.05
N GLU A 56 8.96 1.98 -11.60
CA GLU A 56 8.41 1.59 -12.88
C GLU A 56 9.34 2.03 -13.99
N GLU A 57 10.02 3.13 -13.69
CA GLU A 57 10.97 3.90 -14.48
C GLU A 57 10.77 5.31 -13.99
N MET A 58 9.61 5.46 -13.40
CA MET A 58 9.11 6.65 -12.83
C MET A 58 8.72 6.28 -11.40
N GLN A 59 8.41 7.29 -10.60
CA GLN A 59 7.91 7.14 -9.23
C GLN A 59 6.78 6.09 -9.18
N TRP A 60 6.64 5.49 -8.06
CA TRP A 60 5.70 4.43 -7.89
C TRP A 60 4.56 4.91 -7.04
N PHE A 61 3.38 4.79 -7.56
CA PHE A 61 2.20 5.12 -6.86
C PHE A 61 1.36 3.90 -6.76
N CYS A 62 0.65 3.78 -5.68
CA CYS A 62 -0.17 2.63 -5.42
C CYS A 62 -1.33 2.56 -6.42
N PRO A 63 -2.00 1.39 -6.55
CA PRO A 63 -3.16 1.25 -7.44
C PRO A 63 -4.24 2.30 -7.15
N LYS A 64 -4.23 2.82 -5.93
CA LYS A 64 -5.14 3.86 -5.53
C LYS A 64 -4.67 5.23 -6.05
N CYS A 65 -3.42 5.59 -5.82
CA CYS A 65 -2.92 6.89 -6.25
C CYS A 65 -2.48 6.95 -7.72
N ALA A 66 -2.10 5.83 -8.28
CA ALA A 66 -1.71 5.79 -9.69
C ALA A 66 -2.93 6.05 -10.55
N ASN A 67 -4.10 5.78 -9.99
CA ASN A 67 -5.35 6.03 -10.67
C ASN A 67 -5.63 7.53 -10.68
N LYS A 68 -4.98 8.27 -9.79
CA LYS A 68 -5.10 9.71 -9.75
C LYS A 68 -4.10 10.33 -10.72
N ILE A 69 -2.97 9.63 -10.89
CA ILE A 69 -1.93 10.03 -11.84
C ILE A 69 -2.46 9.86 -13.26
N LYS A 70 -2.80 8.64 -13.60
CA LYS A 70 -3.37 8.33 -14.88
C LYS A 70 -4.86 8.34 -14.72
N LYS A 71 -5.43 9.46 -15.03
CA LYS A 71 -6.80 9.77 -14.70
C LYS A 71 -7.46 10.62 -15.76
N ASP A 72 -6.72 11.62 -16.16
CA ASP A 72 -7.17 12.73 -16.98
C ASP A 72 -7.84 12.35 -18.27
N LYS A 73 -8.92 13.02 -18.52
CA LYS A 73 -9.69 12.88 -19.71
C LYS A 73 -9.09 13.80 -20.76
N LYS A 74 -9.12 13.40 -22.02
CA LYS A 74 -8.49 14.20 -23.05
C LYS A 74 -9.42 15.30 -23.55
N HIS A 75 -10.60 15.31 -23.01
CA HIS A 75 -11.55 16.34 -23.30
C HIS A 75 -12.48 16.43 -22.11
ZN ZN B . -1.07 6.21 -2.80
ZN ZN C . -2.20 -6.64 -0.36
N GLY A 1 -11.53 8.85 7.22
CA GLY A 1 -11.16 7.47 7.44
C GLY A 1 -11.74 6.97 8.73
N SER A 2 -11.43 5.77 9.10
CA SER A 2 -11.91 5.19 10.31
C SER A 2 -10.83 5.22 11.38
N HIS A 3 -9.69 4.60 11.06
CA HIS A 3 -8.49 4.52 11.91
C HIS A 3 -8.70 3.73 13.18
N MET A 4 -9.48 4.26 14.10
CA MET A 4 -9.74 3.58 15.35
C MET A 4 -10.89 2.61 15.15
N ALA A 5 -10.56 1.45 14.64
CA ALA A 5 -11.50 0.40 14.36
C ALA A 5 -10.69 -0.85 14.08
N MET A 6 -11.30 -1.84 13.48
CA MET A 6 -10.59 -3.04 13.07
C MET A 6 -10.60 -3.11 11.55
N ALA A 7 -10.89 -1.95 10.94
CA ALA A 7 -11.08 -1.83 9.50
C ALA A 7 -9.82 -2.05 8.69
N TYR A 8 -9.09 -1.01 8.46
CA TYR A 8 -7.89 -1.10 7.64
C TYR A 8 -6.68 -0.57 8.40
N VAL A 9 -6.91 -0.19 9.62
CA VAL A 9 -5.88 0.31 10.49
C VAL A 9 -6.10 -0.35 11.82
N ILE A 10 -5.13 -1.11 12.25
CA ILE A 10 -5.17 -1.78 13.53
C ILE A 10 -3.82 -1.50 14.20
N ARG A 11 -3.68 -1.73 15.47
CA ARG A 11 -2.43 -1.53 16.14
C ARG A 11 -1.96 -2.85 16.67
N ASP A 12 -0.68 -3.06 16.72
CA ASP A 12 -0.16 -4.29 17.32
C ASP A 12 -0.04 -4.08 18.83
N GLU A 13 0.50 -5.05 19.51
CA GLU A 13 0.63 -5.00 20.96
C GLU A 13 1.63 -3.92 21.40
N TRP A 14 2.58 -3.63 20.54
CA TRP A 14 3.54 -2.57 20.81
C TRP A 14 2.90 -1.20 20.54
N GLY A 15 2.26 -1.09 19.40
CA GLY A 15 1.64 0.16 19.03
C GLY A 15 2.03 0.62 17.65
N ASN A 16 2.36 -0.33 16.82
CA ASN A 16 2.69 -0.08 15.44
C ASN A 16 1.40 -0.11 14.67
N GLN A 17 1.39 0.54 13.53
CA GLN A 17 0.23 0.52 12.70
C GLN A 17 0.25 -0.71 11.86
N ILE A 18 -0.82 -1.40 11.87
CA ILE A 18 -0.97 -2.54 11.06
C ILE A 18 -1.59 -2.11 9.79
N TRP A 19 -0.76 -2.02 8.83
CA TRP A 19 -1.13 -1.58 7.53
C TRP A 19 -1.88 -2.65 6.81
N ILE A 20 -3.11 -2.38 6.56
CA ILE A 20 -3.91 -3.24 5.78
C ILE A 20 -3.94 -2.71 4.39
N CYS A 21 -3.33 -3.46 3.51
CA CYS A 21 -3.20 -3.13 2.13
C CYS A 21 -4.59 -3.07 1.49
N PRO A 22 -5.03 -1.88 1.08
CA PRO A 22 -6.34 -1.67 0.44
C PRO A 22 -6.52 -2.50 -0.84
N GLY A 23 -5.43 -3.01 -1.37
CA GLY A 23 -5.47 -3.79 -2.57
C GLY A 23 -6.12 -5.14 -2.37
N CYS A 24 -5.76 -5.79 -1.30
CA CYS A 24 -6.23 -7.12 -1.02
C CYS A 24 -7.21 -7.11 0.14
N ASN A 25 -7.04 -6.10 0.99
CA ASN A 25 -7.78 -5.91 2.24
C ASN A 25 -7.22 -6.82 3.31
N LYS A 26 -5.95 -7.20 3.12
CA LYS A 26 -5.24 -8.04 4.06
C LYS A 26 -4.19 -7.22 4.80
N PRO A 27 -4.04 -7.47 6.10
CA PRO A 27 -3.02 -6.84 6.93
C PRO A 27 -1.62 -7.35 6.65
N ASP A 28 -0.65 -6.71 7.28
CA ASP A 28 0.73 -7.14 7.25
C ASP A 28 0.83 -8.57 7.78
N ASP A 29 1.17 -9.46 6.89
CA ASP A 29 1.30 -10.87 7.20
C ASP A 29 2.77 -11.24 7.31
N GLY A 30 3.63 -10.30 6.99
CA GLY A 30 5.04 -10.53 7.02
C GLY A 30 5.67 -10.39 5.65
N SER A 31 4.85 -10.43 4.61
CA SER A 31 5.33 -10.28 3.26
C SER A 31 5.83 -8.85 3.00
N PRO A 32 6.72 -8.66 2.02
CA PRO A 32 7.30 -7.36 1.72
C PRO A 32 6.25 -6.37 1.22
N MET A 33 6.28 -5.20 1.76
CA MET A 33 5.35 -4.17 1.38
C MET A 33 6.13 -3.01 0.81
N ILE A 34 5.50 -2.25 -0.02
CA ILE A 34 6.11 -1.11 -0.65
C ILE A 34 5.26 0.13 -0.38
N GLY A 35 5.91 1.27 -0.23
CA GLY A 35 5.20 2.50 0.02
C GLY A 35 5.13 3.34 -1.24
N CYS A 36 4.12 4.18 -1.32
CA CYS A 36 3.93 5.04 -2.47
C CYS A 36 4.87 6.24 -2.42
N ASP A 37 4.84 7.00 -3.46
CA ASP A 37 5.63 8.21 -3.56
C ASP A 37 4.74 9.40 -3.21
N ASP A 38 3.44 9.21 -3.41
CA ASP A 38 2.45 10.26 -3.13
C ASP A 38 1.94 10.12 -1.70
N CYS A 39 1.74 8.89 -1.27
CA CYS A 39 1.26 8.64 0.05
C CYS A 39 2.23 7.81 0.88
N ASP A 40 1.92 7.68 2.14
CA ASP A 40 2.75 6.93 3.08
C ASP A 40 2.12 5.59 3.38
N ASP A 41 1.12 5.25 2.60
CA ASP A 41 0.38 4.01 2.80
C ASP A 41 1.17 2.85 2.20
N TRP A 42 1.02 1.68 2.77
CA TRP A 42 1.82 0.53 2.37
C TRP A 42 0.99 -0.51 1.65
N TYR A 43 1.52 -1.00 0.56
CA TYR A 43 0.86 -2.00 -0.26
C TYR A 43 1.76 -3.21 -0.39
N HIS A 44 1.20 -4.38 -0.50
CA HIS A 44 2.02 -5.60 -0.60
C HIS A 44 2.61 -5.76 -1.99
N TRP A 45 3.82 -6.30 -2.04
CA TRP A 45 4.48 -6.62 -3.31
C TRP A 45 3.62 -7.53 -4.22
N PRO A 46 3.09 -8.70 -3.72
CA PRO A 46 2.25 -9.60 -4.53
C PRO A 46 0.93 -8.96 -4.97
N CYS A 47 0.59 -7.81 -4.39
CA CYS A 47 -0.63 -7.15 -4.73
C CYS A 47 -0.45 -6.27 -5.94
N VAL A 48 0.74 -5.78 -6.11
CA VAL A 48 1.04 -4.89 -7.19
C VAL A 48 1.90 -5.56 -8.25
N GLY A 49 2.29 -6.78 -7.97
CA GLY A 49 3.06 -7.54 -8.93
C GLY A 49 4.53 -7.28 -8.83
N ILE A 50 5.00 -7.01 -7.65
CA ILE A 50 6.39 -6.76 -7.44
C ILE A 50 7.05 -8.02 -6.93
N MET A 51 8.05 -8.42 -7.64
CA MET A 51 8.75 -9.65 -7.34
C MET A 51 10.13 -9.36 -6.74
N ALA A 52 10.62 -8.16 -6.96
CA ALA A 52 11.93 -7.77 -6.52
C ALA A 52 11.89 -6.30 -6.29
N ALA A 53 12.71 -5.82 -5.36
CA ALA A 53 12.78 -4.40 -5.01
C ALA A 53 13.04 -3.54 -6.24
N PRO A 54 12.04 -2.74 -6.64
CA PRO A 54 12.18 -1.85 -7.79
C PRO A 54 13.15 -0.71 -7.49
N PRO A 55 13.86 -0.21 -8.52
CA PRO A 55 14.82 0.89 -8.35
C PRO A 55 14.15 2.13 -7.75
N GLU A 56 14.72 2.63 -6.66
CA GLU A 56 14.17 3.76 -5.94
C GLU A 56 14.44 5.06 -6.69
N GLU A 57 15.27 4.96 -7.73
CA GLU A 57 15.54 6.06 -8.62
C GLU A 57 14.30 6.36 -9.45
N MET A 58 13.43 5.37 -9.53
CA MET A 58 12.23 5.47 -10.30
C MET A 58 11.06 5.72 -9.37
N GLN A 59 10.07 6.41 -9.87
CA GLN A 59 8.88 6.67 -9.11
C GLN A 59 7.92 5.52 -9.24
N TRP A 60 7.17 5.30 -8.22
CA TRP A 60 6.22 4.25 -8.17
C TRP A 60 4.99 4.78 -7.50
N PHE A 61 3.85 4.54 -8.09
CA PHE A 61 2.61 4.98 -7.53
C PHE A 61 1.70 3.79 -7.39
N CYS A 62 0.98 3.77 -6.30
CA CYS A 62 0.08 2.70 -6.01
C CYS A 62 -1.13 2.76 -6.93
N PRO A 63 -1.92 1.66 -7.00
CA PRO A 63 -3.18 1.64 -7.77
C PRO A 63 -4.20 2.68 -7.27
N LYS A 64 -3.92 3.30 -6.12
CA LYS A 64 -4.79 4.32 -5.57
C LYS A 64 -4.42 5.68 -6.15
N CYS A 65 -3.13 5.99 -6.18
CA CYS A 65 -2.70 7.24 -6.77
C CYS A 65 -2.72 7.20 -8.29
N ALA A 66 -2.55 6.02 -8.85
CA ALA A 66 -2.67 5.85 -10.29
C ALA A 66 -4.12 6.07 -10.71
N ASN A 67 -5.04 5.84 -9.78
CA ASN A 67 -6.46 6.05 -10.02
C ASN A 67 -6.71 7.56 -10.15
N LYS A 68 -6.00 8.35 -9.34
CA LYS A 68 -6.08 9.81 -9.37
C LYS A 68 -5.68 10.34 -10.74
N ILE A 69 -4.67 9.70 -11.31
CA ILE A 69 -4.11 10.05 -12.59
C ILE A 69 -5.15 9.88 -13.73
N LYS A 70 -5.99 8.88 -13.61
CA LYS A 70 -6.88 8.56 -14.68
C LYS A 70 -8.32 9.06 -14.52
N LYS A 71 -8.65 9.68 -13.41
CA LYS A 71 -9.98 10.21 -13.31
C LYS A 71 -10.00 11.62 -13.90
N ASP A 72 -10.42 11.71 -15.12
CA ASP A 72 -10.49 12.99 -15.82
C ASP A 72 -11.80 13.67 -15.53
N LYS A 73 -12.77 12.86 -15.17
CA LYS A 73 -14.12 13.35 -14.96
C LYS A 73 -14.24 14.16 -13.67
N LYS A 74 -13.65 13.68 -12.60
CA LYS A 74 -13.72 14.35 -11.32
C LYS A 74 -12.48 13.94 -10.52
N HIS A 75 -12.11 14.72 -9.54
CA HIS A 75 -10.97 14.39 -8.70
C HIS A 75 -11.44 13.93 -7.35
ZN ZN B . -0.25 6.32 -3.44
ZN ZN C . -2.11 -6.34 -0.05
N GLY A 1 -22.14 -5.67 20.77
CA GLY A 1 -22.42 -4.57 19.84
C GLY A 1 -21.91 -4.88 18.47
N SER A 2 -22.69 -4.57 17.46
CA SER A 2 -22.32 -4.80 16.08
C SER A 2 -21.40 -3.67 15.60
N HIS A 3 -20.57 -3.95 14.61
CA HIS A 3 -19.68 -2.94 14.07
C HIS A 3 -19.39 -3.25 12.62
N MET A 4 -18.64 -2.37 11.99
CA MET A 4 -18.17 -2.56 10.63
C MET A 4 -16.92 -1.72 10.50
N ALA A 5 -16.19 -1.67 11.61
CA ALA A 5 -15.01 -0.88 11.74
C ALA A 5 -13.88 -1.49 10.95
N MET A 6 -13.31 -0.70 10.10
CA MET A 6 -12.21 -1.12 9.27
C MET A 6 -11.15 -0.02 9.31
N ALA A 7 -9.94 -0.41 9.47
CA ALA A 7 -8.85 0.52 9.52
C ALA A 7 -7.67 -0.10 8.84
N TYR A 8 -6.56 0.58 8.80
CA TYR A 8 -5.42 0.09 8.06
C TYR A 8 -4.22 -0.09 8.95
N VAL A 9 -4.41 0.07 10.23
CA VAL A 9 -3.35 -0.08 11.20
C VAL A 9 -3.85 -0.98 12.32
N ILE A 10 -3.09 -2.00 12.62
CA ILE A 10 -3.39 -2.95 13.70
C ILE A 10 -2.06 -3.20 14.43
N ARG A 11 -2.09 -3.72 15.63
CA ARG A 11 -0.87 -4.03 16.31
C ARG A 11 -0.58 -5.51 16.27
N ASP A 12 0.65 -5.80 16.08
CA ASP A 12 1.21 -7.15 16.12
C ASP A 12 1.32 -7.58 17.57
N GLU A 13 1.68 -8.81 17.80
CA GLU A 13 1.77 -9.34 19.16
C GLU A 13 2.95 -8.76 19.92
N TRP A 14 3.99 -8.33 19.21
CA TRP A 14 5.11 -7.69 19.83
C TRP A 14 4.87 -6.20 19.92
N GLY A 15 3.79 -5.74 19.32
CA GLY A 15 3.48 -4.34 19.31
C GLY A 15 3.98 -3.66 18.07
N ASN A 16 4.37 -4.46 17.09
CA ASN A 16 4.79 -3.92 15.80
C ASN A 16 3.56 -3.42 15.08
N GLN A 17 3.72 -2.56 14.14
CA GLN A 17 2.60 -2.02 13.45
C GLN A 17 2.28 -2.83 12.22
N ILE A 18 1.05 -3.21 12.15
CA ILE A 18 0.52 -3.94 11.04
C ILE A 18 -0.19 -2.98 10.16
N TRP A 19 0.16 -2.97 8.92
CA TRP A 19 -0.46 -2.11 7.97
C TRP A 19 -1.33 -2.93 7.06
N ILE A 20 -2.34 -2.32 6.54
CA ILE A 20 -3.22 -2.96 5.63
C ILE A 20 -3.09 -2.34 4.26
N CYS A 21 -2.97 -3.19 3.28
CA CYS A 21 -2.81 -2.84 1.91
C CYS A 21 -4.18 -2.48 1.31
N PRO A 22 -4.38 -1.20 0.97
CA PRO A 22 -5.63 -0.70 0.35
C PRO A 22 -5.91 -1.32 -1.05
N GLY A 23 -5.05 -2.23 -1.48
CA GLY A 23 -5.26 -2.90 -2.74
C GLY A 23 -6.07 -4.17 -2.56
N CYS A 24 -6.13 -4.69 -1.33
CA CYS A 24 -6.86 -5.91 -1.04
C CYS A 24 -7.66 -5.82 0.28
N ASN A 25 -7.20 -4.96 1.17
CA ASN A 25 -7.72 -4.76 2.53
C ASN A 25 -7.18 -5.87 3.44
N LYS A 26 -6.10 -6.49 2.99
CA LYS A 26 -5.40 -7.47 3.78
C LYS A 26 -4.28 -6.80 4.59
N PRO A 27 -4.11 -7.21 5.83
CA PRO A 27 -3.01 -6.74 6.69
C PRO A 27 -1.69 -7.43 6.36
N ASP A 28 -0.62 -6.85 6.83
CA ASP A 28 0.73 -7.40 6.70
C ASP A 28 0.83 -8.78 7.33
N ASP A 29 1.29 -9.74 6.56
CA ASP A 29 1.45 -11.13 7.01
C ASP A 29 2.90 -11.38 7.39
N GLY A 30 3.63 -10.32 7.65
CA GLY A 30 5.05 -10.46 7.85
C GLY A 30 5.69 -10.47 6.51
N SER A 31 5.20 -9.60 5.70
CA SER A 31 5.52 -9.56 4.32
C SER A 31 6.26 -8.27 3.95
N PRO A 32 7.11 -8.32 2.93
CA PRO A 32 7.73 -7.12 2.38
C PRO A 32 6.66 -6.30 1.69
N MET A 33 6.52 -5.08 2.10
CA MET A 33 5.52 -4.24 1.55
C MET A 33 6.17 -3.02 0.95
N ILE A 34 5.49 -2.41 0.04
CA ILE A 34 6.00 -1.27 -0.65
C ILE A 34 5.08 -0.09 -0.38
N GLY A 35 5.65 1.04 -0.09
CA GLY A 35 4.86 2.21 0.18
C GLY A 35 4.73 3.05 -1.05
N CYS A 36 3.72 3.86 -1.12
CA CYS A 36 3.52 4.70 -2.26
C CYS A 36 4.41 5.91 -2.20
N ASP A 37 4.45 6.64 -3.28
CA ASP A 37 5.19 7.87 -3.37
C ASP A 37 4.24 9.00 -3.04
N ASP A 38 2.95 8.75 -3.24
CA ASP A 38 1.92 9.74 -2.98
C ASP A 38 1.27 9.49 -1.64
N CYS A 39 0.87 8.25 -1.38
CA CYS A 39 0.20 7.96 -0.13
C CYS A 39 1.15 7.36 0.90
N ASP A 40 0.70 7.34 2.13
CA ASP A 40 1.47 6.88 3.30
C ASP A 40 1.29 5.38 3.49
N ASP A 41 0.27 4.87 2.85
CA ASP A 41 -0.13 3.49 3.00
C ASP A 41 0.88 2.52 2.41
N TRP A 42 0.90 1.34 2.98
CA TRP A 42 1.79 0.29 2.54
C TRP A 42 0.99 -0.74 1.77
N TYR A 43 1.51 -1.14 0.65
CA TYR A 43 0.87 -2.09 -0.22
C TYR A 43 1.71 -3.34 -0.29
N HIS A 44 1.09 -4.47 -0.43
CA HIS A 44 1.80 -5.74 -0.50
C HIS A 44 2.43 -5.91 -1.86
N TRP A 45 3.63 -6.46 -1.89
CA TRP A 45 4.32 -6.77 -3.14
C TRP A 45 3.45 -7.58 -4.14
N PRO A 46 2.82 -8.73 -3.73
CA PRO A 46 1.98 -9.54 -4.64
C PRO A 46 0.75 -8.80 -5.19
N CYS A 47 0.32 -7.76 -4.49
CA CYS A 47 -0.89 -7.05 -4.86
C CYS A 47 -0.63 -6.05 -5.98
N VAL A 48 0.58 -5.59 -6.05
CA VAL A 48 0.96 -4.59 -7.03
C VAL A 48 1.93 -5.14 -8.07
N GLY A 49 2.35 -6.38 -7.87
CA GLY A 49 3.19 -7.03 -8.84
C GLY A 49 4.66 -6.73 -8.68
N ILE A 50 5.12 -6.71 -7.46
CA ILE A 50 6.54 -6.47 -7.21
C ILE A 50 7.24 -7.82 -7.18
N MET A 51 8.01 -8.09 -8.19
CA MET A 51 8.74 -9.34 -8.28
C MET A 51 10.08 -9.20 -7.59
N ALA A 52 10.55 -7.97 -7.48
CA ALA A 52 11.81 -7.65 -6.84
C ALA A 52 11.78 -6.18 -6.56
N ALA A 53 12.46 -5.77 -5.49
CA ALA A 53 12.52 -4.37 -5.05
C ALA A 53 12.90 -3.43 -6.22
N PRO A 54 11.94 -2.60 -6.66
CA PRO A 54 12.16 -1.67 -7.77
C PRO A 54 13.05 -0.48 -7.35
N PRO A 55 13.70 0.19 -8.33
CA PRO A 55 14.52 1.35 -8.07
C PRO A 55 13.67 2.52 -7.63
N GLU A 56 14.05 3.14 -6.54
CA GLU A 56 13.31 4.28 -6.03
C GLU A 56 13.62 5.54 -6.84
N GLU A 57 14.54 5.40 -7.77
CA GLU A 57 14.88 6.34 -8.72
C GLU A 57 13.71 6.51 -9.73
N MET A 58 12.89 5.49 -9.78
CA MET A 58 11.70 5.47 -10.57
C MET A 58 10.53 5.68 -9.63
N GLN A 59 9.59 6.50 -10.03
CA GLN A 59 8.40 6.71 -9.23
C GLN A 59 7.50 5.50 -9.33
N TRP A 60 6.85 5.21 -8.25
CA TRP A 60 5.97 4.08 -8.16
C TRP A 60 4.66 4.55 -7.58
N PHE A 61 3.57 4.17 -8.21
CA PHE A 61 2.25 4.50 -7.73
C PHE A 61 1.36 3.28 -7.76
N CYS A 62 0.61 3.13 -6.72
CA CYS A 62 -0.30 2.05 -6.52
C CYS A 62 -1.53 2.19 -7.41
N PRO A 63 -2.40 1.16 -7.46
CA PRO A 63 -3.70 1.24 -8.15
C PRO A 63 -4.57 2.39 -7.59
N LYS A 64 -4.20 2.89 -6.42
CA LYS A 64 -4.89 3.97 -5.76
C LYS A 64 -4.48 5.31 -6.34
N CYS A 65 -3.19 5.58 -6.36
CA CYS A 65 -2.71 6.86 -6.83
C CYS A 65 -2.51 6.93 -8.33
N ALA A 66 -2.33 5.81 -8.97
CA ALA A 66 -2.25 5.80 -10.42
C ALA A 66 -3.63 6.08 -10.99
N ASN A 67 -4.63 5.81 -10.17
CA ASN A 67 -6.03 6.09 -10.47
C ASN A 67 -6.22 7.61 -10.52
N LYS A 68 -5.50 8.31 -9.65
CA LYS A 68 -5.53 9.77 -9.57
C LYS A 68 -4.92 10.35 -10.84
N ILE A 69 -3.74 9.82 -11.21
CA ILE A 69 -3.01 10.24 -12.41
C ILE A 69 -3.86 9.96 -13.63
N LYS A 70 -4.52 8.81 -13.57
CA LYS A 70 -5.30 8.24 -14.59
C LYS A 70 -4.41 7.75 -15.71
N LYS A 71 -3.84 6.59 -15.52
CA LYS A 71 -3.08 5.96 -16.57
C LYS A 71 -4.07 5.46 -17.58
N ASP A 72 -5.18 4.96 -17.04
CA ASP A 72 -6.35 4.48 -17.78
C ASP A 72 -5.99 3.36 -18.70
N LYS A 73 -6.03 2.16 -18.18
CA LYS A 73 -5.72 1.01 -18.96
C LYS A 73 -6.93 0.56 -19.73
N LYS A 74 -7.18 1.23 -20.81
CA LYS A 74 -8.29 0.97 -21.65
C LYS A 74 -8.00 1.43 -23.06
N HIS A 75 -8.40 0.64 -23.99
CA HIS A 75 -8.35 0.99 -25.36
C HIS A 75 -9.76 1.05 -25.86
ZN ZN B . -0.68 5.71 -3.52
ZN ZN C . -2.35 -6.12 -0.33
N GLY A 1 -3.21 4.59 0.52
CA GLY A 1 -4.34 5.39 0.10
C GLY A 1 -4.53 6.56 1.03
N SER A 2 -5.23 7.60 0.58
CA SER A 2 -5.53 8.75 1.44
C SER A 2 -6.88 9.40 1.06
N HIS A 3 -7.68 8.71 0.24
CA HIS A 3 -8.97 9.28 -0.17
C HIS A 3 -10.00 9.11 0.94
N MET A 4 -10.63 7.95 0.99
CA MET A 4 -11.60 7.65 2.03
C MET A 4 -11.18 6.39 2.74
N ALA A 5 -10.81 5.44 1.96
CA ALA A 5 -10.42 4.14 2.46
C ALA A 5 -8.96 4.13 2.92
N MET A 6 -8.74 4.62 4.14
CA MET A 6 -7.42 4.59 4.77
C MET A 6 -7.58 4.44 6.27
N ALA A 7 -8.68 3.87 6.67
CA ALA A 7 -8.97 3.64 8.07
C ALA A 7 -8.52 2.26 8.51
N TYR A 8 -7.67 1.67 7.73
CA TYR A 8 -7.24 0.34 7.98
C TYR A 8 -5.99 0.41 8.80
N VAL A 9 -6.21 0.65 10.07
CA VAL A 9 -5.18 0.87 11.05
C VAL A 9 -5.46 0.00 12.27
N ILE A 10 -4.55 -0.89 12.55
CA ILE A 10 -4.62 -1.75 13.73
C ILE A 10 -3.39 -1.39 14.58
N ARG A 11 -3.34 -1.74 15.84
CA ARG A 11 -2.19 -1.42 16.64
C ARG A 11 -1.26 -2.61 16.69
N ASP A 12 -0.01 -2.33 16.51
CA ASP A 12 1.06 -3.29 16.61
C ASP A 12 1.33 -3.57 18.10
N GLU A 13 2.20 -4.50 18.36
CA GLU A 13 2.55 -4.92 19.70
C GLU A 13 3.31 -3.82 20.42
N TRP A 14 4.05 -3.01 19.68
CA TRP A 14 4.76 -1.88 20.25
C TRP A 14 3.77 -0.71 20.43
N GLY A 15 2.64 -0.83 19.78
CA GLY A 15 1.65 0.22 19.80
C GLY A 15 1.78 1.07 18.57
N ASN A 16 2.44 0.52 17.57
CA ASN A 16 2.62 1.17 16.28
C ASN A 16 1.37 0.96 15.46
N GLN A 17 1.36 1.52 14.29
CA GLN A 17 0.24 1.36 13.41
C GLN A 17 0.50 0.24 12.44
N ILE A 18 -0.42 -0.64 12.34
CA ILE A 18 -0.39 -1.72 11.40
C ILE A 18 -1.10 -1.27 10.16
N TRP A 19 -0.41 -1.31 9.08
CA TRP A 19 -0.95 -0.92 7.83
C TRP A 19 -1.56 -2.09 7.11
N ILE A 20 -2.55 -1.79 6.37
CA ILE A 20 -3.25 -2.72 5.58
C ILE A 20 -3.19 -2.27 4.15
N CYS A 21 -2.94 -3.20 3.28
CA CYS A 21 -2.89 -2.98 1.87
C CYS A 21 -4.33 -2.89 1.37
N PRO A 22 -4.82 -1.68 1.02
CA PRO A 22 -6.20 -1.52 0.61
C PRO A 22 -6.42 -1.97 -0.85
N GLY A 23 -5.46 -2.71 -1.37
CA GLY A 23 -5.60 -3.31 -2.65
C GLY A 23 -6.27 -4.66 -2.51
N CYS A 24 -6.01 -5.30 -1.38
CA CYS A 24 -6.59 -6.58 -1.08
C CYS A 24 -7.52 -6.48 0.13
N ASN A 25 -7.14 -5.57 1.04
CA ASN A 25 -7.77 -5.31 2.35
C ASN A 25 -7.18 -6.23 3.40
N LYS A 26 -5.94 -6.64 3.16
CA LYS A 26 -5.19 -7.50 4.07
C LYS A 26 -4.03 -6.74 4.74
N PRO A 27 -3.82 -6.97 6.05
CA PRO A 27 -2.71 -6.39 6.81
C PRO A 27 -1.38 -7.04 6.53
N ASP A 28 -0.32 -6.41 7.02
CA ASP A 28 1.05 -6.93 7.00
C ASP A 28 1.10 -8.34 7.55
N ASP A 29 1.41 -9.27 6.69
CA ASP A 29 1.47 -10.68 7.06
C ASP A 29 2.90 -11.16 7.11
N GLY A 30 3.82 -10.21 7.20
CA GLY A 30 5.22 -10.56 7.26
C GLY A 30 5.77 -10.79 5.89
N SER A 31 5.18 -10.14 4.95
CA SER A 31 5.52 -10.27 3.57
C SER A 31 6.27 -9.02 3.10
N PRO A 32 6.88 -9.06 1.91
CA PRO A 32 7.53 -7.89 1.36
C PRO A 32 6.47 -6.90 0.89
N MET A 33 6.54 -5.70 1.40
CA MET A 33 5.58 -4.68 1.07
C MET A 33 6.28 -3.48 0.48
N ILE A 34 5.60 -2.79 -0.37
CA ILE A 34 6.15 -1.65 -1.06
C ILE A 34 5.35 -0.40 -0.66
N GLY A 35 6.01 0.73 -0.65
CA GLY A 35 5.35 1.96 -0.30
C GLY A 35 5.20 2.89 -1.50
N CYS A 36 4.24 3.78 -1.39
CA CYS A 36 3.86 4.75 -2.39
C CYS A 36 4.66 6.03 -2.12
N ASP A 37 4.31 7.04 -2.81
CA ASP A 37 4.92 8.35 -2.65
C ASP A 37 3.88 9.37 -2.26
N ASP A 38 2.65 9.08 -2.58
CA ASP A 38 1.63 10.10 -2.50
C ASP A 38 0.74 9.99 -1.27
N CYS A 39 0.60 8.80 -0.71
CA CYS A 39 -0.33 8.61 0.39
C CYS A 39 0.36 8.14 1.71
N ASP A 40 -0.33 7.30 2.43
CA ASP A 40 0.08 6.74 3.73
C ASP A 40 -0.14 5.29 3.56
N ASP A 41 0.85 4.70 3.06
CA ASP A 41 0.74 3.44 2.41
C ASP A 41 1.70 2.37 2.87
N TRP A 42 1.27 1.15 2.60
CA TRP A 42 2.05 -0.08 2.54
C TRP A 42 1.22 -1.05 1.77
N TYR A 43 1.72 -1.48 0.64
CA TYR A 43 1.01 -2.42 -0.19
C TYR A 43 1.83 -3.65 -0.34
N HIS A 44 1.20 -4.78 -0.47
CA HIS A 44 1.92 -6.04 -0.59
C HIS A 44 2.50 -6.20 -1.98
N TRP A 45 3.70 -6.74 -2.04
CA TRP A 45 4.35 -7.05 -3.31
C TRP A 45 3.48 -7.94 -4.23
N PRO A 46 2.93 -9.09 -3.74
CA PRO A 46 2.07 -9.96 -4.56
C PRO A 46 0.72 -9.33 -4.94
N CYS A 47 0.40 -8.20 -4.35
CA CYS A 47 -0.85 -7.55 -4.66
C CYS A 47 -0.71 -6.65 -5.86
N VAL A 48 0.40 -5.97 -5.93
CA VAL A 48 0.61 -4.99 -6.97
C VAL A 48 1.56 -5.52 -8.04
N GLY A 49 2.09 -6.71 -7.79
CA GLY A 49 2.89 -7.40 -8.75
C GLY A 49 4.35 -7.04 -8.69
N ILE A 50 4.94 -7.14 -7.54
CA ILE A 50 6.33 -6.83 -7.37
C ILE A 50 7.08 -8.10 -7.01
N MET A 51 8.21 -8.33 -7.62
CA MET A 51 9.04 -9.47 -7.27
C MET A 51 10.43 -9.00 -6.82
N ALA A 52 10.74 -7.74 -7.12
CA ALA A 52 11.99 -7.10 -6.74
C ALA A 52 11.80 -5.62 -6.86
N ALA A 53 12.26 -4.84 -5.87
CA ALA A 53 12.11 -3.36 -5.76
C ALA A 53 12.28 -2.62 -7.10
N PRO A 54 11.15 -2.31 -7.75
CA PRO A 54 11.13 -1.69 -9.07
C PRO A 54 10.65 -0.21 -9.17
N PRO A 55 11.32 0.57 -9.99
CA PRO A 55 10.80 1.81 -10.52
C PRO A 55 10.33 1.55 -11.97
N GLU A 56 9.46 2.37 -12.49
CA GLU A 56 9.11 2.19 -13.90
C GLU A 56 10.08 2.99 -14.77
N GLU A 57 10.53 4.08 -14.17
CA GLU A 57 11.39 5.15 -14.69
C GLU A 57 10.95 6.37 -13.91
N MET A 58 9.75 6.22 -13.41
CA MET A 58 9.03 7.21 -12.68
C MET A 58 8.81 6.66 -11.29
N GLN A 59 8.39 7.52 -10.37
CA GLN A 59 8.07 7.17 -8.99
C GLN A 59 7.01 6.08 -8.98
N TRP A 60 6.89 5.38 -7.91
CA TRP A 60 5.96 4.29 -7.83
C TRP A 60 4.73 4.75 -7.08
N PHE A 61 3.59 4.48 -7.65
CA PHE A 61 2.34 4.83 -7.05
C PHE A 61 1.46 3.62 -7.02
N CYS A 62 0.77 3.46 -5.94
CA CYS A 62 -0.10 2.35 -5.72
C CYS A 62 -1.29 2.39 -6.68
N PRO A 63 -2.06 1.29 -6.79
CA PRO A 63 -3.29 1.23 -7.59
C PRO A 63 -4.25 2.42 -7.34
N LYS A 64 -4.14 3.02 -6.16
CA LYS A 64 -5.02 4.10 -5.77
C LYS A 64 -4.47 5.45 -6.26
N CYS A 65 -3.17 5.65 -6.13
CA CYS A 65 -2.54 6.87 -6.61
C CYS A 65 -2.18 6.82 -8.11
N ALA A 66 -2.13 5.62 -8.65
CA ALA A 66 -1.93 5.44 -10.10
C ALA A 66 -3.13 5.97 -10.82
N ASN A 67 -4.26 5.84 -10.18
CA ASN A 67 -5.53 6.36 -10.64
C ASN A 67 -5.48 7.89 -10.74
N LYS A 68 -4.66 8.49 -9.89
CA LYS A 68 -4.46 9.96 -9.90
C LYS A 68 -3.68 10.37 -11.13
N ILE A 69 -2.76 9.51 -11.54
CA ILE A 69 -1.97 9.73 -12.75
C ILE A 69 -2.91 9.70 -13.95
N LYS A 70 -3.88 8.80 -13.89
CA LYS A 70 -4.88 8.69 -14.91
C LYS A 70 -5.73 9.92 -14.93
N LYS A 71 -6.57 10.01 -13.97
CA LYS A 71 -7.44 11.10 -13.74
C LYS A 71 -8.18 10.89 -12.42
N ASP A 72 -7.84 11.65 -11.42
CA ASP A 72 -8.51 11.55 -10.14
C ASP A 72 -8.92 12.95 -9.71
N LYS A 73 -9.32 13.71 -10.67
CA LYS A 73 -9.84 15.03 -10.44
C LYS A 73 -11.29 14.89 -10.00
N LYS A 74 -11.53 15.02 -8.71
CA LYS A 74 -12.88 14.86 -8.20
C LYS A 74 -13.00 15.50 -6.85
N HIS A 75 -14.21 15.54 -6.37
CA HIS A 75 -14.56 15.96 -5.03
C HIS A 75 -16.04 15.75 -4.82
ZN ZN B . -0.60 5.99 -3.04
ZN ZN C . -2.25 -6.46 -0.18
N GLY A 1 -10.51 13.50 9.78
CA GLY A 1 -9.97 12.40 8.98
C GLY A 1 -9.02 12.92 7.92
N SER A 2 -7.91 12.24 7.74
CA SER A 2 -6.91 12.61 6.77
C SER A 2 -7.28 12.09 5.37
N HIS A 3 -6.48 12.41 4.36
CA HIS A 3 -6.74 11.93 2.99
C HIS A 3 -6.35 10.47 2.85
N MET A 4 -5.16 10.16 3.30
CA MET A 4 -4.63 8.80 3.26
C MET A 4 -4.24 8.37 4.65
N ALA A 5 -4.13 7.05 4.85
CA ALA A 5 -3.77 6.45 6.15
C ALA A 5 -4.86 6.70 7.20
N MET A 6 -6.06 7.02 6.72
CA MET A 6 -7.20 7.34 7.58
C MET A 6 -7.93 6.09 8.03
N ALA A 7 -7.61 5.00 7.38
CA ALA A 7 -8.13 3.70 7.70
C ALA A 7 -7.20 2.69 7.12
N TYR A 8 -7.57 1.40 7.18
CA TYR A 8 -6.72 0.30 6.72
C TYR A 8 -5.53 0.20 7.65
N VAL A 9 -5.79 0.57 8.87
CA VAL A 9 -4.81 0.62 9.91
C VAL A 9 -5.36 -0.05 11.15
N ILE A 10 -4.70 -1.07 11.59
CA ILE A 10 -5.06 -1.77 12.82
C ILE A 10 -3.87 -1.63 13.72
N ARG A 11 -4.05 -1.65 15.00
CA ARG A 11 -2.91 -1.64 15.86
C ARG A 11 -2.68 -3.02 16.39
N ASP A 12 -1.46 -3.39 16.42
CA ASP A 12 -1.01 -4.62 17.00
C ASP A 12 -1.09 -4.51 18.52
N GLU A 13 -0.86 -5.60 19.19
CA GLU A 13 -0.96 -5.65 20.63
C GLU A 13 0.16 -4.83 21.28
N TRP A 14 1.29 -4.72 20.57
CA TRP A 14 2.41 -3.90 21.04
C TRP A 14 2.07 -2.42 20.83
N GLY A 15 1.16 -2.18 19.90
CA GLY A 15 0.79 -0.82 19.54
C GLY A 15 1.33 -0.46 18.17
N ASN A 16 1.96 -1.43 17.53
CA ASN A 16 2.53 -1.27 16.20
C ASN A 16 1.42 -1.14 15.18
N GLN A 17 1.65 -0.42 14.13
CA GLN A 17 0.63 -0.26 13.11
C GLN A 17 0.64 -1.39 12.12
N ILE A 18 -0.49 -1.96 11.96
CA ILE A 18 -0.72 -2.98 11.00
C ILE A 18 -1.36 -2.32 9.82
N TRP A 19 -0.70 -2.36 8.73
CA TRP A 19 -1.16 -1.73 7.54
C TRP A 19 -1.93 -2.72 6.71
N ILE A 20 -3.03 -2.28 6.20
CA ILE A 20 -3.80 -3.06 5.30
C ILE A 20 -3.61 -2.48 3.92
N CYS A 21 -3.27 -3.35 3.02
CA CYS A 21 -3.03 -3.04 1.66
C CYS A 21 -4.36 -2.99 0.91
N PRO A 22 -4.83 -1.79 0.51
CA PRO A 22 -6.08 -1.61 -0.27
C PRO A 22 -6.02 -2.28 -1.66
N GLY A 23 -4.89 -2.90 -1.96
CA GLY A 23 -4.77 -3.62 -3.19
C GLY A 23 -5.43 -4.98 -3.09
N CYS A 24 -5.38 -5.57 -1.90
CA CYS A 24 -5.95 -6.88 -1.66
C CYS A 24 -7.04 -6.82 -0.60
N ASN A 25 -6.88 -5.83 0.29
CA ASN A 25 -7.70 -5.55 1.45
C ASN A 25 -7.29 -6.50 2.60
N LYS A 26 -6.01 -6.90 2.60
CA LYS A 26 -5.43 -7.76 3.64
C LYS A 26 -4.39 -6.98 4.47
N PRO A 27 -4.36 -7.23 5.78
CA PRO A 27 -3.35 -6.66 6.69
C PRO A 27 -1.98 -7.32 6.54
N ASP A 28 -0.94 -6.60 6.90
CA ASP A 28 0.42 -7.10 6.90
C ASP A 28 0.70 -8.02 8.07
N ASP A 29 1.52 -9.00 7.83
CA ASP A 29 1.95 -9.93 8.87
C ASP A 29 3.46 -10.15 8.79
N GLY A 30 4.09 -9.40 7.91
CA GLY A 30 5.52 -9.54 7.73
C GLY A 30 5.85 -9.96 6.32
N SER A 31 5.17 -9.39 5.38
CA SER A 31 5.41 -9.70 3.99
C SER A 31 6.17 -8.52 3.35
N PRO A 32 6.76 -8.69 2.14
CA PRO A 32 7.46 -7.60 1.48
C PRO A 32 6.47 -6.54 1.03
N MET A 33 6.67 -5.33 1.49
CA MET A 33 5.75 -4.27 1.19
C MET A 33 6.43 -3.14 0.46
N ILE A 34 5.65 -2.34 -0.19
CA ILE A 34 6.13 -1.20 -0.93
C ILE A 34 5.18 -0.03 -0.65
N GLY A 35 5.68 1.18 -0.66
CA GLY A 35 4.85 2.32 -0.37
C GLY A 35 4.81 3.32 -1.50
N CYS A 36 3.69 3.99 -1.62
CA CYS A 36 3.45 5.01 -2.62
C CYS A 36 4.37 6.20 -2.43
N ASP A 37 4.52 6.97 -3.46
CA ASP A 37 5.32 8.16 -3.42
C ASP A 37 4.46 9.30 -2.88
N ASP A 38 3.17 9.06 -2.80
CA ASP A 38 2.25 10.09 -2.36
C ASP A 38 1.71 9.83 -0.94
N CYS A 39 1.42 8.58 -0.63
CA CYS A 39 0.79 8.24 0.66
C CYS A 39 1.83 8.03 1.82
N ASP A 40 1.38 7.35 2.86
CA ASP A 40 2.15 6.97 4.07
C ASP A 40 1.82 5.50 4.30
N ASP A 41 1.55 4.89 3.20
CA ASP A 41 1.02 3.56 3.06
C ASP A 41 2.12 2.51 2.99
N TRP A 42 1.66 1.28 2.92
CA TRP A 42 2.44 0.13 2.65
C TRP A 42 1.51 -0.90 2.00
N TYR A 43 1.81 -1.24 0.78
CA TYR A 43 1.08 -2.26 0.04
C TYR A 43 1.94 -3.48 -0.07
N HIS A 44 1.36 -4.61 -0.31
CA HIS A 44 2.14 -5.83 -0.42
C HIS A 44 2.62 -5.99 -1.85
N TRP A 45 3.81 -6.52 -2.00
CA TRP A 45 4.39 -6.79 -3.32
C TRP A 45 3.48 -7.59 -4.28
N PRO A 46 2.96 -8.80 -3.87
CA PRO A 46 2.10 -9.62 -4.76
C PRO A 46 0.82 -8.88 -5.21
N CYS A 47 0.42 -7.89 -4.45
CA CYS A 47 -0.80 -7.20 -4.68
C CYS A 47 -0.65 -6.17 -5.79
N VAL A 48 0.56 -5.77 -6.02
CA VAL A 48 0.86 -4.80 -7.04
C VAL A 48 1.75 -5.43 -8.11
N GLY A 49 1.89 -6.74 -8.02
CA GLY A 49 2.62 -7.50 -9.00
C GLY A 49 4.11 -7.27 -8.96
N ILE A 50 4.63 -7.13 -7.77
CA ILE A 50 6.02 -6.91 -7.58
C ILE A 50 6.66 -8.10 -6.94
N MET A 51 7.70 -8.58 -7.57
CA MET A 51 8.44 -9.71 -7.07
C MET A 51 9.89 -9.35 -6.89
N ALA A 52 10.23 -8.16 -7.32
CA ALA A 52 11.57 -7.67 -7.26
C ALA A 52 11.51 -6.21 -6.98
N ALA A 53 12.38 -5.75 -6.11
CA ALA A 53 12.41 -4.36 -5.69
C ALA A 53 12.63 -3.44 -6.88
N PRO A 54 11.63 -2.65 -7.22
CA PRO A 54 11.72 -1.70 -8.33
C PRO A 54 12.68 -0.55 -8.00
N PRO A 55 13.12 0.23 -9.02
CA PRO A 55 13.99 1.36 -8.80
C PRO A 55 13.40 2.36 -7.83
N GLU A 56 14.17 2.68 -6.84
CA GLU A 56 13.80 3.58 -5.77
C GLU A 56 14.02 5.03 -6.22
N GLU A 57 14.60 5.14 -7.39
CA GLU A 57 14.88 6.39 -8.07
C GLU A 57 13.71 6.70 -9.01
N MET A 58 12.67 5.91 -8.89
CA MET A 58 11.48 6.03 -9.67
C MET A 58 10.32 6.21 -8.73
N GLN A 59 9.39 7.07 -9.09
CA GLN A 59 8.21 7.25 -8.30
C GLN A 59 7.29 6.10 -8.54
N TRP A 60 6.71 5.62 -7.52
CA TRP A 60 5.82 4.50 -7.59
C TRP A 60 4.55 4.91 -6.93
N PHE A 61 3.45 4.61 -7.55
CA PHE A 61 2.18 4.97 -7.01
C PHE A 61 1.31 3.75 -6.86
N CYS A 62 0.59 3.70 -5.77
CA CYS A 62 -0.29 2.63 -5.45
C CYS A 62 -1.44 2.57 -6.47
N PRO A 63 -2.18 1.44 -6.52
CA PRO A 63 -3.36 1.30 -7.39
C PRO A 63 -4.44 2.38 -7.10
N LYS A 64 -4.25 3.12 -6.02
CA LYS A 64 -5.12 4.21 -5.66
C LYS A 64 -4.64 5.50 -6.33
N CYS A 65 -3.41 5.89 -6.06
CA CYS A 65 -2.87 7.11 -6.63
C CYS A 65 -2.63 6.99 -8.13
N ALA A 66 -2.42 5.78 -8.59
CA ALA A 66 -2.28 5.54 -10.00
C ALA A 66 -3.59 5.85 -10.71
N ASN A 67 -4.71 5.73 -10.00
CA ASN A 67 -6.03 6.01 -10.58
C ASN A 67 -6.36 7.48 -10.58
N LYS A 68 -5.50 8.29 -9.98
CA LYS A 68 -5.68 9.73 -10.01
C LYS A 68 -5.00 10.23 -11.26
N ILE A 69 -3.80 9.70 -11.48
CA ILE A 69 -3.00 10.02 -12.65
C ILE A 69 -3.63 9.36 -13.88
N LYS A 70 -3.90 8.09 -13.76
CA LYS A 70 -4.52 7.36 -14.82
C LYS A 70 -6.02 7.45 -14.63
N LYS A 71 -6.55 8.54 -15.03
CA LYS A 71 -7.96 8.76 -15.02
C LYS A 71 -8.26 9.47 -16.30
N ASP A 72 -7.63 10.62 -16.45
CA ASP A 72 -7.65 11.44 -17.64
C ASP A 72 -9.04 11.65 -18.18
N LYS A 73 -9.72 12.60 -17.62
CA LYS A 73 -11.03 12.95 -18.07
C LYS A 73 -10.97 14.12 -19.01
N LYS A 74 -12.00 14.28 -19.77
CA LYS A 74 -12.05 15.30 -20.79
C LYS A 74 -13.50 15.71 -20.99
N HIS A 75 -13.71 16.91 -21.43
CA HIS A 75 -15.04 17.36 -21.75
C HIS A 75 -15.14 17.54 -23.26
ZN ZN B . -0.86 6.52 -3.01
ZN ZN C . -1.95 -6.48 -0.27
N GLY A 1 -11.32 14.52 18.20
CA GLY A 1 -10.27 13.63 17.72
C GLY A 1 -10.54 12.23 18.18
N SER A 2 -10.58 11.31 17.25
CA SER A 2 -10.89 9.95 17.56
C SER A 2 -9.62 9.11 17.71
N HIS A 3 -8.72 9.22 16.71
CA HIS A 3 -7.43 8.51 16.69
C HIS A 3 -7.71 6.99 16.79
N MET A 4 -8.79 6.58 16.17
CA MET A 4 -9.29 5.23 16.25
C MET A 4 -8.39 4.28 15.45
N ALA A 5 -8.03 3.15 16.07
CA ALA A 5 -7.10 2.18 15.48
C ALA A 5 -7.81 1.20 14.56
N MET A 6 -9.06 1.45 14.30
CA MET A 6 -9.81 0.66 13.37
C MET A 6 -9.69 1.28 12.00
N ALA A 7 -8.59 0.98 11.37
CA ALA A 7 -8.26 1.54 10.09
C ALA A 7 -7.32 0.59 9.39
N TYR A 8 -6.63 1.08 8.38
CA TYR A 8 -5.70 0.27 7.61
C TYR A 8 -4.32 0.23 8.29
N VAL A 9 -4.28 0.73 9.50
CA VAL A 9 -3.10 0.69 10.32
C VAL A 9 -3.49 0.12 11.66
N ILE A 10 -3.07 -1.08 11.92
CA ILE A 10 -3.37 -1.77 13.16
C ILE A 10 -2.13 -1.69 14.03
N ARG A 11 -2.30 -1.65 15.31
CA ARG A 11 -1.18 -1.61 16.17
C ARG A 11 -0.87 -3.00 16.65
N ASP A 12 0.32 -3.43 16.41
CA ASP A 12 0.84 -4.68 16.93
C ASP A 12 0.92 -4.53 18.43
N GLU A 13 1.08 -5.61 19.10
CA GLU A 13 1.10 -5.62 20.56
C GLU A 13 2.24 -4.79 21.13
N TRP A 14 3.34 -4.70 20.39
CA TRP A 14 4.46 -3.91 20.86
C TRP A 14 4.38 -2.49 20.27
N GLY A 15 3.32 -2.24 19.54
CA GLY A 15 3.08 -0.96 18.94
C GLY A 15 3.73 -0.84 17.60
N ASN A 16 3.99 -1.96 16.98
CA ASN A 16 4.53 -1.96 15.62
C ASN A 16 3.42 -1.63 14.65
N GLN A 17 3.75 -0.97 13.57
CA GLN A 17 2.75 -0.57 12.61
C GLN A 17 2.38 -1.71 11.69
N ILE A 18 1.17 -2.13 11.79
CA ILE A 18 0.65 -3.13 10.93
C ILE A 18 -0.12 -2.44 9.85
N TRP A 19 0.29 -2.63 8.67
CA TRP A 19 -0.33 -1.96 7.56
C TRP A 19 -1.25 -2.90 6.86
N ILE A 20 -2.30 -2.36 6.34
CA ILE A 20 -3.24 -3.08 5.55
C ILE A 20 -3.18 -2.57 4.14
N CYS A 21 -3.11 -3.48 3.23
CA CYS A 21 -3.09 -3.24 1.84
C CYS A 21 -4.54 -3.17 1.39
N PRO A 22 -5.04 -1.98 1.07
CA PRO A 22 -6.45 -1.78 0.67
C PRO A 22 -6.83 -2.48 -0.65
N GLY A 23 -5.89 -3.18 -1.24
CA GLY A 23 -6.18 -3.91 -2.44
C GLY A 23 -6.92 -5.18 -2.11
N CYS A 24 -6.38 -5.92 -1.18
CA CYS A 24 -6.92 -7.19 -0.76
C CYS A 24 -7.67 -7.04 0.55
N ASN A 25 -7.35 -5.95 1.25
CA ASN A 25 -7.89 -5.58 2.56
C ASN A 25 -7.22 -6.40 3.64
N LYS A 26 -6.07 -6.95 3.32
CA LYS A 26 -5.34 -7.78 4.24
C LYS A 26 -4.17 -7.02 4.84
N PRO A 27 -3.91 -7.22 6.14
CA PRO A 27 -2.76 -6.66 6.83
C PRO A 27 -1.46 -7.39 6.47
N ASP A 28 -0.35 -6.85 6.94
CA ASP A 28 0.95 -7.49 6.77
C ASP A 28 0.96 -8.88 7.36
N ASP A 29 1.40 -9.81 6.58
CA ASP A 29 1.40 -11.20 6.95
C ASP A 29 2.85 -11.68 6.96
N GLY A 30 3.74 -10.78 7.36
CA GLY A 30 5.15 -11.06 7.28
C GLY A 30 5.53 -10.99 5.84
N SER A 31 5.03 -9.99 5.21
CA SER A 31 5.08 -9.84 3.81
C SER A 31 5.82 -8.57 3.41
N PRO A 32 6.45 -8.57 2.24
CA PRO A 32 7.12 -7.40 1.75
C PRO A 32 6.09 -6.37 1.27
N MET A 33 6.12 -5.21 1.87
CA MET A 33 5.18 -4.17 1.51
C MET A 33 5.91 -3.00 0.93
N ILE A 34 5.24 -2.30 0.05
CA ILE A 34 5.80 -1.16 -0.64
C ILE A 34 4.92 0.06 -0.39
N GLY A 35 5.54 1.21 -0.19
CA GLY A 35 4.79 2.43 0.12
C GLY A 35 4.75 3.38 -1.05
N CYS A 36 3.64 4.07 -1.20
CA CYS A 36 3.45 5.01 -2.30
C CYS A 36 4.31 6.26 -2.14
N ASP A 37 4.71 6.80 -3.27
CA ASP A 37 5.50 8.03 -3.35
C ASP A 37 4.58 9.24 -3.24
N ASP A 38 3.32 9.07 -3.59
CA ASP A 38 2.37 10.16 -3.54
C ASP A 38 1.90 10.37 -2.12
N CYS A 39 1.45 9.31 -1.50
CA CYS A 39 0.95 9.42 -0.19
C CYS A 39 1.87 8.82 0.86
N ASP A 40 1.64 7.56 1.15
CA ASP A 40 2.32 6.85 2.23
C ASP A 40 1.81 5.44 2.32
N ASP A 41 0.54 5.27 1.96
CA ASP A 41 -0.20 4.02 2.12
C ASP A 41 0.56 2.82 1.53
N TRP A 42 0.60 1.74 2.30
CA TRP A 42 1.40 0.58 1.96
C TRP A 42 0.58 -0.54 1.37
N TYR A 43 1.09 -1.08 0.29
CA TYR A 43 0.50 -2.21 -0.38
C TYR A 43 1.46 -3.37 -0.35
N HIS A 44 0.96 -4.57 -0.45
CA HIS A 44 1.81 -5.76 -0.48
C HIS A 44 2.44 -5.89 -1.86
N TRP A 45 3.68 -6.35 -1.91
CA TRP A 45 4.38 -6.60 -3.18
C TRP A 45 3.55 -7.47 -4.17
N PRO A 46 3.05 -8.67 -3.77
CA PRO A 46 2.25 -9.54 -4.68
C PRO A 46 0.93 -8.88 -5.15
N CYS A 47 0.46 -7.87 -4.44
CA CYS A 47 -0.79 -7.24 -4.79
C CYS A 47 -0.63 -6.19 -5.88
N VAL A 48 0.56 -5.68 -5.99
CA VAL A 48 0.84 -4.64 -6.94
C VAL A 48 1.81 -5.09 -8.01
N GLY A 49 2.14 -6.37 -7.98
CA GLY A 49 3.01 -6.95 -8.97
C GLY A 49 4.46 -6.57 -8.78
N ILE A 50 4.91 -6.65 -7.56
CA ILE A 50 6.30 -6.37 -7.23
C ILE A 50 6.97 -7.67 -6.83
N MET A 51 7.84 -8.16 -7.66
CA MET A 51 8.57 -9.37 -7.36
C MET A 51 10.02 -9.05 -7.08
N ALA A 52 10.36 -7.79 -7.21
CA ALA A 52 11.69 -7.31 -6.95
C ALA A 52 11.60 -5.88 -6.57
N ALA A 53 12.45 -5.47 -5.66
CA ALA A 53 12.48 -4.11 -5.17
C ALA A 53 12.72 -3.14 -6.32
N PRO A 54 11.76 -2.26 -6.58
CA PRO A 54 11.90 -1.24 -7.59
C PRO A 54 12.94 -0.21 -7.16
N PRO A 55 13.78 0.27 -8.11
CA PRO A 55 14.81 1.25 -7.82
C PRO A 55 14.24 2.54 -7.25
N GLU A 56 15.05 3.21 -6.48
CA GLU A 56 14.68 4.44 -5.81
C GLU A 56 14.59 5.62 -6.77
N GLU A 57 14.98 5.39 -8.02
CA GLU A 57 14.85 6.39 -9.06
C GLU A 57 13.48 6.28 -9.71
N MET A 58 12.77 5.21 -9.39
CA MET A 58 11.46 4.96 -9.94
C MET A 58 10.41 5.47 -9.00
N GLN A 59 9.55 6.30 -9.49
CA GLN A 59 8.46 6.79 -8.70
C GLN A 59 7.37 5.76 -8.79
N TRP A 60 6.92 5.34 -7.68
CA TRP A 60 5.94 4.30 -7.61
C TRP A 60 4.76 4.80 -6.84
N PHE A 61 3.61 4.64 -7.40
CA PHE A 61 2.40 5.06 -6.77
C PHE A 61 1.52 3.87 -6.57
N CYS A 62 0.81 3.82 -5.47
CA CYS A 62 -0.10 2.72 -5.19
C CYS A 62 -1.22 2.72 -6.24
N PRO A 63 -1.94 1.59 -6.44
CA PRO A 63 -3.05 1.51 -7.40
C PRO A 63 -4.08 2.64 -7.20
N LYS A 64 -4.13 3.19 -5.99
CA LYS A 64 -4.98 4.33 -5.64
C LYS A 64 -4.49 5.57 -6.37
N CYS A 65 -3.23 5.89 -6.17
CA CYS A 65 -2.65 7.07 -6.76
C CYS A 65 -2.32 6.89 -8.23
N ALA A 66 -2.17 5.65 -8.65
CA ALA A 66 -2.01 5.28 -10.05
C ALA A 66 -3.27 5.66 -10.80
N ASN A 67 -4.35 5.51 -10.10
CA ASN A 67 -5.68 5.80 -10.59
C ASN A 67 -5.92 7.32 -10.58
N LYS A 68 -5.10 8.05 -9.84
CA LYS A 68 -5.17 9.50 -9.85
C LYS A 68 -4.32 10.05 -11.00
N ILE A 69 -3.44 9.22 -11.54
CA ILE A 69 -2.65 9.57 -12.70
C ILE A 69 -3.58 9.70 -13.90
N LYS A 70 -4.64 8.87 -13.87
CA LYS A 70 -5.72 8.83 -14.81
C LYS A 70 -5.32 8.67 -16.27
N LYS A 71 -5.74 7.60 -16.87
CA LYS A 71 -5.54 7.44 -18.27
C LYS A 71 -6.66 8.18 -19.00
N ASP A 72 -6.54 9.47 -18.97
CA ASP A 72 -7.45 10.36 -19.64
C ASP A 72 -6.88 10.66 -20.98
N LYS A 73 -5.57 10.70 -21.01
CA LYS A 73 -4.83 10.80 -22.21
C LYS A 73 -4.37 9.40 -22.56
N LYS A 74 -3.57 9.27 -23.57
CA LYS A 74 -3.12 7.95 -23.96
C LYS A 74 -1.97 7.48 -23.06
N HIS A 75 -1.79 6.18 -23.01
CA HIS A 75 -0.73 5.57 -22.25
C HIS A 75 0.25 4.99 -23.26
ZN ZN B . -0.76 6.38 -3.04
ZN ZN C . -2.34 -6.66 -0.35
N GLY A 1 -17.09 -12.17 6.70
CA GLY A 1 -17.42 -11.72 5.35
C GLY A 1 -17.56 -10.23 5.33
N SER A 2 -17.89 -9.65 4.17
CA SER A 2 -18.00 -8.20 3.97
C SER A 2 -16.66 -7.49 4.24
N HIS A 3 -16.66 -6.18 4.23
CA HIS A 3 -15.47 -5.43 4.52
C HIS A 3 -15.39 -5.20 6.01
N MET A 4 -14.80 -6.14 6.69
CA MET A 4 -14.67 -6.06 8.10
C MET A 4 -13.35 -5.50 8.49
N ALA A 5 -13.30 -4.20 8.51
CA ALA A 5 -12.17 -3.46 8.91
C ALA A 5 -12.66 -2.25 9.64
N MET A 6 -12.30 -2.12 10.89
CA MET A 6 -12.70 -0.98 11.68
C MET A 6 -11.76 0.16 11.39
N ALA A 7 -10.55 -0.20 11.10
CA ALA A 7 -9.51 0.69 10.72
C ALA A 7 -8.45 -0.12 9.99
N TYR A 8 -7.43 0.53 9.54
CA TYR A 8 -6.40 -0.15 8.77
C TYR A 8 -5.13 -0.27 9.60
N VAL A 9 -5.30 0.01 10.88
CA VAL A 9 -4.25 -0.06 11.86
C VAL A 9 -4.63 -1.07 12.91
N ILE A 10 -3.92 -2.17 12.91
CA ILE A 10 -4.10 -3.22 13.87
C ILE A 10 -2.78 -3.32 14.64
N ARG A 11 -2.77 -3.91 15.79
CA ARG A 11 -1.54 -4.07 16.53
C ARG A 11 -1.19 -5.54 16.66
N ASP A 12 0.07 -5.82 16.44
CA ASP A 12 0.65 -7.16 16.55
C ASP A 12 0.80 -7.53 18.04
N GLU A 13 1.25 -8.73 18.31
CA GLU A 13 1.44 -9.24 19.66
C GLU A 13 2.63 -8.54 20.32
N TRP A 14 3.58 -8.09 19.49
CA TRP A 14 4.70 -7.31 19.93
C TRP A 14 4.29 -5.83 20.10
N GLY A 15 3.04 -5.54 19.75
CA GLY A 15 2.51 -4.20 19.89
C GLY A 15 2.76 -3.34 18.69
N ASN A 16 3.47 -3.89 17.72
CA ASN A 16 3.81 -3.16 16.50
C ASN A 16 2.60 -2.98 15.63
N GLN A 17 2.60 -1.95 14.84
CA GLN A 17 1.50 -1.69 13.94
C GLN A 17 1.43 -2.69 12.81
N ILE A 18 0.24 -2.97 12.41
CA ILE A 18 -0.09 -3.82 11.32
C ILE A 18 -0.89 -2.99 10.34
N TRP A 19 -0.46 -2.99 9.13
CA TRP A 19 -1.08 -2.21 8.09
C TRP A 19 -1.96 -3.07 7.24
N ILE A 20 -2.94 -2.46 6.64
CA ILE A 20 -3.82 -3.14 5.75
C ILE A 20 -3.72 -2.53 4.37
N CYS A 21 -3.29 -3.34 3.44
CA CYS A 21 -3.15 -2.97 2.07
C CYS A 21 -4.54 -2.90 1.45
N PRO A 22 -5.03 -1.71 1.08
CA PRO A 22 -6.37 -1.56 0.54
C PRO A 22 -6.47 -2.05 -0.92
N GLY A 23 -5.39 -2.66 -1.40
CA GLY A 23 -5.38 -3.23 -2.72
C GLY A 23 -6.01 -4.62 -2.71
N CYS A 24 -5.93 -5.26 -1.55
CA CYS A 24 -6.52 -6.56 -1.33
C CYS A 24 -7.52 -6.48 -0.17
N ASN A 25 -7.16 -5.61 0.77
CA ASN A 25 -7.86 -5.36 2.02
C ASN A 25 -7.51 -6.41 3.03
N LYS A 26 -6.22 -6.76 3.01
CA LYS A 26 -5.61 -7.68 3.95
C LYS A 26 -4.51 -6.98 4.75
N PRO A 27 -4.38 -7.33 6.03
CA PRO A 27 -3.30 -6.84 6.89
C PRO A 27 -1.95 -7.50 6.60
N ASP A 28 -0.89 -7.00 7.26
CA ASP A 28 0.48 -7.57 7.21
C ASP A 28 0.47 -9.08 7.29
N ASP A 29 1.29 -9.69 6.49
CA ASP A 29 1.39 -11.14 6.43
C ASP A 29 2.79 -11.57 6.84
N GLY A 30 3.71 -10.63 6.70
CA GLY A 30 5.11 -10.91 6.88
C GLY A 30 5.80 -10.69 5.56
N SER A 31 4.96 -10.53 4.56
CA SER A 31 5.34 -10.27 3.20
C SER A 31 6.03 -8.90 3.06
N PRO A 32 6.91 -8.74 2.06
CA PRO A 32 7.52 -7.44 1.77
C PRO A 32 6.45 -6.46 1.29
N MET A 33 6.51 -5.25 1.77
CA MET A 33 5.54 -4.26 1.43
C MET A 33 6.24 -3.03 0.89
N ILE A 34 5.58 -2.34 0.02
CA ILE A 34 6.14 -1.19 -0.65
C ILE A 34 5.30 0.05 -0.30
N GLY A 35 5.92 1.22 -0.30
CA GLY A 35 5.21 2.43 0.06
C GLY A 35 5.09 3.39 -1.10
N CYS A 36 3.97 4.10 -1.17
CA CYS A 36 3.74 5.06 -2.22
C CYS A 36 4.53 6.32 -1.95
N ASP A 37 4.84 7.04 -2.98
CA ASP A 37 5.54 8.30 -2.84
C ASP A 37 4.56 9.46 -2.77
N ASP A 38 3.31 9.19 -3.06
CA ASP A 38 2.29 10.25 -3.04
C ASP A 38 1.74 10.40 -1.62
N CYS A 39 1.10 9.37 -1.14
CA CYS A 39 0.51 9.37 0.17
C CYS A 39 1.46 8.75 1.20
N ASP A 40 1.97 7.59 0.84
CA ASP A 40 2.93 6.78 1.63
C ASP A 40 2.27 5.98 2.72
N ASP A 41 1.71 4.88 2.33
CA ASP A 41 1.24 3.87 3.25
C ASP A 41 1.82 2.53 2.76
N TRP A 42 1.59 1.45 3.46
CA TRP A 42 2.21 0.17 3.08
C TRP A 42 1.27 -0.74 2.29
N TYR A 43 1.71 -1.12 1.11
CA TYR A 43 0.97 -2.02 0.25
C TYR A 43 1.79 -3.28 0.07
N HIS A 44 1.14 -4.40 -0.10
CA HIS A 44 1.89 -5.66 -0.24
C HIS A 44 2.49 -5.77 -1.63
N TRP A 45 3.67 -6.35 -1.72
CA TRP A 45 4.36 -6.57 -2.98
C TRP A 45 3.51 -7.31 -4.05
N PRO A 46 2.99 -8.54 -3.77
CA PRO A 46 2.19 -9.29 -4.76
C PRO A 46 0.84 -8.62 -5.10
N CYS A 47 0.45 -7.62 -4.33
CA CYS A 47 -0.81 -6.94 -4.54
C CYS A 47 -0.70 -5.87 -5.58
N VAL A 48 0.40 -5.20 -5.60
CA VAL A 48 0.58 -4.10 -6.49
C VAL A 48 1.43 -4.52 -7.68
N GLY A 49 1.99 -5.71 -7.60
CA GLY A 49 2.75 -6.25 -8.69
C GLY A 49 4.23 -6.02 -8.54
N ILE A 50 4.77 -6.47 -7.42
CA ILE A 50 6.18 -6.32 -7.15
C ILE A 50 6.74 -7.67 -6.72
N MET A 51 7.78 -8.15 -7.37
CA MET A 51 8.43 -9.40 -6.97
C MET A 51 9.92 -9.18 -6.78
N ALA A 52 10.30 -7.92 -6.84
CA ALA A 52 11.65 -7.40 -6.66
C ALA A 52 11.47 -5.90 -6.68
N ALA A 53 12.27 -5.15 -5.91
CA ALA A 53 12.13 -3.69 -5.74
C ALA A 53 12.42 -2.92 -7.04
N PRO A 54 11.37 -2.46 -7.69
CA PRO A 54 11.45 -1.72 -8.94
C PRO A 54 11.19 -0.21 -8.85
N PRO A 55 12.07 0.57 -9.43
CA PRO A 55 11.81 1.94 -9.71
C PRO A 55 11.41 2.10 -11.19
N GLU A 56 10.59 3.05 -11.49
CA GLU A 56 10.28 3.33 -12.88
C GLU A 56 11.52 3.92 -13.52
N GLU A 57 12.04 4.88 -12.78
CA GLU A 57 13.12 5.80 -13.06
C GLU A 57 12.76 7.03 -12.25
N MET A 58 11.53 6.97 -11.78
CA MET A 58 10.87 8.00 -11.06
C MET A 58 10.18 7.30 -9.89
N GLN A 59 9.67 8.09 -8.95
CA GLN A 59 8.89 7.65 -7.79
C GLN A 59 7.81 6.61 -8.13
N TRP A 60 7.41 5.87 -7.13
CA TRP A 60 6.45 4.79 -7.28
C TRP A 60 5.15 5.19 -6.64
N PHE A 61 4.06 4.90 -7.31
CA PHE A 61 2.76 5.25 -6.82
C PHE A 61 1.87 4.02 -6.77
N CYS A 62 1.12 3.90 -5.71
CA CYS A 62 0.23 2.79 -5.48
C CYS A 62 -0.94 2.81 -6.45
N PRO A 63 -1.67 1.68 -6.60
CA PRO A 63 -2.88 1.58 -7.45
C PRO A 63 -3.91 2.66 -7.12
N LYS A 64 -3.86 3.17 -5.89
CA LYS A 64 -4.77 4.20 -5.46
C LYS A 64 -4.46 5.49 -6.22
N CYS A 65 -3.19 5.81 -6.32
CA CYS A 65 -2.74 6.99 -7.00
C CYS A 65 -2.52 6.76 -8.50
N ALA A 66 -2.20 5.54 -8.84
CA ALA A 66 -2.01 5.19 -10.24
C ALA A 66 -3.33 5.16 -10.98
N ASN A 67 -4.42 4.95 -10.23
CA ASN A 67 -5.77 4.98 -10.79
C ASN A 67 -6.22 6.42 -11.01
N LYS A 68 -5.48 7.35 -10.43
CA LYS A 68 -5.76 8.78 -10.64
C LYS A 68 -5.30 9.14 -12.05
N ILE A 69 -4.29 8.42 -12.51
CA ILE A 69 -3.73 8.64 -13.82
C ILE A 69 -4.36 7.69 -14.83
N LYS A 70 -4.19 6.41 -14.60
CA LYS A 70 -4.68 5.39 -15.50
C LYS A 70 -6.02 4.90 -15.04
N LYS A 71 -6.84 4.55 -15.97
CA LYS A 71 -8.14 4.04 -15.69
C LYS A 71 -8.35 2.67 -16.32
N ASP A 72 -7.93 1.64 -15.63
CA ASP A 72 -8.23 0.28 -16.07
C ASP A 72 -9.30 -0.26 -15.15
N LYS A 73 -9.51 0.46 -14.07
CA LYS A 73 -10.50 0.17 -13.06
C LYS A 73 -11.08 1.49 -12.60
N LYS A 74 -12.26 1.46 -12.02
CA LYS A 74 -12.89 2.65 -11.46
C LYS A 74 -13.79 2.30 -10.27
N HIS A 75 -13.70 1.06 -9.86
CA HIS A 75 -14.46 0.52 -8.79
C HIS A 75 -13.71 -0.66 -8.24
ZN ZN B . -0.51 6.40 -3.24
ZN ZN C . -2.28 -6.21 -0.15
N GLY A 1 -21.68 7.86 16.81
CA GLY A 1 -20.56 7.98 15.90
C GLY A 1 -19.63 6.82 16.05
N SER A 2 -18.38 7.04 15.71
CA SER A 2 -17.39 6.03 15.81
C SER A 2 -16.02 6.68 15.68
N HIS A 3 -15.01 6.00 16.16
CA HIS A 3 -13.64 6.43 15.99
C HIS A 3 -13.27 6.14 14.53
N MET A 4 -14.08 5.25 13.91
CA MET A 4 -13.95 4.83 12.52
C MET A 4 -12.67 4.07 12.29
N ALA A 5 -12.24 3.34 13.32
CA ALA A 5 -11.05 2.51 13.26
C ALA A 5 -11.38 1.23 12.51
N MET A 6 -11.57 1.41 11.22
CA MET A 6 -11.88 0.37 10.27
C MET A 6 -11.06 0.69 9.04
N ALA A 7 -10.02 1.46 9.28
CA ALA A 7 -9.17 1.95 8.22
C ALA A 7 -7.99 1.04 8.04
N TYR A 8 -7.11 1.40 7.15
CA TYR A 8 -5.96 0.58 6.82
C TYR A 8 -4.79 0.88 7.76
N VAL A 9 -5.12 1.46 8.90
CA VAL A 9 -4.16 1.82 9.90
C VAL A 9 -4.65 1.36 11.27
N ILE A 10 -3.87 0.53 11.89
CA ILE A 10 -4.09 0.06 13.23
C ILE A 10 -2.82 0.40 13.98
N ARG A 11 -2.86 0.58 15.27
CA ARG A 11 -1.66 0.90 15.99
C ARG A 11 -0.97 -0.33 16.50
N ASP A 12 0.26 -0.44 16.14
CA ASP A 12 1.17 -1.46 16.64
C ASP A 12 1.49 -1.15 18.10
N GLU A 13 2.15 -2.06 18.75
CA GLU A 13 2.51 -1.92 20.14
C GLU A 13 3.51 -0.79 20.37
N TRP A 14 4.33 -0.52 19.37
CA TRP A 14 5.30 0.56 19.47
C TRP A 14 4.62 1.85 18.98
N GLY A 15 3.46 1.67 18.38
CA GLY A 15 2.70 2.78 17.84
C GLY A 15 2.92 2.94 16.36
N ASN A 16 3.49 1.92 15.74
CA ASN A 16 3.69 1.95 14.29
C ASN A 16 2.36 1.80 13.61
N GLN A 17 2.24 2.35 12.43
CA GLN A 17 1.05 2.21 11.65
C GLN A 17 1.06 0.86 11.03
N ILE A 18 0.11 0.08 11.40
CA ILE A 18 -0.02 -1.25 10.88
C ILE A 18 -0.29 -1.24 9.42
N TRP A 19 0.67 -1.76 8.76
CA TRP A 19 0.75 -1.94 7.34
C TRP A 19 -0.40 -2.79 6.83
N ILE A 20 -1.33 -2.14 6.20
CA ILE A 20 -2.45 -2.79 5.57
C ILE A 20 -2.51 -2.31 4.15
N CYS A 21 -2.63 -3.26 3.25
CA CYS A 21 -2.68 -2.99 1.85
C CYS A 21 -4.11 -2.70 1.46
N PRO A 22 -4.42 -1.44 1.10
CA PRO A 22 -5.77 -1.02 0.66
C PRO A 22 -6.29 -1.83 -0.53
N GLY A 23 -5.38 -2.46 -1.28
CA GLY A 23 -5.74 -3.21 -2.44
C GLY A 23 -6.51 -4.48 -2.12
N CYS A 24 -6.17 -5.12 -1.02
CA CYS A 24 -6.81 -6.37 -0.62
C CYS A 24 -7.51 -6.22 0.75
N ASN A 25 -7.17 -5.12 1.43
CA ASN A 25 -7.68 -4.76 2.76
C ASN A 25 -7.05 -5.69 3.82
N LYS A 26 -5.89 -6.24 3.51
CA LYS A 26 -5.24 -7.16 4.41
C LYS A 26 -3.92 -6.58 4.96
N PRO A 27 -3.67 -6.79 6.26
CA PRO A 27 -2.43 -6.39 6.95
C PRO A 27 -1.21 -7.26 6.58
N ASP A 28 -0.06 -6.85 7.07
CA ASP A 28 1.18 -7.60 6.89
C ASP A 28 1.11 -8.94 7.59
N ASP A 29 1.58 -9.94 6.91
CA ASP A 29 1.59 -11.31 7.42
C ASP A 29 3.04 -11.80 7.41
N GLY A 30 3.95 -10.86 7.47
CA GLY A 30 5.35 -11.18 7.28
C GLY A 30 5.56 -11.24 5.81
N SER A 31 5.15 -10.19 5.18
CA SER A 31 5.07 -10.12 3.77
C SER A 31 5.86 -8.95 3.20
N PRO A 32 6.35 -9.07 1.97
CA PRO A 32 7.04 -7.99 1.30
C PRO A 32 6.05 -6.89 0.91
N MET A 33 6.18 -5.75 1.55
CA MET A 33 5.29 -4.67 1.29
C MET A 33 6.07 -3.47 0.84
N ILE A 34 5.49 -2.74 -0.05
CA ILE A 34 6.10 -1.60 -0.66
C ILE A 34 5.28 -0.34 -0.32
N GLY A 35 5.94 0.80 -0.30
CA GLY A 35 5.27 2.06 -0.03
C GLY A 35 5.21 2.98 -1.26
N CYS A 36 4.24 3.88 -1.24
CA CYS A 36 3.93 4.84 -2.28
C CYS A 36 4.81 6.08 -2.09
N ASP A 37 4.51 7.10 -2.82
CA ASP A 37 5.20 8.36 -2.72
C ASP A 37 4.18 9.45 -2.42
N ASP A 38 2.92 9.11 -2.54
CA ASP A 38 1.87 10.11 -2.41
C ASP A 38 1.05 10.02 -1.12
N CYS A 39 0.50 8.87 -0.84
CA CYS A 39 -0.53 8.78 0.18
C CYS A 39 -0.04 8.27 1.57
N ASP A 40 -0.82 7.36 2.11
CA ASP A 40 -0.65 6.74 3.43
C ASP A 40 -0.74 5.29 3.12
N ASP A 41 0.38 4.75 2.85
CA ASP A 41 0.50 3.54 2.11
C ASP A 41 1.35 2.46 2.73
N TRP A 42 0.94 1.23 2.43
CA TRP A 42 1.70 -0.01 2.49
C TRP A 42 0.98 -1.01 1.64
N TYR A 43 1.60 -1.50 0.60
CA TYR A 43 0.95 -2.43 -0.30
C TYR A 43 1.76 -3.68 -0.43
N HIS A 44 1.12 -4.78 -0.64
CA HIS A 44 1.82 -6.06 -0.79
C HIS A 44 2.36 -6.19 -2.20
N TRP A 45 3.52 -6.80 -2.34
CA TRP A 45 4.13 -7.04 -3.64
C TRP A 45 3.19 -7.77 -4.63
N PRO A 46 2.58 -8.94 -4.28
CA PRO A 46 1.66 -9.64 -5.19
C PRO A 46 0.35 -8.86 -5.46
N CYS A 47 0.09 -7.82 -4.68
CA CYS A 47 -1.13 -7.07 -4.84
C CYS A 47 -0.99 -6.02 -5.92
N VAL A 48 0.19 -5.53 -6.05
CA VAL A 48 0.48 -4.53 -7.02
C VAL A 48 1.18 -5.14 -8.23
N GLY A 49 1.89 -6.23 -8.01
CA GLY A 49 2.56 -6.92 -9.08
C GLY A 49 4.05 -6.67 -9.08
N ILE A 50 4.67 -6.90 -7.96
CA ILE A 50 6.08 -6.66 -7.80
C ILE A 50 6.80 -7.94 -7.39
N MET A 51 7.94 -8.19 -8.01
CA MET A 51 8.72 -9.39 -7.77
C MET A 51 10.17 -9.03 -7.46
N ALA A 52 10.46 -7.76 -7.47
CA ALA A 52 11.79 -7.25 -7.21
C ALA A 52 11.67 -5.89 -6.59
N ALA A 53 12.51 -5.58 -5.64
CA ALA A 53 12.44 -4.33 -4.92
C ALA A 53 12.89 -3.14 -5.77
N PRO A 54 11.96 -2.25 -6.10
CA PRO A 54 12.27 -1.04 -6.83
C PRO A 54 12.96 -0.01 -5.93
N PRO A 55 14.09 0.54 -6.37
CA PRO A 55 14.81 1.56 -5.60
C PRO A 55 13.95 2.80 -5.36
N GLU A 56 14.12 3.39 -4.20
CA GLU A 56 13.33 4.54 -3.78
C GLU A 56 13.67 5.82 -4.54
N GLU A 57 14.66 5.74 -5.43
CA GLU A 57 14.98 6.84 -6.34
C GLU A 57 13.86 6.97 -7.38
N MET A 58 13.08 5.92 -7.52
CA MET A 58 11.95 5.92 -8.37
C MET A 58 10.72 6.15 -7.56
N GLN A 59 9.93 7.08 -7.96
CA GLN A 59 8.68 7.31 -7.32
C GLN A 59 7.75 6.26 -7.80
N TRP A 60 7.14 5.62 -6.89
CA TRP A 60 6.27 4.51 -7.17
C TRP A 60 4.91 4.87 -6.69
N PHE A 61 3.92 4.50 -7.45
CA PHE A 61 2.57 4.81 -7.10
C PHE A 61 1.75 3.56 -7.17
N CYS A 62 0.92 3.41 -6.19
CA CYS A 62 0.04 2.31 -6.04
C CYS A 62 -1.11 2.43 -7.02
N PRO A 63 -1.90 1.35 -7.21
CA PRO A 63 -3.10 1.38 -8.07
C PRO A 63 -4.09 2.49 -7.66
N LYS A 64 -3.97 2.98 -6.43
CA LYS A 64 -4.86 4.01 -5.90
C LYS A 64 -4.42 5.39 -6.38
N CYS A 65 -3.14 5.59 -6.48
CA CYS A 65 -2.65 6.83 -6.99
C CYS A 65 -2.48 6.79 -8.50
N ALA A 66 -2.18 5.63 -9.02
CA ALA A 66 -2.04 5.45 -10.45
C ALA A 66 -3.37 5.65 -11.17
N ASN A 67 -4.48 5.38 -10.48
CA ASN A 67 -5.83 5.53 -11.06
C ASN A 67 -6.21 7.01 -11.20
N LYS A 68 -5.53 7.87 -10.45
CA LYS A 68 -5.76 9.29 -10.53
C LYS A 68 -4.70 10.00 -11.36
N ILE A 69 -3.52 9.44 -11.41
CA ILE A 69 -2.46 9.97 -12.26
C ILE A 69 -2.74 9.57 -13.73
N LYS A 70 -2.89 8.27 -13.93
CA LYS A 70 -3.16 7.69 -15.23
C LYS A 70 -4.64 7.41 -15.34
N LYS A 71 -5.04 6.81 -16.47
CA LYS A 71 -6.39 6.39 -16.73
C LYS A 71 -7.38 7.56 -16.57
N ASP A 72 -8.62 7.23 -16.32
CA ASP A 72 -9.64 8.22 -16.08
C ASP A 72 -10.28 8.00 -14.72
N LYS A 73 -10.90 9.02 -14.23
CA LYS A 73 -11.51 9.08 -12.91
C LYS A 73 -12.89 8.38 -12.90
N LYS A 74 -13.45 8.23 -11.72
CA LYS A 74 -14.76 7.66 -11.57
C LYS A 74 -15.45 8.31 -10.38
N HIS A 75 -16.76 8.39 -10.42
CA HIS A 75 -17.54 8.79 -9.29
C HIS A 75 -17.99 7.53 -8.62
ZN ZN B . -0.57 6.11 -3.23
ZN ZN C . -2.38 -6.39 -0.30
N GLY A 1 -20.49 0.41 14.99
CA GLY A 1 -21.18 -0.84 14.67
C GLY A 1 -20.20 -1.91 14.33
N SER A 2 -20.23 -2.37 13.11
CA SER A 2 -19.27 -3.35 12.67
C SER A 2 -17.94 -2.67 12.37
N HIS A 3 -16.88 -3.24 12.93
CA HIS A 3 -15.51 -2.72 12.80
C HIS A 3 -15.31 -1.49 13.65
N MET A 4 -15.07 -1.73 14.93
CA MET A 4 -14.80 -0.68 15.87
C MET A 4 -13.31 -0.56 16.06
N ALA A 5 -12.76 0.57 15.65
CA ALA A 5 -11.32 0.88 15.69
C ALA A 5 -10.54 -0.01 14.73
N MET A 6 -11.29 -0.66 13.86
CA MET A 6 -10.74 -1.55 12.89
C MET A 6 -10.66 -0.82 11.57
N ALA A 7 -9.51 -0.33 11.27
CA ALA A 7 -9.29 0.42 10.07
C ALA A 7 -8.29 -0.34 9.22
N TYR A 8 -7.63 0.34 8.30
CA TYR A 8 -6.65 -0.30 7.44
C TYR A 8 -5.27 -0.21 8.11
N VAL A 9 -5.32 0.01 9.39
CA VAL A 9 -4.17 0.06 10.22
C VAL A 9 -4.55 -0.56 11.58
N ILE A 10 -3.74 -1.46 12.03
CA ILE A 10 -3.99 -2.16 13.30
C ILE A 10 -2.75 -1.95 14.15
N ARG A 11 -2.90 -1.94 15.45
CA ARG A 11 -1.75 -1.86 16.31
C ARG A 11 -1.34 -3.24 16.72
N ASP A 12 -0.11 -3.54 16.47
CA ASP A 12 0.51 -4.78 16.90
C ASP A 12 0.74 -4.74 18.41
N GLU A 13 1.15 -5.84 18.96
CA GLU A 13 1.41 -5.98 20.38
C GLU A 13 2.56 -5.08 20.83
N TRP A 14 3.50 -4.84 19.92
CA TRP A 14 4.62 -3.95 20.19
C TRP A 14 4.22 -2.50 19.91
N GLY A 15 3.00 -2.31 19.47
CA GLY A 15 2.46 -1.00 19.17
C GLY A 15 2.81 -0.51 17.79
N ASN A 16 3.48 -1.35 17.01
CA ASN A 16 3.82 -0.98 15.65
C ASN A 16 2.58 -1.04 14.81
N GLN A 17 2.52 -0.23 13.80
CA GLN A 17 1.40 -0.19 12.94
C GLN A 17 1.43 -1.31 11.95
N ILE A 18 0.35 -2.01 11.90
CA ILE A 18 0.12 -3.02 10.92
C ILE A 18 -0.68 -2.37 9.85
N TRP A 19 -0.18 -2.39 8.69
CA TRP A 19 -0.85 -1.76 7.61
C TRP A 19 -1.58 -2.77 6.79
N ILE A 20 -2.74 -2.40 6.39
CA ILE A 20 -3.54 -3.18 5.53
C ILE A 20 -3.48 -2.57 4.16
N CYS A 21 -2.99 -3.36 3.23
CA CYS A 21 -2.84 -3.01 1.84
C CYS A 21 -4.23 -2.72 1.27
N PRO A 22 -4.53 -1.44 0.97
CA PRO A 22 -5.84 -1.00 0.45
C PRO A 22 -6.23 -1.69 -0.85
N GLY A 23 -5.25 -2.29 -1.51
CA GLY A 23 -5.50 -2.98 -2.74
C GLY A 23 -6.28 -4.27 -2.53
N CYS A 24 -5.86 -5.05 -1.55
CA CYS A 24 -6.43 -6.36 -1.34
C CYS A 24 -7.34 -6.40 -0.11
N ASN A 25 -7.01 -5.51 0.84
CA ASN A 25 -7.65 -5.41 2.16
C ASN A 25 -7.05 -6.47 3.12
N LYS A 26 -5.80 -6.84 2.85
CA LYS A 26 -5.05 -7.78 3.69
C LYS A 26 -4.03 -7.02 4.54
N PRO A 27 -3.88 -7.39 5.80
CA PRO A 27 -2.85 -6.83 6.69
C PRO A 27 -1.46 -7.38 6.40
N ASP A 28 -0.44 -6.68 6.89
CA ASP A 28 0.93 -7.16 6.82
C ASP A 28 1.06 -8.39 7.68
N ASP A 29 1.83 -9.32 7.18
CA ASP A 29 2.03 -10.61 7.82
C ASP A 29 3.53 -10.82 8.01
N GLY A 30 4.26 -9.75 7.85
CA GLY A 30 5.68 -9.83 7.80
C GLY A 30 6.00 -10.13 6.38
N SER A 31 5.48 -9.31 5.53
CA SER A 31 5.54 -9.49 4.13
C SER A 31 6.25 -8.33 3.45
N PRO A 32 6.86 -8.55 2.27
CA PRO A 32 7.49 -7.49 1.51
C PRO A 32 6.43 -6.51 1.01
N MET A 33 6.54 -5.28 1.44
CA MET A 33 5.58 -4.28 1.10
C MET A 33 6.25 -3.09 0.46
N ILE A 34 5.62 -2.53 -0.51
CA ILE A 34 6.11 -1.41 -1.24
C ILE A 34 5.26 -0.18 -0.90
N GLY A 35 5.87 0.97 -0.84
CA GLY A 35 5.16 2.17 -0.52
C GLY A 35 5.03 3.12 -1.69
N CYS A 36 4.12 4.06 -1.55
CA CYS A 36 3.78 5.06 -2.54
C CYS A 36 4.67 6.28 -2.33
N ASP A 37 4.29 7.36 -2.91
CA ASP A 37 5.00 8.61 -2.76
C ASP A 37 4.00 9.72 -2.41
N ASP A 38 2.72 9.41 -2.49
CA ASP A 38 1.70 10.45 -2.34
C ASP A 38 0.90 10.38 -1.03
N CYS A 39 0.44 9.21 -0.66
CA CYS A 39 -0.57 9.11 0.39
C CYS A 39 -0.05 8.61 1.77
N ASP A 40 -0.71 7.58 2.26
CA ASP A 40 -0.47 6.90 3.54
C ASP A 40 -0.56 5.47 3.17
N ASP A 41 0.56 4.99 2.80
CA ASP A 41 0.67 3.78 2.06
C ASP A 41 1.59 2.75 2.63
N TRP A 42 1.21 1.52 2.41
CA TRP A 42 2.04 0.31 2.43
C TRP A 42 1.23 -0.75 1.70
N TYR A 43 1.75 -1.24 0.59
CA TYR A 43 1.04 -2.24 -0.21
C TYR A 43 1.88 -3.47 -0.37
N HIS A 44 1.27 -4.59 -0.48
CA HIS A 44 2.01 -5.85 -0.61
C HIS A 44 2.53 -6.00 -2.03
N TRP A 45 3.68 -6.61 -2.16
CA TRP A 45 4.27 -6.91 -3.47
C TRP A 45 3.32 -7.68 -4.43
N PRO A 46 2.76 -8.86 -4.02
CA PRO A 46 1.89 -9.66 -4.90
C PRO A 46 0.57 -8.97 -5.29
N CYS A 47 0.26 -7.89 -4.61
CA CYS A 47 -0.97 -7.19 -4.87
C CYS A 47 -0.81 -6.18 -5.99
N VAL A 48 0.42 -5.79 -6.22
CA VAL A 48 0.72 -4.80 -7.24
C VAL A 48 1.66 -5.35 -8.30
N GLY A 49 1.97 -6.62 -8.22
CA GLY A 49 2.77 -7.26 -9.24
C GLY A 49 4.26 -7.08 -9.03
N ILE A 50 4.66 -6.84 -7.81
CA ILE A 50 6.06 -6.71 -7.51
C ILE A 50 6.59 -8.09 -7.13
N MET A 51 7.55 -8.55 -7.85
CA MET A 51 8.10 -9.87 -7.63
C MET A 51 9.56 -9.78 -7.24
N ALA A 52 10.10 -8.59 -7.30
CA ALA A 52 11.47 -8.32 -6.98
C ALA A 52 11.55 -6.87 -6.64
N ALA A 53 12.47 -6.51 -5.76
CA ALA A 53 12.64 -5.15 -5.31
C ALA A 53 12.94 -4.21 -6.46
N PRO A 54 12.01 -3.31 -6.78
CA PRO A 54 12.17 -2.34 -7.85
C PRO A 54 13.17 -1.25 -7.48
N PRO A 55 13.70 -0.51 -8.48
CA PRO A 55 14.64 0.59 -8.24
C PRO A 55 14.06 1.62 -7.29
N GLU A 56 14.77 1.87 -6.22
CA GLU A 56 14.37 2.78 -5.16
C GLU A 56 14.29 4.24 -5.62
N GLU A 57 14.90 4.55 -6.75
CA GLU A 57 14.86 5.90 -7.27
C GLU A 57 13.63 6.12 -8.14
N MET A 58 12.93 5.04 -8.44
CA MET A 58 11.76 5.13 -9.28
C MET A 58 10.59 5.59 -8.44
N GLN A 59 9.85 6.55 -8.94
CA GLN A 59 8.68 7.00 -8.26
C GLN A 59 7.60 5.98 -8.50
N TRP A 60 6.91 5.64 -7.49
CA TRP A 60 5.93 4.61 -7.56
C TRP A 60 4.72 5.07 -6.83
N PHE A 61 3.60 4.85 -7.42
CA PHE A 61 2.35 5.21 -6.85
C PHE A 61 1.50 3.99 -6.84
N CYS A 62 0.79 3.81 -5.79
CA CYS A 62 -0.04 2.66 -5.59
C CYS A 62 -1.17 2.61 -6.60
N PRO A 63 -1.88 1.46 -6.72
CA PRO A 63 -3.06 1.33 -7.60
C PRO A 63 -4.14 2.38 -7.29
N LYS A 64 -4.00 3.03 -6.14
CA LYS A 64 -4.88 4.09 -5.74
C LYS A 64 -4.39 5.40 -6.38
N CYS A 65 -3.16 5.81 -6.07
CA CYS A 65 -2.64 7.06 -6.58
C CYS A 65 -2.29 6.99 -8.07
N ALA A 66 -1.95 5.82 -8.54
CA ALA A 66 -1.69 5.63 -9.93
C ALA A 66 -2.98 5.82 -10.70
N ASN A 67 -4.10 5.42 -10.11
CA ASN A 67 -5.40 5.56 -10.77
C ASN A 67 -5.82 7.05 -10.77
N LYS A 68 -5.26 7.81 -9.84
CA LYS A 68 -5.50 9.25 -9.79
C LYS A 68 -4.77 9.90 -10.95
N ILE A 69 -3.53 9.51 -11.13
CA ILE A 69 -2.67 10.02 -12.19
C ILE A 69 -3.16 9.51 -13.55
N LYS A 70 -3.47 8.25 -13.60
CA LYS A 70 -3.92 7.58 -14.82
C LYS A 70 -5.43 7.57 -14.87
N LYS A 71 -6.01 8.57 -14.26
CA LYS A 71 -7.45 8.75 -14.27
C LYS A 71 -7.89 9.05 -15.68
N ASP A 72 -7.04 9.75 -16.39
CA ASP A 72 -7.26 10.08 -17.76
C ASP A 72 -5.96 10.02 -18.51
N LYS A 73 -5.80 8.99 -19.34
CA LYS A 73 -4.68 8.95 -20.24
C LYS A 73 -4.99 9.98 -21.30
N LYS A 74 -4.39 11.09 -21.16
CA LYS A 74 -4.73 12.22 -21.93
C LYS A 74 -4.05 12.20 -23.27
N HIS A 75 -4.72 12.73 -24.25
CA HIS A 75 -4.21 12.83 -25.58
C HIS A 75 -3.55 14.17 -25.70
ZN ZN B . -0.72 6.42 -2.97
ZN ZN C . -2.09 -6.31 -0.38
N GLY A 1 -15.62 6.43 19.27
CA GLY A 1 -14.36 7.10 19.59
C GLY A 1 -13.31 6.78 18.56
N SER A 2 -12.08 6.76 18.97
CA SER A 2 -10.97 6.42 18.09
C SER A 2 -10.48 5.01 18.42
N HIS A 3 -11.36 4.23 19.00
CA HIS A 3 -11.05 2.87 19.45
C HIS A 3 -11.42 1.89 18.34
N MET A 4 -11.35 2.39 17.11
CA MET A 4 -11.72 1.66 15.92
C MET A 4 -10.87 0.42 15.76
N ALA A 5 -9.60 0.64 15.54
CA ALA A 5 -8.59 -0.44 15.33
C ALA A 5 -8.97 -1.32 14.14
N MET A 6 -9.70 -0.73 13.23
CA MET A 6 -10.23 -1.40 12.08
C MET A 6 -9.99 -0.54 10.86
N ALA A 7 -10.69 -0.82 9.76
CA ALA A 7 -10.49 -0.12 8.48
C ALA A 7 -9.14 -0.57 7.94
N TYR A 8 -8.46 0.27 7.17
CA TYR A 8 -7.21 -0.14 6.57
C TYR A 8 -6.01 0.08 7.50
N VAL A 9 -6.27 0.27 8.77
CA VAL A 9 -5.19 0.46 9.72
C VAL A 9 -5.48 -0.20 11.09
N ILE A 10 -4.65 -1.13 11.46
CA ILE A 10 -4.77 -1.83 12.74
C ILE A 10 -3.55 -1.46 13.57
N ARG A 11 -3.59 -1.63 14.87
CA ARG A 11 -2.42 -1.37 15.65
C ARG A 11 -1.76 -2.67 16.06
N ASP A 12 -0.48 -2.72 15.82
CA ASP A 12 0.40 -3.85 16.12
C ASP A 12 0.54 -4.06 17.63
N GLU A 13 1.22 -5.11 17.99
CA GLU A 13 1.46 -5.50 19.36
C GLU A 13 2.18 -4.39 20.14
N TRP A 14 3.12 -3.74 19.50
CA TRP A 14 3.81 -2.62 20.13
C TRP A 14 2.97 -1.37 20.04
N GLY A 15 2.12 -1.33 19.06
CA GLY A 15 1.33 -0.14 18.81
C GLY A 15 1.66 0.44 17.46
N ASN A 16 2.47 -0.29 16.70
CA ASN A 16 2.84 0.13 15.34
C ASN A 16 1.62 0.15 14.45
N GLN A 17 1.71 0.87 13.38
CA GLN A 17 0.63 0.94 12.43
C GLN A 17 0.69 -0.21 11.47
N ILE A 18 -0.32 -1.01 11.52
CA ILE A 18 -0.45 -2.11 10.61
C ILE A 18 -1.21 -1.63 9.42
N TRP A 19 -0.55 -1.62 8.33
CA TRP A 19 -1.13 -1.16 7.12
C TRP A 19 -1.86 -2.26 6.43
N ILE A 20 -3.08 -2.00 6.10
CA ILE A 20 -3.85 -2.89 5.33
C ILE A 20 -3.85 -2.39 3.91
N CYS A 21 -3.43 -3.25 3.04
CA CYS A 21 -3.29 -2.96 1.67
C CYS A 21 -4.65 -2.99 0.98
N PRO A 22 -5.09 -1.85 0.42
CA PRO A 22 -6.35 -1.74 -0.33
C PRO A 22 -6.42 -2.71 -1.52
N GLY A 23 -5.29 -3.24 -1.93
CA GLY A 23 -5.24 -4.13 -3.06
C GLY A 23 -5.75 -5.53 -2.75
N CYS A 24 -5.75 -5.90 -1.48
CA CYS A 24 -6.17 -7.24 -1.09
C CYS A 24 -7.04 -7.23 0.17
N ASN A 25 -7.09 -6.06 0.82
CA ASN A 25 -7.73 -5.82 2.14
C ASN A 25 -7.10 -6.67 3.22
N LYS A 26 -5.84 -7.04 3.01
CA LYS A 26 -5.10 -7.80 3.97
C LYS A 26 -4.08 -6.93 4.67
N PRO A 27 -3.91 -7.14 5.98
CA PRO A 27 -2.91 -6.44 6.78
C PRO A 27 -1.51 -6.98 6.55
N ASP A 28 -0.53 -6.31 7.15
CA ASP A 28 0.85 -6.76 7.13
C ASP A 28 1.00 -8.18 7.65
N ASP A 29 1.82 -8.93 6.98
CA ASP A 29 2.05 -10.33 7.29
C ASP A 29 3.52 -10.55 7.65
N GLY A 30 4.32 -9.51 7.50
CA GLY A 30 5.75 -9.66 7.66
C GLY A 30 6.34 -10.00 6.32
N SER A 31 5.61 -9.67 5.30
CA SER A 31 5.96 -9.94 3.95
C SER A 31 6.50 -8.63 3.38
N PRO A 32 7.25 -8.66 2.27
CA PRO A 32 7.79 -7.46 1.64
C PRO A 32 6.68 -6.50 1.20
N MET A 33 6.63 -5.36 1.84
CA MET A 33 5.67 -4.35 1.55
C MET A 33 6.35 -3.19 0.88
N ILE A 34 5.61 -2.42 0.15
CA ILE A 34 6.16 -1.30 -0.57
C ILE A 34 5.37 -0.03 -0.22
N GLY A 35 6.06 1.09 -0.13
CA GLY A 35 5.41 2.32 0.25
C GLY A 35 5.10 3.16 -0.95
N CYS A 36 4.09 3.97 -0.84
CA CYS A 36 3.69 4.82 -1.92
C CYS A 36 4.50 6.12 -1.91
N ASP A 37 4.36 6.86 -2.96
CA ASP A 37 4.98 8.16 -3.09
C ASP A 37 4.00 9.18 -2.57
N ASP A 38 2.74 8.89 -2.76
CA ASP A 38 1.67 9.80 -2.43
C ASP A 38 1.02 9.41 -1.11
N CYS A 39 0.87 8.11 -0.88
CA CYS A 39 0.27 7.63 0.36
C CYS A 39 1.34 7.44 1.42
N ASP A 40 0.89 7.45 2.65
CA ASP A 40 1.76 7.15 3.78
C ASP A 40 1.53 5.70 4.17
N ASP A 41 0.64 5.05 3.42
CA ASP A 41 0.29 3.65 3.61
C ASP A 41 1.24 2.76 2.82
N TRP A 42 1.30 1.52 3.21
CA TRP A 42 2.15 0.54 2.58
C TRP A 42 1.30 -0.57 1.97
N TYR A 43 1.71 -1.03 0.82
CA TYR A 43 1.03 -2.07 0.08
C TYR A 43 1.90 -3.29 0.03
N HIS A 44 1.39 -4.38 -0.45
CA HIS A 44 2.20 -5.61 -0.54
C HIS A 44 2.70 -5.75 -1.95
N TRP A 45 3.83 -6.39 -2.10
CA TRP A 45 4.43 -6.66 -3.42
C TRP A 45 3.47 -7.38 -4.42
N PRO A 46 2.86 -8.55 -4.08
CA PRO A 46 1.99 -9.28 -5.01
C PRO A 46 0.78 -8.45 -5.48
N CYS A 47 0.33 -7.55 -4.63
CA CYS A 47 -0.86 -6.75 -4.87
C CYS A 47 -0.64 -5.73 -5.98
N VAL A 48 0.61 -5.41 -6.20
CA VAL A 48 0.98 -4.44 -7.18
C VAL A 48 1.84 -5.05 -8.28
N GLY A 49 1.91 -6.37 -8.26
CA GLY A 49 2.65 -7.10 -9.27
C GLY A 49 4.15 -6.95 -9.14
N ILE A 50 4.65 -7.10 -7.93
CA ILE A 50 6.06 -7.04 -7.68
C ILE A 50 6.54 -8.35 -7.06
N MET A 51 7.66 -8.84 -7.53
CA MET A 51 8.24 -10.09 -7.02
C MET A 51 9.69 -9.89 -6.63
N ALA A 52 10.23 -8.72 -6.91
CA ALA A 52 11.60 -8.41 -6.62
C ALA A 52 11.70 -6.94 -6.55
N ALA A 53 12.71 -6.45 -5.84
CA ALA A 53 12.95 -5.03 -5.66
C ALA A 53 12.78 -4.23 -6.94
N PRO A 54 11.77 -3.35 -6.97
CA PRO A 54 11.45 -2.49 -8.12
C PRO A 54 12.66 -1.58 -8.55
N PRO A 55 12.50 -0.77 -9.66
CA PRO A 55 13.55 0.13 -10.22
C PRO A 55 14.35 1.04 -9.24
N GLU A 56 15.03 2.02 -9.84
CA GLU A 56 15.90 3.05 -9.22
C GLU A 56 15.15 4.00 -8.28
N GLU A 57 14.19 3.47 -7.56
CA GLU A 57 13.28 4.16 -6.64
C GLU A 57 12.62 5.37 -7.26
N MET A 58 12.50 5.32 -8.59
CA MET A 58 11.72 6.31 -9.31
C MET A 58 10.29 6.21 -8.81
N GLN A 59 9.60 7.34 -8.77
CA GLN A 59 8.28 7.46 -8.13
C GLN A 59 7.34 6.33 -8.47
N TRP A 60 6.85 5.74 -7.44
CA TRP A 60 6.01 4.60 -7.52
C TRP A 60 4.66 4.94 -6.96
N PHE A 61 3.64 4.57 -7.67
CA PHE A 61 2.29 4.85 -7.25
C PHE A 61 1.51 3.58 -7.26
N CYS A 62 0.66 3.44 -6.28
CA CYS A 62 -0.20 2.32 -6.15
C CYS A 62 -1.34 2.41 -7.16
N PRO A 63 -2.12 1.31 -7.34
CA PRO A 63 -3.33 1.32 -8.19
C PRO A 63 -4.31 2.46 -7.79
N LYS A 64 -4.21 2.89 -6.53
CA LYS A 64 -4.99 3.99 -6.00
C LYS A 64 -4.53 5.31 -6.63
N CYS A 65 -3.26 5.65 -6.46
CA CYS A 65 -2.76 6.91 -6.97
C CYS A 65 -2.61 6.94 -8.48
N ALA A 66 -2.52 5.78 -9.07
CA ALA A 66 -2.48 5.69 -10.51
C ALA A 66 -3.84 6.12 -11.08
N ASN A 67 -4.87 6.08 -10.25
CA ASN A 67 -6.20 6.56 -10.63
C ASN A 67 -6.25 8.08 -10.46
N LYS A 68 -5.55 8.59 -9.45
CA LYS A 68 -5.48 10.02 -9.24
C LYS A 68 -4.70 10.69 -10.36
N ILE A 69 -3.58 10.08 -10.75
CA ILE A 69 -2.79 10.57 -11.89
C ILE A 69 -3.61 10.39 -13.16
N LYS A 70 -4.37 9.28 -13.19
CA LYS A 70 -5.31 8.92 -14.21
C LYS A 70 -4.60 8.39 -15.46
N LYS A 71 -5.08 7.28 -15.96
CA LYS A 71 -4.51 6.73 -17.16
C LYS A 71 -5.18 7.41 -18.36
N ASP A 72 -6.41 7.91 -18.11
CA ASP A 72 -7.18 8.75 -19.05
C ASP A 72 -7.49 7.95 -20.34
N LYS A 73 -7.83 8.63 -21.39
CA LYS A 73 -8.17 8.02 -22.66
C LYS A 73 -6.88 7.79 -23.43
N LYS A 74 -6.04 6.96 -22.87
CA LYS A 74 -4.74 6.66 -23.40
C LYS A 74 -4.85 6.15 -24.82
N HIS A 75 -4.08 6.71 -25.69
CA HIS A 75 -4.01 6.22 -27.01
C HIS A 75 -2.91 5.21 -27.03
ZN ZN B . -0.76 5.96 -3.24
ZN ZN C . -1.97 -6.15 -0.33
N GLY A 1 -15.92 0.90 15.41
CA GLY A 1 -15.88 1.67 16.64
C GLY A 1 -15.07 2.89 16.42
N SER A 2 -14.54 3.44 17.47
CA SER A 2 -13.68 4.58 17.36
C SER A 2 -12.33 4.10 16.83
N HIS A 3 -11.69 4.88 16.01
CA HIS A 3 -10.41 4.47 15.46
C HIS A 3 -9.28 4.61 16.46
N MET A 4 -9.28 3.68 17.39
CA MET A 4 -8.25 3.58 18.39
C MET A 4 -7.58 2.24 18.22
N ALA A 5 -8.39 1.23 18.23
CA ALA A 5 -7.92 -0.14 18.01
C ALA A 5 -8.25 -0.57 16.60
N MET A 6 -8.63 0.41 15.80
CA MET A 6 -8.92 0.22 14.40
C MET A 6 -7.97 1.10 13.62
N ALA A 7 -7.03 0.52 12.97
CA ALA A 7 -6.09 1.29 12.23
C ALA A 7 -5.60 0.53 11.05
N TYR A 8 -4.85 1.20 10.22
CA TYR A 8 -4.31 0.64 9.01
C TYR A 8 -2.84 0.42 9.20
N VAL A 9 -2.42 0.77 10.39
CA VAL A 9 -1.12 0.54 10.93
C VAL A 9 -1.34 -0.07 12.30
N ILE A 10 -1.20 -1.34 12.36
CA ILE A 10 -1.43 -2.08 13.57
C ILE A 10 -0.08 -2.45 14.18
N ARG A 11 -0.03 -2.65 15.46
CA ARG A 11 1.20 -3.06 16.07
C ARG A 11 1.17 -4.53 16.37
N ASP A 12 2.16 -5.23 15.88
CA ASP A 12 2.35 -6.66 16.11
C ASP A 12 2.70 -6.89 17.61
N GLU A 13 2.84 -8.13 17.99
CA GLU A 13 3.15 -8.49 19.36
C GLU A 13 4.60 -8.16 19.67
N TRP A 14 5.42 -8.11 18.66
CA TRP A 14 6.78 -7.68 18.81
C TRP A 14 6.84 -6.15 18.67
N GLY A 15 5.75 -5.59 18.19
CA GLY A 15 5.66 -4.17 17.97
C GLY A 15 6.03 -3.79 16.56
N ASN A 16 5.98 -4.76 15.67
CA ASN A 16 6.28 -4.54 14.25
C ASN A 16 5.13 -3.77 13.63
N GLN A 17 5.44 -2.99 12.61
CA GLN A 17 4.42 -2.25 11.91
C GLN A 17 3.65 -3.13 10.98
N ILE A 18 2.45 -3.35 11.33
CA ILE A 18 1.55 -4.10 10.51
C ILE A 18 0.78 -3.14 9.69
N TRP A 19 0.96 -3.21 8.45
CA TRP A 19 0.26 -2.33 7.56
C TRP A 19 -0.84 -3.07 6.89
N ILE A 20 -1.91 -2.38 6.65
CA ILE A 20 -3.00 -2.93 5.90
C ILE A 20 -2.95 -2.36 4.50
N CYS A 21 -2.83 -3.25 3.57
CA CYS A 21 -2.76 -2.97 2.20
C CYS A 21 -4.15 -2.68 1.68
N PRO A 22 -4.39 -1.49 1.16
CA PRO A 22 -5.68 -1.14 0.57
C PRO A 22 -5.94 -1.92 -0.72
N GLY A 23 -4.96 -2.69 -1.15
CA GLY A 23 -5.12 -3.50 -2.32
C GLY A 23 -6.05 -4.66 -2.04
N CYS A 24 -5.86 -5.29 -0.90
CA CYS A 24 -6.65 -6.45 -0.53
C CYS A 24 -7.53 -6.18 0.70
N ASN A 25 -7.10 -5.19 1.49
CA ASN A 25 -7.69 -4.80 2.79
C ASN A 25 -7.23 -5.80 3.86
N LYS A 26 -6.08 -6.42 3.59
CA LYS A 26 -5.49 -7.37 4.50
C LYS A 26 -4.22 -6.80 5.14
N PRO A 27 -4.02 -7.06 6.44
CA PRO A 27 -2.83 -6.66 7.17
C PRO A 27 -1.60 -7.52 6.79
N ASP A 28 -0.43 -7.04 7.16
CA ASP A 28 0.83 -7.73 6.92
C ASP A 28 0.88 -9.10 7.56
N ASP A 29 0.99 -10.10 6.73
CA ASP A 29 1.03 -11.48 7.17
C ASP A 29 2.47 -11.97 7.21
N GLY A 30 3.38 -11.05 7.00
CA GLY A 30 4.78 -11.38 6.99
C GLY A 30 5.29 -11.39 5.59
N SER A 31 4.84 -10.44 4.82
CA SER A 31 5.15 -10.35 3.44
C SER A 31 5.78 -8.97 3.13
N PRO A 32 6.52 -8.84 2.02
CA PRO A 32 7.15 -7.58 1.66
C PRO A 32 6.11 -6.55 1.23
N MET A 33 6.23 -5.36 1.74
CA MET A 33 5.29 -4.31 1.45
C MET A 33 6.00 -3.11 0.86
N ILE A 34 5.27 -2.24 0.25
CA ILE A 34 5.82 -1.06 -0.38
C ILE A 34 4.87 0.12 -0.14
N GLY A 35 5.40 1.29 0.07
CA GLY A 35 4.58 2.45 0.32
C GLY A 35 4.51 3.36 -0.87
N CYS A 36 3.43 4.08 -1.01
CA CYS A 36 3.24 4.99 -2.12
C CYS A 36 4.07 6.25 -1.92
N ASP A 37 4.47 6.85 -3.01
CA ASP A 37 5.22 8.09 -2.97
C ASP A 37 4.27 9.27 -2.82
N ASP A 38 3.04 9.08 -3.27
CA ASP A 38 2.09 10.18 -3.30
C ASP A 38 1.18 10.19 -2.10
N CYS A 39 0.70 9.03 -1.66
CA CYS A 39 -0.22 9.06 -0.54
C CYS A 39 0.43 8.78 0.81
N ASP A 40 0.18 7.60 1.32
CA ASP A 40 0.55 7.24 2.68
C ASP A 40 0.63 5.72 2.89
N ASP A 41 -0.32 4.99 2.33
CA ASP A 41 -0.44 3.55 2.64
C ASP A 41 0.66 2.69 2.08
N TRP A 42 0.76 1.53 2.67
CA TRP A 42 1.67 0.49 2.28
C TRP A 42 0.87 -0.66 1.72
N TYR A 43 1.31 -1.16 0.61
CA TYR A 43 0.65 -2.23 -0.09
C TYR A 43 1.56 -3.41 -0.14
N HIS A 44 1.02 -4.58 -0.34
CA HIS A 44 1.85 -5.77 -0.43
C HIS A 44 2.41 -5.91 -1.83
N TRP A 45 3.63 -6.42 -1.94
CA TRP A 45 4.28 -6.65 -3.23
C TRP A 45 3.42 -7.53 -4.18
N PRO A 46 2.87 -8.69 -3.73
CA PRO A 46 1.98 -9.52 -4.59
C PRO A 46 0.68 -8.81 -4.97
N CYS A 47 0.37 -7.72 -4.31
CA CYS A 47 -0.87 -7.02 -4.55
C CYS A 47 -0.72 -5.98 -5.64
N VAL A 48 0.48 -5.50 -5.79
CA VAL A 48 0.77 -4.47 -6.76
C VAL A 48 1.61 -5.01 -7.90
N GLY A 49 2.02 -6.25 -7.78
CA GLY A 49 2.77 -6.90 -8.83
C GLY A 49 4.24 -6.58 -8.76
N ILE A 50 4.82 -6.72 -7.59
CA ILE A 50 6.22 -6.46 -7.41
C ILE A 50 6.97 -7.74 -7.07
N MET A 51 7.94 -8.02 -7.90
CA MET A 51 8.74 -9.22 -7.75
C MET A 51 9.98 -8.92 -6.94
N ALA A 52 10.47 -7.71 -7.05
CA ALA A 52 11.68 -7.28 -6.40
C ALA A 52 11.62 -5.78 -6.31
N ALA A 53 12.40 -5.21 -5.41
CA ALA A 53 12.44 -3.77 -5.16
C ALA A 53 12.57 -2.97 -6.46
N PRO A 54 11.50 -2.26 -6.86
CA PRO A 54 11.47 -1.48 -8.10
C PRO A 54 12.55 -0.38 -8.14
N PRO A 55 13.08 -0.07 -9.34
CA PRO A 55 14.10 0.95 -9.51
C PRO A 55 13.57 2.31 -9.11
N GLU A 56 14.35 3.06 -8.37
CA GLU A 56 13.90 4.36 -7.87
C GLU A 56 13.91 5.45 -8.94
N GLU A 57 14.28 5.08 -10.15
CA GLU A 57 14.20 5.98 -11.31
C GLU A 57 12.75 6.04 -11.78
N MET A 58 11.95 5.19 -11.21
CA MET A 58 10.55 5.14 -11.45
C MET A 58 9.87 5.52 -10.19
N GLN A 59 9.08 6.54 -10.23
CA GLN A 59 8.28 6.85 -9.09
C GLN A 59 7.14 5.90 -9.03
N TRP A 60 6.96 5.36 -7.90
CA TRP A 60 6.01 4.32 -7.69
C TRP A 60 4.80 4.87 -6.99
N PHE A 61 3.66 4.68 -7.58
CA PHE A 61 2.43 5.09 -7.01
C PHE A 61 1.54 3.88 -6.97
N CYS A 62 0.78 3.78 -5.92
CA CYS A 62 -0.07 2.65 -5.70
C CYS A 62 -1.19 2.57 -6.74
N PRO A 63 -1.89 1.42 -6.84
CA PRO A 63 -3.06 1.26 -7.72
C PRO A 63 -4.08 2.39 -7.55
N LYS A 64 -4.11 2.99 -6.36
CA LYS A 64 -5.03 4.04 -6.08
C LYS A 64 -4.50 5.37 -6.62
N CYS A 65 -3.25 5.67 -6.33
CA CYS A 65 -2.68 6.93 -6.77
C CYS A 65 -2.27 6.94 -8.25
N ALA A 66 -1.85 5.80 -8.76
CA ALA A 66 -1.48 5.70 -10.17
C ALA A 66 -2.71 5.90 -11.02
N ASN A 67 -3.84 5.47 -10.49
CA ASN A 67 -5.13 5.60 -11.15
C ASN A 67 -5.45 7.07 -11.40
N LYS A 68 -5.05 7.93 -10.46
CA LYS A 68 -5.32 9.38 -10.53
C LYS A 68 -4.49 10.04 -11.63
N ILE A 69 -3.44 9.35 -12.06
CA ILE A 69 -2.52 9.84 -13.06
C ILE A 69 -2.91 9.28 -14.43
N LYS A 70 -3.42 8.07 -14.43
CA LYS A 70 -3.75 7.39 -15.65
C LYS A 70 -5.13 7.75 -16.11
N LYS A 71 -5.97 8.02 -15.18
CA LYS A 71 -7.33 8.42 -15.49
C LYS A 71 -7.36 9.90 -15.76
N ASP A 72 -8.08 10.25 -16.82
CA ASP A 72 -8.32 11.62 -17.24
C ASP A 72 -7.01 12.24 -17.76
N LYS A 73 -6.99 13.52 -17.95
CA LYS A 73 -5.84 14.22 -18.45
C LYS A 73 -5.33 15.16 -17.37
N LYS A 74 -6.08 15.28 -16.31
CA LYS A 74 -5.80 16.21 -15.26
C LYS A 74 -6.11 15.55 -13.93
N HIS A 75 -6.04 16.30 -12.88
CA HIS A 75 -6.37 15.82 -11.57
C HIS A 75 -7.65 16.50 -11.13
ZN ZN B . -1.03 6.26 -3.22
ZN ZN C . -2.31 -6.86 0.22
N GLY A 1 -7.39 14.87 -2.48
CA GLY A 1 -8.80 14.70 -2.12
C GLY A 1 -9.14 15.58 -0.94
N SER A 2 -10.34 15.47 -0.48
CA SER A 2 -10.80 16.24 0.65
C SER A 2 -11.71 15.40 1.56
N HIS A 3 -11.05 14.55 2.32
CA HIS A 3 -11.64 13.65 3.30
C HIS A 3 -10.52 12.90 3.98
N MET A 4 -9.94 11.95 3.25
CA MET A 4 -8.82 11.11 3.67
C MET A 4 -9.04 10.44 5.03
N ALA A 5 -9.61 9.28 4.99
CA ALA A 5 -9.89 8.53 6.19
C ALA A 5 -8.67 7.74 6.60
N MET A 6 -8.26 7.88 7.86
CA MET A 6 -7.13 7.15 8.36
C MET A 6 -7.56 5.73 8.69
N ALA A 7 -7.63 4.93 7.68
CA ALA A 7 -8.01 3.56 7.80
C ALA A 7 -7.02 2.74 7.03
N TYR A 8 -7.21 1.41 7.05
CA TYR A 8 -6.27 0.45 6.46
C TYR A 8 -5.00 0.50 7.30
N VAL A 9 -5.20 0.85 8.55
CA VAL A 9 -4.16 1.05 9.54
C VAL A 9 -4.65 0.44 10.86
N ILE A 10 -3.92 -0.50 11.38
CA ILE A 10 -4.23 -1.15 12.63
C ILE A 10 -2.99 -1.05 13.50
N ARG A 11 -3.15 -0.97 14.79
CA ARG A 11 -2.01 -1.01 15.65
C ARG A 11 -1.75 -2.41 16.14
N ASP A 12 -0.55 -2.85 15.90
CA ASP A 12 -0.05 -4.16 16.31
C ASP A 12 -0.01 -4.27 17.83
N GLU A 13 0.26 -5.45 18.30
CA GLU A 13 0.30 -5.77 19.71
C GLU A 13 1.37 -4.95 20.42
N TRP A 14 2.46 -4.72 19.73
CA TRP A 14 3.55 -3.95 20.28
C TRP A 14 3.34 -2.45 20.01
N GLY A 15 2.36 -2.15 19.17
CA GLY A 15 2.07 -0.79 18.83
C GLY A 15 2.63 -0.40 17.50
N ASN A 16 3.15 -1.38 16.78
CA ASN A 16 3.69 -1.13 15.43
C ASN A 16 2.53 -0.86 14.51
N GLN A 17 2.79 -0.26 13.39
CA GLN A 17 1.73 0.03 12.47
C GLN A 17 1.52 -1.06 11.50
N ILE A 18 0.31 -1.38 11.36
CA ILE A 18 -0.14 -2.40 10.47
C ILE A 18 -0.88 -1.75 9.36
N TRP A 19 -0.42 -1.97 8.20
CA TRP A 19 -1.04 -1.48 7.03
C TRP A 19 -1.84 -2.53 6.37
N ILE A 20 -2.97 -2.16 5.89
CA ILE A 20 -3.80 -3.00 5.13
C ILE A 20 -3.70 -2.55 3.71
N CYS A 21 -3.35 -3.46 2.87
CA CYS A 21 -3.16 -3.22 1.51
C CYS A 21 -4.52 -3.16 0.83
N PRO A 22 -4.92 -1.99 0.31
CA PRO A 22 -6.17 -1.83 -0.43
C PRO A 22 -6.23 -2.69 -1.72
N GLY A 23 -5.17 -3.41 -2.01
CA GLY A 23 -5.17 -4.27 -3.16
C GLY A 23 -5.90 -5.57 -2.87
N CYS A 24 -5.72 -6.10 -1.68
CA CYS A 24 -6.32 -7.34 -1.26
C CYS A 24 -7.32 -7.13 -0.12
N ASN A 25 -7.09 -6.05 0.62
CA ASN A 25 -7.79 -5.69 1.86
C ASN A 25 -7.30 -6.54 3.01
N LYS A 26 -6.06 -7.00 2.88
CA LYS A 26 -5.42 -7.78 3.92
C LYS A 26 -4.34 -6.96 4.62
N PRO A 27 -4.26 -7.06 5.95
CA PRO A 27 -3.23 -6.40 6.76
C PRO A 27 -1.82 -7.02 6.60
N ASP A 28 -0.85 -6.33 7.16
CA ASP A 28 0.54 -6.77 7.20
C ASP A 28 0.72 -8.04 8.01
N ASP A 29 1.45 -8.97 7.44
CA ASP A 29 1.69 -10.28 8.02
C ASP A 29 3.21 -10.50 8.15
N GLY A 30 3.96 -9.46 7.86
CA GLY A 30 5.41 -9.57 7.86
C GLY A 30 5.92 -9.89 6.49
N SER A 31 5.13 -9.57 5.51
CA SER A 31 5.43 -9.82 4.15
C SER A 31 6.06 -8.59 3.49
N PRO A 32 6.84 -8.75 2.39
CA PRO A 32 7.45 -7.61 1.69
C PRO A 32 6.39 -6.65 1.16
N MET A 33 6.44 -5.44 1.65
CA MET A 33 5.51 -4.43 1.29
C MET A 33 6.23 -3.34 0.52
N ILE A 34 5.48 -2.53 -0.16
CA ILE A 34 6.02 -1.47 -0.95
C ILE A 34 5.27 -0.17 -0.62
N GLY A 35 5.96 0.94 -0.64
CA GLY A 35 5.35 2.21 -0.29
C GLY A 35 5.18 3.09 -1.50
N CYS A 36 4.17 3.93 -1.47
CA CYS A 36 3.86 4.81 -2.58
C CYS A 36 4.76 6.05 -2.56
N ASP A 37 4.57 6.89 -3.53
CA ASP A 37 5.28 8.14 -3.63
C ASP A 37 4.30 9.29 -3.37
N ASP A 38 3.00 9.00 -3.49
CA ASP A 38 1.98 10.02 -3.26
C ASP A 38 1.46 9.92 -1.84
N CYS A 39 1.16 8.71 -1.39
CA CYS A 39 0.69 8.49 -0.05
C CYS A 39 1.83 7.97 0.81
N ASP A 40 1.56 7.71 2.06
CA ASP A 40 2.60 7.26 2.98
C ASP A 40 2.26 5.86 3.50
N ASP A 41 1.37 5.19 2.80
CA ASP A 41 0.93 3.90 3.25
C ASP A 41 1.58 2.78 2.46
N TRP A 42 1.53 1.59 2.98
CA TRP A 42 2.22 0.45 2.39
C TRP A 42 1.25 -0.58 1.82
N TYR A 43 1.62 -1.15 0.68
CA TYR A 43 0.85 -2.18 -0.02
C TYR A 43 1.73 -3.42 -0.14
N HIS A 44 1.20 -4.54 -0.53
CA HIS A 44 2.01 -5.75 -0.65
C HIS A 44 2.51 -5.95 -2.06
N TRP A 45 3.68 -6.58 -2.20
CA TRP A 45 4.28 -6.88 -3.51
C TRP A 45 3.37 -7.70 -4.47
N PRO A 46 2.84 -8.89 -4.05
CA PRO A 46 1.99 -9.72 -4.93
C PRO A 46 0.68 -9.05 -5.35
N CYS A 47 0.28 -8.04 -4.61
CA CYS A 47 -0.97 -7.37 -4.85
C CYS A 47 -0.86 -6.36 -5.97
N VAL A 48 0.30 -5.80 -6.12
CA VAL A 48 0.51 -4.77 -7.11
C VAL A 48 1.37 -5.27 -8.26
N GLY A 49 2.15 -6.30 -8.00
CA GLY A 49 2.97 -6.87 -9.04
C GLY A 49 4.41 -6.48 -8.90
N ILE A 50 4.97 -6.76 -7.74
CA ILE A 50 6.37 -6.50 -7.51
C ILE A 50 7.07 -7.83 -7.34
N MET A 51 7.99 -8.12 -8.21
CA MET A 51 8.73 -9.36 -8.14
C MET A 51 9.94 -9.15 -7.25
N ALA A 52 10.57 -8.00 -7.39
CA ALA A 52 11.78 -7.69 -6.69
C ALA A 52 11.76 -6.24 -6.35
N ALA A 53 12.48 -5.87 -5.30
CA ALA A 53 12.53 -4.50 -4.79
C ALA A 53 12.91 -3.49 -5.86
N PRO A 54 11.95 -2.64 -6.28
CA PRO A 54 12.20 -1.59 -7.26
C PRO A 54 13.16 -0.54 -6.71
N PRO A 55 13.93 0.14 -7.59
CA PRO A 55 14.90 1.16 -7.18
C PRO A 55 14.26 2.24 -6.31
N GLU A 56 15.04 2.76 -5.41
CA GLU A 56 14.60 3.81 -4.50
C GLU A 56 14.32 5.13 -5.24
N GLU A 57 14.96 5.31 -6.38
CA GLU A 57 14.74 6.47 -7.23
C GLU A 57 13.44 6.32 -8.02
N MET A 58 12.90 5.13 -8.03
CA MET A 58 11.71 4.84 -8.79
C MET A 58 10.48 5.24 -8.03
N GLN A 59 9.71 6.11 -8.62
CA GLN A 59 8.46 6.50 -8.08
C GLN A 59 7.47 5.45 -8.43
N TRP A 60 6.81 5.00 -7.46
CA TRP A 60 5.86 3.96 -7.61
C TRP A 60 4.58 4.44 -7.03
N PHE A 61 3.50 4.14 -7.70
CA PHE A 61 2.22 4.56 -7.26
C PHE A 61 1.34 3.35 -7.16
N CYS A 62 0.59 3.30 -6.11
CA CYS A 62 -0.27 2.21 -5.85
C CYS A 62 -1.52 2.31 -6.71
N PRO A 63 -2.33 1.22 -6.79
CA PRO A 63 -3.60 1.22 -7.52
C PRO A 63 -4.49 2.43 -7.17
N LYS A 64 -4.38 2.90 -5.93
CA LYS A 64 -5.22 4.01 -5.48
C LYS A 64 -4.67 5.36 -5.94
N CYS A 65 -3.38 5.56 -5.84
CA CYS A 65 -2.82 6.81 -6.31
C CYS A 65 -2.67 6.84 -7.83
N ALA A 66 -2.66 5.68 -8.44
CA ALA A 66 -2.68 5.60 -9.88
C ALA A 66 -4.04 6.04 -10.40
N ASN A 67 -5.07 5.94 -9.54
CA ASN A 67 -6.41 6.43 -9.87
C ASN A 67 -6.49 7.94 -9.70
N LYS A 68 -5.47 8.52 -9.09
CA LYS A 68 -5.38 9.95 -8.95
C LYS A 68 -4.72 10.51 -10.19
N ILE A 69 -3.51 10.02 -10.43
CA ILE A 69 -2.67 10.46 -11.54
C ILE A 69 -3.30 10.10 -12.88
N LYS A 70 -3.61 8.80 -13.03
CA LYS A 70 -4.16 8.20 -14.21
C LYS A 70 -3.23 8.41 -15.41
N LYS A 71 -3.66 7.92 -16.53
CA LYS A 71 -3.04 8.25 -17.78
C LYS A 71 -4.08 9.03 -18.56
N ASP A 72 -5.31 8.51 -18.51
CA ASP A 72 -6.53 9.14 -19.05
C ASP A 72 -6.58 9.15 -20.57
N LYS A 73 -7.76 8.76 -21.09
CA LYS A 73 -8.09 8.81 -22.52
C LYS A 73 -7.30 7.78 -23.34
N LYS A 74 -7.89 7.28 -24.41
CA LYS A 74 -7.18 6.34 -25.28
C LYS A 74 -6.41 7.09 -26.35
N HIS A 75 -5.38 7.73 -25.91
CA HIS A 75 -4.53 8.55 -26.72
C HIS A 75 -3.27 8.77 -25.92
ZN ZN B . -0.46 5.93 -3.06
ZN ZN C . -1.94 -6.98 -0.17
N GLY A 1 -6.03 7.07 15.50
CA GLY A 1 -6.25 8.03 16.59
C GLY A 1 -6.44 9.41 16.01
N SER A 2 -5.72 10.38 16.52
CA SER A 2 -5.73 11.71 15.94
C SER A 2 -5.10 11.61 14.55
N HIS A 3 -4.04 10.86 14.49
CA HIS A 3 -3.42 10.53 13.24
C HIS A 3 -3.78 9.10 12.95
N MET A 4 -3.70 8.72 11.69
CA MET A 4 -4.10 7.41 11.22
C MET A 4 -5.62 7.27 11.32
N ALA A 5 -6.14 6.17 10.92
CA ALA A 5 -7.55 5.93 10.97
C ALA A 5 -7.92 5.30 12.32
N MET A 6 -9.12 4.73 12.41
CA MET A 6 -9.56 4.05 13.63
C MET A 6 -8.83 2.74 13.78
N ALA A 7 -8.34 2.25 12.65
CA ALA A 7 -7.57 1.05 12.58
C ALA A 7 -6.97 0.90 11.20
N TYR A 8 -6.76 -0.37 10.79
CA TYR A 8 -6.04 -0.73 9.57
C TYR A 8 -4.57 -0.59 9.83
N VAL A 9 -4.31 -0.65 11.13
CA VAL A 9 -3.05 -0.58 11.70
C VAL A 9 -3.05 -1.51 12.91
N ILE A 10 -2.36 -2.57 12.78
CA ILE A 10 -2.33 -3.57 13.82
C ILE A 10 -0.89 -3.67 14.27
N ARG A 11 -0.65 -4.08 15.46
CA ARG A 11 0.69 -4.26 15.89
C ARG A 11 1.03 -5.71 15.82
N ASP A 12 2.20 -5.97 15.34
CA ASP A 12 2.74 -7.31 15.25
C ASP A 12 3.25 -7.72 16.65
N GLU A 13 3.78 -8.92 16.77
CA GLU A 13 4.26 -9.43 18.03
C GLU A 13 5.56 -8.71 18.42
N TRP A 14 6.32 -8.28 17.41
CA TRP A 14 7.53 -7.53 17.66
C TRP A 14 7.16 -6.06 17.95
N GLY A 15 5.92 -5.72 17.69
CA GLY A 15 5.46 -4.36 17.87
C GLY A 15 5.59 -3.57 16.60
N ASN A 16 5.70 -4.28 15.50
CA ASN A 16 5.81 -3.68 14.18
C ASN A 16 4.44 -3.26 13.72
N GLN A 17 4.37 -2.31 12.85
CA GLN A 17 3.09 -1.88 12.35
C GLN A 17 2.66 -2.74 11.20
N ILE A 18 1.57 -3.37 11.40
CA ILE A 18 0.93 -4.13 10.40
C ILE A 18 -0.02 -3.22 9.71
N TRP A 19 0.26 -2.98 8.49
CA TRP A 19 -0.53 -2.09 7.72
C TRP A 19 -1.46 -2.90 6.85
N ILE A 20 -2.61 -2.37 6.61
CA ILE A 20 -3.56 -3.04 5.77
C ILE A 20 -3.57 -2.42 4.38
N CYS A 21 -3.04 -3.20 3.44
CA CYS A 21 -2.91 -2.88 2.05
C CYS A 21 -4.27 -2.52 1.45
N PRO A 22 -4.44 -1.26 1.01
CA PRO A 22 -5.69 -0.78 0.38
C PRO A 22 -6.05 -1.56 -0.90
N GLY A 23 -5.11 -2.33 -1.41
CA GLY A 23 -5.35 -3.09 -2.61
C GLY A 23 -6.20 -4.33 -2.38
N CYS A 24 -6.00 -5.00 -1.25
CA CYS A 24 -6.71 -6.25 -0.99
C CYS A 24 -7.55 -6.18 0.29
N ASN A 25 -7.25 -5.17 1.11
CA ASN A 25 -7.87 -4.93 2.42
C ASN A 25 -7.33 -5.99 3.41
N LYS A 26 -6.17 -6.56 3.08
CA LYS A 26 -5.51 -7.52 3.94
C LYS A 26 -4.36 -6.86 4.70
N PRO A 27 -4.17 -7.24 5.94
CA PRO A 27 -3.04 -6.79 6.73
C PRO A 27 -1.76 -7.49 6.28
N ASP A 28 -0.62 -6.89 6.58
CA ASP A 28 0.69 -7.48 6.29
C ASP A 28 0.78 -8.92 6.75
N ASP A 29 1.08 -9.77 5.82
CA ASP A 29 1.12 -11.21 6.03
C ASP A 29 2.50 -11.64 6.46
N GLY A 30 3.35 -10.67 6.67
CA GLY A 30 4.71 -10.93 7.01
C GLY A 30 5.51 -10.98 5.76
N SER A 31 5.14 -10.12 4.85
CA SER A 31 5.74 -10.06 3.57
C SER A 31 6.29 -8.66 3.36
N PRO A 32 7.21 -8.44 2.41
CA PRO A 32 7.74 -7.12 2.14
C PRO A 32 6.65 -6.21 1.60
N MET A 33 6.57 -5.02 2.14
CA MET A 33 5.55 -4.09 1.74
C MET A 33 6.19 -2.94 1.02
N ILE A 34 5.44 -2.30 0.17
CA ILE A 34 5.92 -1.18 -0.58
C ILE A 34 4.99 0.01 -0.34
N GLY A 35 5.57 1.17 -0.18
CA GLY A 35 4.77 2.36 0.06
C GLY A 35 4.70 3.20 -1.18
N CYS A 36 3.71 4.04 -1.27
CA CYS A 36 3.55 4.89 -2.42
C CYS A 36 4.55 6.04 -2.38
N ASP A 37 4.65 6.75 -3.46
CA ASP A 37 5.54 7.88 -3.56
C ASP A 37 4.77 9.12 -3.15
N ASP A 38 3.46 9.05 -3.32
CA ASP A 38 2.61 10.19 -3.06
C ASP A 38 1.96 10.08 -1.68
N CYS A 39 1.37 8.94 -1.37
CA CYS A 39 0.75 8.76 -0.08
C CYS A 39 1.67 7.98 0.86
N ASP A 40 1.22 7.75 2.08
CA ASP A 40 2.07 7.09 3.07
C ASP A 40 1.57 5.69 3.39
N ASP A 41 0.63 5.21 2.59
CA ASP A 41 0.09 3.88 2.81
C ASP A 41 0.98 2.82 2.21
N TRP A 42 0.93 1.65 2.79
CA TRP A 42 1.77 0.54 2.37
C TRP A 42 0.95 -0.59 1.80
N TYR A 43 1.45 -1.16 0.74
CA TYR A 43 0.81 -2.23 0.03
C TYR A 43 1.71 -3.45 0.05
N HIS A 44 1.14 -4.58 -0.23
CA HIS A 44 1.92 -5.82 -0.29
C HIS A 44 2.56 -5.93 -1.66
N TRP A 45 3.77 -6.47 -1.71
CA TRP A 45 4.46 -6.73 -2.98
C TRP A 45 3.61 -7.53 -4.02
N PRO A 46 2.97 -8.69 -3.65
CA PRO A 46 2.14 -9.48 -4.58
C PRO A 46 0.90 -8.75 -5.10
N CYS A 47 0.42 -7.76 -4.37
CA CYS A 47 -0.79 -7.06 -4.76
C CYS A 47 -0.54 -6.09 -5.90
N VAL A 48 0.67 -5.64 -5.98
CA VAL A 48 1.05 -4.68 -6.99
C VAL A 48 2.05 -5.29 -7.98
N GLY A 49 2.43 -6.53 -7.73
CA GLY A 49 3.31 -7.25 -8.62
C GLY A 49 4.73 -6.78 -8.58
N ILE A 50 5.24 -6.57 -7.38
CA ILE A 50 6.61 -6.14 -7.21
C ILE A 50 7.56 -7.29 -7.34
N MET A 51 7.44 -8.12 -6.39
CA MET A 51 8.12 -9.39 -6.23
C MET A 51 9.64 -9.29 -6.00
N ALA A 52 10.20 -8.14 -6.28
CA ALA A 52 11.61 -7.87 -6.14
C ALA A 52 11.77 -6.38 -6.03
N ALA A 53 12.77 -5.94 -5.27
CA ALA A 53 13.01 -4.53 -4.98
C ALA A 53 13.07 -3.68 -6.25
N PRO A 54 12.05 -2.84 -6.46
CA PRO A 54 11.96 -2.00 -7.66
C PRO A 54 13.07 -0.96 -7.72
N PRO A 55 13.73 -0.82 -8.88
CA PRO A 55 14.76 0.21 -9.07
C PRO A 55 14.14 1.61 -8.95
N GLU A 56 14.88 2.53 -8.32
CA GLU A 56 14.37 3.87 -8.05
C GLU A 56 14.35 4.76 -9.30
N GLU A 57 14.77 4.20 -10.42
CA GLU A 57 14.67 4.89 -11.71
C GLU A 57 13.19 4.98 -12.09
N MET A 58 12.39 4.13 -11.48
CA MET A 58 10.99 4.08 -11.69
C MET A 58 10.29 4.71 -10.51
N GLN A 59 9.45 5.64 -10.78
CA GLN A 59 8.63 6.20 -9.75
C GLN A 59 7.45 5.30 -9.60
N TRP A 60 7.05 5.09 -8.39
CA TRP A 60 6.04 4.11 -8.12
C TRP A 60 4.91 4.73 -7.37
N PHE A 61 3.76 4.67 -7.96
CA PHE A 61 2.55 5.16 -7.37
C PHE A 61 1.61 4.00 -7.29
N CYS A 62 0.92 3.90 -6.19
CA CYS A 62 0.04 2.79 -5.94
C CYS A 62 -1.14 2.77 -6.92
N PRO A 63 -1.83 1.62 -7.07
CA PRO A 63 -3.01 1.48 -7.93
C PRO A 63 -4.14 2.47 -7.56
N LYS A 64 -4.07 3.05 -6.36
CA LYS A 64 -5.06 4.00 -5.93
C LYS A 64 -4.74 5.37 -6.47
N CYS A 65 -3.51 5.81 -6.30
CA CYS A 65 -3.08 7.07 -6.84
C CYS A 65 -3.04 7.03 -8.36
N ALA A 66 -2.57 5.93 -8.90
CA ALA A 66 -2.49 5.76 -10.35
C ALA A 66 -3.86 5.83 -11.00
N ASN A 67 -4.87 5.40 -10.27
CA ASN A 67 -6.25 5.42 -10.75
C ASN A 67 -6.74 6.84 -10.97
N LYS A 68 -6.42 7.72 -10.03
CA LYS A 68 -6.87 9.09 -10.11
C LYS A 68 -6.00 9.91 -11.08
N ILE A 69 -4.70 9.58 -11.14
CA ILE A 69 -3.78 10.20 -12.09
C ILE A 69 -4.28 9.86 -13.48
N LYS A 70 -4.58 8.58 -13.65
CA LYS A 70 -5.10 8.00 -14.84
C LYS A 70 -4.15 8.27 -16.03
N LYS A 71 -4.68 8.34 -17.28
CA LYS A 71 -3.90 8.45 -18.49
C LYS A 71 -2.87 7.33 -18.60
N ASP A 72 -3.21 6.23 -17.95
CA ASP A 72 -2.41 5.06 -17.95
C ASP A 72 -2.69 4.32 -19.21
N LYS A 73 -1.70 4.19 -19.99
CA LYS A 73 -1.77 3.55 -21.24
C LYS A 73 -0.56 2.66 -21.42
N LYS A 74 0.58 3.10 -20.88
CA LYS A 74 1.77 2.29 -20.95
C LYS A 74 2.67 2.60 -19.76
N HIS A 75 3.44 1.61 -19.38
CA HIS A 75 4.40 1.71 -18.32
C HIS A 75 5.73 1.24 -18.89
ZN ZN B . -0.65 6.24 -3.37
ZN ZN C . -2.33 -6.26 -0.23
N GLY A 1 -11.06 -7.12 9.50
CA GLY A 1 -11.28 -6.51 10.80
C GLY A 1 -12.60 -6.92 11.37
N SER A 2 -12.77 -8.18 11.66
CA SER A 2 -14.00 -8.68 12.17
C SER A 2 -14.01 -8.72 13.69
N HIS A 3 -12.85 -8.97 14.28
CA HIS A 3 -12.76 -9.08 15.74
C HIS A 3 -11.86 -7.98 16.33
N MET A 4 -10.96 -7.46 15.54
CA MET A 4 -10.03 -6.42 16.01
C MET A 4 -10.47 -5.04 15.47
N ALA A 5 -11.78 -4.93 15.22
CA ALA A 5 -12.44 -3.73 14.69
C ALA A 5 -12.08 -3.45 13.23
N MET A 6 -12.83 -2.58 12.61
CA MET A 6 -12.63 -2.26 11.22
C MET A 6 -11.85 -0.98 11.10
N ALA A 7 -10.63 -1.09 10.63
CA ALA A 7 -9.75 0.03 10.43
C ALA A 7 -8.63 -0.42 9.53
N TYR A 8 -7.72 0.47 9.23
CA TYR A 8 -6.63 0.19 8.32
C TYR A 8 -5.32 0.16 9.06
N VAL A 9 -5.39 0.56 10.30
CA VAL A 9 -4.25 0.59 11.19
C VAL A 9 -4.57 -0.21 12.43
N ILE A 10 -3.69 -1.11 12.78
CA ILE A 10 -3.84 -1.96 13.95
C ILE A 10 -2.58 -1.80 14.78
N ARG A 11 -2.68 -1.83 16.09
CA ARG A 11 -1.48 -1.76 16.89
C ARG A 11 -1.01 -3.16 17.18
N ASP A 12 0.16 -3.48 16.69
CA ASP A 12 0.77 -4.80 16.90
C ASP A 12 1.21 -4.91 18.37
N GLU A 13 1.71 -6.05 18.78
CA GLU A 13 2.17 -6.28 20.14
C GLU A 13 3.49 -5.55 20.36
N TRP A 14 4.17 -5.31 19.26
CA TRP A 14 5.39 -4.51 19.26
C TRP A 14 5.00 -3.01 19.14
N GLY A 15 3.69 -2.77 19.05
CA GLY A 15 3.13 -1.43 18.96
C GLY A 15 3.29 -0.83 17.59
N ASN A 16 3.59 -1.67 16.62
CA ASN A 16 3.72 -1.23 15.25
C ASN A 16 2.38 -0.82 14.72
N GLN A 17 2.32 0.32 14.08
CA GLN A 17 1.09 0.80 13.47
C GLN A 17 0.89 0.13 12.14
N ILE A 18 0.38 -1.07 12.25
CA ILE A 18 0.16 -2.01 11.15
C ILE A 18 -0.63 -1.40 10.01
N TRP A 19 -0.17 -1.66 8.81
CA TRP A 19 -0.73 -1.13 7.62
C TRP A 19 -1.56 -2.20 6.93
N ILE A 20 -2.74 -1.84 6.53
CA ILE A 20 -3.57 -2.72 5.77
C ILE A 20 -3.52 -2.31 4.31
N CYS A 21 -3.01 -3.21 3.48
CA CYS A 21 -2.88 -3.04 2.05
C CYS A 21 -4.24 -2.79 1.42
N PRO A 22 -4.48 -1.59 0.90
CA PRO A 22 -5.74 -1.23 0.21
C PRO A 22 -5.97 -2.00 -1.11
N GLY A 23 -5.08 -2.92 -1.42
CA GLY A 23 -5.24 -3.73 -2.59
C GLY A 23 -6.09 -4.94 -2.30
N CYS A 24 -5.82 -5.60 -1.21
CA CYS A 24 -6.51 -6.83 -0.84
C CYS A 24 -7.28 -6.63 0.45
N ASN A 25 -6.84 -5.66 1.20
CA ASN A 25 -7.31 -5.32 2.52
C ASN A 25 -6.88 -6.36 3.53
N LYS A 26 -5.58 -6.56 3.58
CA LYS A 26 -4.93 -7.40 4.55
C LYS A 26 -3.81 -6.63 5.21
N PRO A 27 -3.64 -6.80 6.52
CA PRO A 27 -2.55 -6.16 7.28
C PRO A 27 -1.18 -6.80 7.03
N ASP A 28 -0.13 -6.19 7.59
CA ASP A 28 1.24 -6.76 7.60
C ASP A 28 1.18 -8.20 8.05
N ASP A 29 1.34 -9.13 7.13
CA ASP A 29 1.25 -10.54 7.48
C ASP A 29 2.63 -11.16 7.57
N GLY A 30 3.61 -10.46 7.06
CA GLY A 30 4.95 -10.98 7.05
C GLY A 30 5.53 -10.94 5.67
N SER A 31 4.66 -10.88 4.70
CA SER A 31 5.05 -10.76 3.32
C SER A 31 5.63 -9.35 3.07
N PRO A 32 6.45 -9.20 2.02
CA PRO A 32 7.09 -7.93 1.70
C PRO A 32 6.07 -6.88 1.28
N MET A 33 6.26 -5.69 1.77
CA MET A 33 5.35 -4.61 1.56
C MET A 33 6.08 -3.39 1.04
N ILE A 34 5.39 -2.64 0.23
CA ILE A 34 5.94 -1.46 -0.38
C ILE A 34 4.97 -0.30 -0.14
N GLY A 35 5.49 0.90 -0.02
CA GLY A 35 4.64 2.04 0.22
C GLY A 35 4.60 2.97 -0.96
N CYS A 36 3.45 3.61 -1.17
CA CYS A 36 3.29 4.55 -2.25
C CYS A 36 4.09 5.81 -1.98
N ASP A 37 4.43 6.50 -3.02
CA ASP A 37 5.17 7.74 -2.91
C ASP A 37 4.21 8.89 -2.71
N ASP A 38 2.96 8.72 -3.15
CA ASP A 38 1.98 9.79 -3.02
C ASP A 38 1.20 9.66 -1.72
N CYS A 39 0.77 8.46 -1.41
CA CYS A 39 0.03 8.26 -0.18
C CYS A 39 0.95 7.69 0.88
N ASP A 40 0.43 7.43 2.03
CA ASP A 40 1.21 6.92 3.12
C ASP A 40 0.79 5.48 3.43
N ASP A 41 0.07 4.91 2.52
CA ASP A 41 -0.41 3.56 2.66
C ASP A 41 0.61 2.57 2.14
N TRP A 42 0.57 1.37 2.69
CA TRP A 42 1.48 0.32 2.34
C TRP A 42 0.74 -0.86 1.78
N TYR A 43 1.30 -1.43 0.76
CA TYR A 43 0.69 -2.52 0.03
C TYR A 43 1.64 -3.68 0.01
N HIS A 44 1.14 -4.85 -0.26
CA HIS A 44 1.98 -6.03 -0.35
C HIS A 44 2.53 -6.15 -1.76
N TRP A 45 3.75 -6.65 -1.88
CA TRP A 45 4.40 -6.86 -3.18
C TRP A 45 3.51 -7.62 -4.21
N PRO A 46 2.95 -8.82 -3.88
CA PRO A 46 2.12 -9.60 -4.83
C PRO A 46 0.77 -8.93 -5.16
N CYS A 47 0.41 -7.89 -4.42
CA CYS A 47 -0.84 -7.21 -4.64
C CYS A 47 -0.71 -6.14 -5.70
N VAL A 48 0.43 -5.53 -5.73
CA VAL A 48 0.67 -4.45 -6.63
C VAL A 48 1.53 -4.87 -7.81
N GLY A 49 2.18 -6.01 -7.68
CA GLY A 49 2.95 -6.53 -8.76
C GLY A 49 4.41 -6.18 -8.66
N ILE A 50 4.99 -6.38 -7.50
CA ILE A 50 6.40 -6.15 -7.33
C ILE A 50 7.13 -7.45 -7.49
N MET A 51 7.78 -7.59 -8.61
CA MET A 51 8.55 -8.78 -8.90
C MET A 51 9.97 -8.64 -8.34
N ALA A 52 10.36 -7.40 -8.09
CA ALA A 52 11.64 -7.04 -7.53
C ALA A 52 11.57 -5.59 -7.20
N ALA A 53 12.33 -5.17 -6.19
CA ALA A 53 12.38 -3.78 -5.73
C ALA A 53 12.49 -2.83 -6.92
N PRO A 54 11.43 -2.04 -7.18
CA PRO A 54 11.37 -1.12 -8.30
C PRO A 54 12.48 -0.08 -8.25
N PRO A 55 13.09 0.23 -9.40
CA PRO A 55 14.19 1.17 -9.49
C PRO A 55 13.80 2.54 -8.99
N GLU A 56 14.67 3.13 -8.20
CA GLU A 56 14.47 4.46 -7.61
C GLU A 56 14.32 5.55 -8.69
N GLU A 57 14.83 5.25 -9.89
CA GLU A 57 14.75 6.16 -11.02
C GLU A 57 13.33 6.18 -11.60
N MET A 58 12.45 5.41 -11.01
CA MET A 58 11.07 5.38 -11.38
C MET A 58 10.27 5.68 -10.13
N GLN A 59 9.20 6.42 -10.27
CA GLN A 59 8.35 6.70 -9.14
C GLN A 59 7.39 5.55 -8.99
N TRP A 60 7.03 5.22 -7.81
CA TRP A 60 6.14 4.11 -7.62
C TRP A 60 4.86 4.57 -6.99
N PHE A 61 3.76 4.20 -7.61
CA PHE A 61 2.45 4.53 -7.11
C PHE A 61 1.61 3.27 -7.10
N CYS A 62 0.74 3.18 -6.14
CA CYS A 62 -0.12 2.05 -5.98
C CYS A 62 -1.26 2.09 -7.00
N PRO A 63 -1.98 0.96 -7.21
CA PRO A 63 -3.15 0.92 -8.11
C PRO A 63 -4.19 2.01 -7.78
N LYS A 64 -4.17 2.48 -6.54
CA LYS A 64 -5.08 3.49 -6.08
C LYS A 64 -4.61 4.88 -6.56
N CYS A 65 -3.37 5.23 -6.28
CA CYS A 65 -2.87 6.53 -6.67
C CYS A 65 -2.47 6.60 -8.14
N ALA A 66 -2.11 5.47 -8.72
CA ALA A 66 -1.68 5.42 -10.13
C ALA A 66 -2.76 5.89 -11.08
N ASN A 67 -4.02 5.69 -10.73
CA ASN A 67 -5.13 6.18 -11.54
C ASN A 67 -5.27 7.69 -11.38
N LYS A 68 -5.01 8.12 -10.18
CA LYS A 68 -5.11 9.53 -9.79
C LYS A 68 -3.98 10.36 -10.42
N ILE A 69 -2.95 9.68 -10.91
CA ILE A 69 -1.81 10.30 -11.54
C ILE A 69 -2.21 11.02 -12.84
N LYS A 70 -3.32 10.55 -13.47
CA LYS A 70 -3.88 11.05 -14.71
C LYS A 70 -2.84 11.07 -15.84
N LYS A 71 -1.96 10.07 -15.81
CA LYS A 71 -0.83 9.89 -16.71
C LYS A 71 0.30 10.85 -16.37
N ASP A 72 0.01 12.15 -16.36
CA ASP A 72 0.96 13.24 -15.97
C ASP A 72 2.16 13.39 -16.92
N LYS A 73 2.80 12.31 -17.26
CA LYS A 73 3.92 12.31 -18.18
C LYS A 73 3.40 12.44 -19.59
N LYS A 74 3.83 13.48 -20.27
CA LYS A 74 3.40 13.80 -21.63
C LYS A 74 3.72 12.70 -22.61
N HIS A 75 4.83 12.17 -22.44
CA HIS A 75 5.28 11.05 -23.23
C HIS A 75 5.16 9.82 -22.40
ZN ZN B . -0.82 5.76 -3.20
ZN ZN C . -2.19 -6.66 -0.15
N GLY A 1 -4.90 12.18 13.96
CA GLY A 1 -6.31 11.84 14.13
C GLY A 1 -7.18 12.62 13.17
N SER A 2 -7.85 13.65 13.70
CA SER A 2 -8.70 14.57 12.93
C SER A 2 -9.89 13.84 12.26
N HIS A 3 -10.16 12.61 12.73
CA HIS A 3 -11.22 11.74 12.22
C HIS A 3 -10.94 11.35 10.77
N MET A 4 -10.15 10.29 10.60
CA MET A 4 -9.76 9.83 9.26
C MET A 4 -10.93 9.17 8.54
N ALA A 5 -11.86 8.63 9.34
CA ALA A 5 -13.11 8.00 8.86
C ALA A 5 -12.81 6.82 7.94
N MET A 6 -11.74 6.13 8.26
CA MET A 6 -11.25 4.99 7.54
C MET A 6 -10.56 4.17 8.56
N ALA A 7 -10.38 2.93 8.31
CA ALA A 7 -9.73 2.11 9.27
C ALA A 7 -8.37 1.67 8.83
N TYR A 8 -8.25 0.39 8.53
CA TYR A 8 -7.00 -0.22 8.10
C TYR A 8 -5.98 -0.21 9.24
N VAL A 9 -6.48 -0.17 10.45
CA VAL A 9 -5.65 -0.08 11.63
C VAL A 9 -5.86 -1.27 12.54
N ILE A 10 -4.78 -1.97 12.80
CA ILE A 10 -4.77 -3.05 13.75
C ILE A 10 -3.65 -2.75 14.69
N ARG A 11 -3.85 -2.98 15.95
CA ARG A 11 -2.78 -2.78 16.88
C ARG A 11 -2.09 -4.06 17.24
N ASP A 12 -0.83 -4.05 16.98
CA ASP A 12 0.11 -5.10 17.32
C ASP A 12 0.19 -5.24 18.84
N GLU A 13 0.89 -6.25 19.27
CA GLU A 13 1.05 -6.57 20.67
C GLU A 13 1.74 -5.44 21.43
N TRP A 14 2.57 -4.71 20.73
CA TRP A 14 3.29 -3.61 21.33
C TRP A 14 2.59 -2.28 21.04
N GLY A 15 1.39 -2.35 20.50
CA GLY A 15 0.60 -1.16 20.22
C GLY A 15 0.90 -0.57 18.87
N ASN A 16 1.78 -1.22 18.11
CA ASN A 16 2.16 -0.73 16.78
C ASN A 16 0.96 -0.80 15.87
N GLN A 17 0.75 0.20 15.07
CA GLN A 17 -0.33 0.16 14.13
C GLN A 17 0.11 -0.57 12.90
N ILE A 18 -0.65 -1.53 12.55
CA ILE A 18 -0.38 -2.35 11.43
C ILE A 18 -1.04 -1.77 10.21
N TRP A 19 -0.26 -1.64 9.18
CA TRP A 19 -0.71 -1.17 7.91
C TRP A 19 -1.43 -2.28 7.15
N ILE A 20 -2.43 -1.90 6.40
CA ILE A 20 -3.24 -2.83 5.63
C ILE A 20 -3.36 -2.38 4.18
N CYS A 21 -3.06 -3.29 3.29
CA CYS A 21 -3.12 -3.12 1.89
C CYS A 21 -4.58 -3.08 1.46
N PRO A 22 -5.04 -1.97 0.91
CA PRO A 22 -6.41 -1.85 0.40
C PRO A 22 -6.66 -2.72 -0.84
N GLY A 23 -5.64 -3.44 -1.30
CA GLY A 23 -5.80 -4.30 -2.43
C GLY A 23 -6.54 -5.56 -2.07
N CYS A 24 -6.12 -6.19 -1.00
CA CYS A 24 -6.68 -7.46 -0.57
C CYS A 24 -7.42 -7.31 0.75
N ASN A 25 -7.10 -6.22 1.47
CA ASN A 25 -7.62 -5.89 2.80
C ASN A 25 -6.83 -6.68 3.87
N LYS A 26 -5.64 -7.14 3.47
CA LYS A 26 -4.76 -7.83 4.39
C LYS A 26 -3.70 -6.90 4.97
N PRO A 27 -3.42 -7.05 6.26
CA PRO A 27 -2.33 -6.34 6.93
C PRO A 27 -0.99 -6.95 6.55
N ASP A 28 0.08 -6.32 6.99
CA ASP A 28 1.38 -6.90 6.82
C ASP A 28 1.43 -8.26 7.50
N ASP A 29 1.68 -9.26 6.73
CA ASP A 29 1.63 -10.64 7.19
C ASP A 29 3.08 -11.10 7.38
N GLY A 30 3.97 -10.14 7.58
CA GLY A 30 5.38 -10.42 7.56
C GLY A 30 5.74 -10.55 6.13
N SER A 31 5.36 -9.55 5.38
CA SER A 31 5.35 -9.62 3.97
C SER A 31 6.13 -8.48 3.32
N PRO A 32 6.55 -8.65 2.05
CA PRO A 32 7.19 -7.60 1.31
C PRO A 32 6.14 -6.60 0.82
N MET A 33 6.13 -5.46 1.42
CA MET A 33 5.17 -4.46 1.06
C MET A 33 5.87 -3.26 0.49
N ILE A 34 5.13 -2.43 -0.14
CA ILE A 34 5.67 -1.28 -0.74
C ILE A 34 4.81 -0.07 -0.39
N GLY A 35 5.45 1.01 -0.03
CA GLY A 35 4.76 2.21 0.33
C GLY A 35 4.69 3.14 -0.83
N CYS A 36 3.70 3.99 -0.83
CA CYS A 36 3.52 4.94 -1.90
C CYS A 36 4.44 6.13 -1.70
N ASP A 37 4.54 6.94 -2.72
CA ASP A 37 5.29 8.17 -2.64
C ASP A 37 4.35 9.29 -2.26
N ASP A 38 3.11 9.17 -2.68
CA ASP A 38 2.09 10.19 -2.41
C ASP A 38 1.37 9.87 -1.13
N CYS A 39 1.15 8.61 -0.91
CA CYS A 39 0.52 8.17 0.31
C CYS A 39 1.60 7.73 1.29
N ASP A 40 1.21 7.52 2.50
CA ASP A 40 2.13 7.02 3.52
C ASP A 40 1.73 5.60 3.81
N ASP A 41 0.86 5.08 2.98
CA ASP A 41 0.25 3.78 3.17
C ASP A 41 1.05 2.72 2.43
N TRP A 42 0.67 1.47 2.61
CA TRP A 42 1.43 0.35 2.08
C TRP A 42 0.54 -0.66 1.34
N TYR A 43 1.05 -1.16 0.23
CA TYR A 43 0.43 -2.22 -0.54
C TYR A 43 1.39 -3.40 -0.57
N HIS A 44 0.89 -4.58 -0.83
CA HIS A 44 1.78 -5.74 -0.93
C HIS A 44 2.36 -5.84 -2.32
N TRP A 45 3.57 -6.36 -2.42
CA TRP A 45 4.22 -6.58 -3.71
C TRP A 45 3.36 -7.41 -4.70
N PRO A 46 2.86 -8.62 -4.32
CA PRO A 46 2.03 -9.44 -5.22
C PRO A 46 0.70 -8.77 -5.61
N CYS A 47 0.31 -7.75 -4.87
CA CYS A 47 -0.92 -7.07 -5.14
C CYS A 47 -0.74 -6.06 -6.27
N VAL A 48 0.46 -5.58 -6.41
CA VAL A 48 0.79 -4.55 -7.39
C VAL A 48 1.76 -5.08 -8.45
N GLY A 49 1.88 -6.40 -8.46
CA GLY A 49 2.67 -7.08 -9.47
C GLY A 49 4.15 -6.90 -9.34
N ILE A 50 4.63 -6.83 -8.12
CA ILE A 50 6.04 -6.64 -7.89
C ILE A 50 6.69 -7.93 -7.41
N MET A 51 7.74 -8.29 -8.08
CA MET A 51 8.47 -9.50 -7.78
C MET A 51 9.77 -9.17 -7.09
N ALA A 52 10.28 -7.97 -7.31
CA ALA A 52 11.55 -7.56 -6.78
C ALA A 52 11.54 -6.08 -6.61
N ALA A 53 12.36 -5.59 -5.69
CA ALA A 53 12.44 -4.18 -5.34
C ALA A 53 12.59 -3.29 -6.56
N PRO A 54 11.55 -2.48 -6.83
CA PRO A 54 11.55 -1.54 -7.94
C PRO A 54 12.66 -0.50 -7.81
N PRO A 55 13.14 0.02 -8.96
CA PRO A 55 14.22 1.00 -9.02
C PRO A 55 13.93 2.23 -8.16
N GLU A 56 14.96 2.74 -7.52
CA GLU A 56 14.85 3.88 -6.61
C GLU A 56 14.75 5.15 -7.43
N GLU A 57 15.28 5.06 -8.64
CA GLU A 57 15.28 6.16 -9.60
C GLU A 57 13.88 6.43 -10.16
N MET A 58 12.96 5.53 -9.85
CA MET A 58 11.60 5.65 -10.30
C MET A 58 10.70 5.80 -9.10
N GLN A 59 9.84 6.78 -9.13
CA GLN A 59 8.89 6.97 -8.07
C GLN A 59 7.78 5.95 -8.23
N TRP A 60 7.24 5.50 -7.15
CA TRP A 60 6.23 4.48 -7.23
C TRP A 60 4.93 5.01 -6.66
N PHE A 61 3.84 4.63 -7.30
CA PHE A 61 2.54 5.07 -6.90
C PHE A 61 1.63 3.86 -6.84
N CYS A 62 0.82 3.80 -5.82
CA CYS A 62 -0.12 2.73 -5.59
C CYS A 62 -1.21 2.75 -6.67
N PRO A 63 -2.00 1.67 -6.83
CA PRO A 63 -3.15 1.65 -7.74
C PRO A 63 -4.15 2.80 -7.45
N LYS A 64 -4.07 3.35 -6.24
CA LYS A 64 -4.88 4.48 -5.83
C LYS A 64 -4.36 5.75 -6.50
N CYS A 65 -3.08 5.96 -6.43
CA CYS A 65 -2.47 7.08 -7.11
C CYS A 65 -2.34 6.85 -8.59
N ALA A 66 -2.18 5.62 -8.98
CA ALA A 66 -2.11 5.27 -10.37
C ALA A 66 -3.47 5.39 -11.03
N ASN A 67 -4.50 5.56 -10.23
CA ASN A 67 -5.82 5.87 -10.75
C ASN A 67 -5.88 7.37 -11.06
N LYS A 68 -5.11 8.14 -10.30
CA LYS A 68 -4.99 9.57 -10.50
C LYS A 68 -3.99 9.86 -11.64
N ILE A 69 -2.95 9.06 -11.72
CA ILE A 69 -1.99 9.14 -12.82
C ILE A 69 -2.67 8.60 -14.07
N LYS A 70 -2.95 7.30 -14.02
CA LYS A 70 -3.55 6.52 -15.05
C LYS A 70 -2.67 6.43 -16.30
N LYS A 71 -2.21 5.21 -16.56
CA LYS A 71 -1.33 4.91 -17.70
C LYS A 71 -2.10 5.08 -19.02
N ASP A 72 -2.16 6.35 -19.48
CA ASP A 72 -2.91 6.79 -20.69
C ASP A 72 -4.41 6.70 -20.44
N LYS A 73 -4.85 5.49 -20.23
CA LYS A 73 -6.20 5.12 -19.95
C LYS A 73 -6.18 3.62 -19.70
N LYS A 74 -6.89 3.18 -18.70
CA LYS A 74 -7.05 1.78 -18.47
C LYS A 74 -8.47 1.42 -18.83
N HIS A 75 -8.64 0.31 -19.46
CA HIS A 75 -9.94 -0.08 -19.91
C HIS A 75 -10.15 -1.51 -19.45
ZN ZN B . -0.77 6.65 -3.38
ZN ZN C . -2.17 -7.07 -0.33
N GLY A 1 1.98 3.13 17.28
CA GLY A 1 0.71 2.91 17.95
C GLY A 1 -0.38 3.65 17.25
N SER A 2 -1.41 4.03 18.00
CA SER A 2 -2.54 4.79 17.50
C SER A 2 -3.39 3.97 16.50
N HIS A 3 -4.49 4.55 16.02
CA HIS A 3 -5.42 3.93 15.04
C HIS A 3 -6.24 2.79 15.67
N MET A 4 -6.00 2.57 16.97
CA MET A 4 -6.63 1.53 17.80
C MET A 4 -6.18 0.14 17.36
N ALA A 5 -6.76 -0.32 16.29
CA ALA A 5 -6.54 -1.66 15.69
C ALA A 5 -7.57 -1.85 14.65
N MET A 6 -8.67 -1.24 14.91
CA MET A 6 -9.80 -1.22 14.00
C MET A 6 -9.63 -0.12 12.98
N ALA A 7 -8.71 -0.38 12.07
CA ALA A 7 -8.32 0.51 11.00
C ALA A 7 -7.29 -0.24 10.18
N TYR A 8 -6.53 0.48 9.41
CA TYR A 8 -5.53 -0.14 8.53
C TYR A 8 -4.18 -0.24 9.24
N VAL A 9 -4.19 0.01 10.54
CA VAL A 9 -3.00 -0.06 11.36
C VAL A 9 -3.31 -0.82 12.65
N ILE A 10 -2.62 -1.92 12.85
CA ILE A 10 -2.77 -2.75 14.04
C ILE A 10 -1.37 -2.84 14.68
N ARG A 11 -1.23 -3.31 15.91
CA ARG A 11 0.08 -3.44 16.50
C ARG A 11 0.45 -4.92 16.61
N ASP A 12 1.64 -5.23 16.18
CA ASP A 12 2.20 -6.58 16.30
C ASP A 12 2.63 -6.82 17.75
N GLU A 13 3.07 -8.02 18.03
CA GLU A 13 3.51 -8.43 19.37
C GLU A 13 4.79 -7.70 19.77
N TRP A 14 5.59 -7.34 18.77
CA TRP A 14 6.82 -6.59 19.01
C TRP A 14 6.44 -5.11 19.17
N GLY A 15 5.24 -4.78 18.75
CA GLY A 15 4.75 -3.42 18.85
C GLY A 15 4.78 -2.69 17.55
N ASN A 16 5.42 -3.28 16.54
CA ASN A 16 5.48 -2.65 15.21
C ASN A 16 4.11 -2.63 14.61
N GLN A 17 3.83 -1.61 13.85
CA GLN A 17 2.57 -1.46 13.26
C GLN A 17 2.37 -2.43 12.10
N ILE A 18 1.18 -2.88 11.97
CA ILE A 18 0.75 -3.75 10.93
C ILE A 18 -0.05 -2.93 9.98
N TRP A 19 0.37 -2.90 8.77
CA TRP A 19 -0.34 -2.17 7.75
C TRP A 19 -1.34 -3.06 7.10
N ILE A 20 -2.45 -2.50 6.75
CA ILE A 20 -3.41 -3.21 5.96
C ILE A 20 -3.41 -2.62 4.58
N CYS A 21 -3.16 -3.48 3.62
CA CYS A 21 -3.09 -3.14 2.25
C CYS A 21 -4.49 -2.91 1.73
N PRO A 22 -4.80 -1.69 1.34
CA PRO A 22 -6.11 -1.34 0.77
C PRO A 22 -6.34 -2.00 -0.61
N GLY A 23 -5.34 -2.73 -1.08
CA GLY A 23 -5.47 -3.42 -2.32
C GLY A 23 -6.28 -4.69 -2.17
N CYS A 24 -6.06 -5.40 -1.08
CA CYS A 24 -6.71 -6.67 -0.85
C CYS A 24 -7.57 -6.64 0.41
N ASN A 25 -7.34 -5.62 1.24
CA ASN A 25 -7.98 -5.46 2.55
C ASN A 25 -7.40 -6.51 3.52
N LYS A 26 -6.13 -6.84 3.30
CA LYS A 26 -5.40 -7.77 4.17
C LYS A 26 -4.26 -7.07 4.87
N PRO A 27 -4.03 -7.39 6.14
CA PRO A 27 -2.90 -6.88 6.92
C PRO A 27 -1.57 -7.50 6.50
N ASP A 28 -0.50 -6.90 6.97
CA ASP A 28 0.82 -7.45 6.80
C ASP A 28 0.92 -8.74 7.59
N ASP A 29 1.55 -9.69 6.99
CA ASP A 29 1.67 -10.99 7.59
C ASP A 29 3.16 -11.34 7.66
N GLY A 30 3.96 -10.30 7.85
CA GLY A 30 5.39 -10.46 7.79
C GLY A 30 5.77 -10.59 6.35
N SER A 31 5.23 -9.71 5.57
CA SER A 31 5.32 -9.77 4.15
C SER A 31 5.99 -8.51 3.59
N PRO A 32 6.71 -8.63 2.47
CA PRO A 32 7.31 -7.47 1.82
C PRO A 32 6.23 -6.53 1.31
N MET A 33 6.31 -5.29 1.70
CA MET A 33 5.33 -4.32 1.33
C MET A 33 5.98 -3.12 0.72
N ILE A 34 5.24 -2.39 -0.04
CA ILE A 34 5.72 -1.23 -0.70
C ILE A 34 4.73 -0.09 -0.49
N GLY A 35 5.24 1.08 -0.23
CA GLY A 35 4.37 2.20 0.01
C GLY A 35 4.37 3.11 -1.16
N CYS A 36 3.31 3.87 -1.32
CA CYS A 36 3.23 4.77 -2.40
C CYS A 36 4.14 5.99 -2.19
N ASP A 37 4.85 6.37 -3.24
CA ASP A 37 5.86 7.44 -3.20
C ASP A 37 5.24 8.79 -2.90
N ASP A 38 4.19 9.09 -3.63
CA ASP A 38 3.54 10.39 -3.54
C ASP A 38 2.63 10.39 -2.36
N CYS A 39 1.88 9.36 -2.34
CA CYS A 39 0.71 9.22 -1.61
C CYS A 39 0.82 9.00 -0.07
N ASP A 40 0.63 7.77 0.42
CA ASP A 40 0.41 7.57 1.89
C ASP A 40 0.24 6.10 2.33
N ASP A 41 -0.20 5.25 1.43
CA ASP A 41 -0.60 3.89 1.79
C ASP A 41 0.56 2.92 1.67
N TRP A 42 0.31 1.70 2.10
CA TRP A 42 1.25 0.60 2.02
C TRP A 42 0.54 -0.61 1.48
N TYR A 43 1.10 -1.20 0.44
CA TYR A 43 0.51 -2.32 -0.23
C TYR A 43 1.47 -3.47 -0.22
N HIS A 44 0.98 -4.65 -0.46
CA HIS A 44 1.84 -5.84 -0.51
C HIS A 44 2.45 -5.97 -1.88
N TRP A 45 3.64 -6.58 -1.94
CA TRP A 45 4.32 -6.84 -3.21
C TRP A 45 3.43 -7.58 -4.24
N PRO A 46 2.86 -8.79 -3.92
CA PRO A 46 2.05 -9.55 -4.88
C PRO A 46 0.73 -8.86 -5.28
N CYS A 47 0.34 -7.84 -4.54
CA CYS A 47 -0.89 -7.13 -4.83
C CYS A 47 -0.73 -6.20 -6.00
N VAL A 48 0.39 -5.54 -6.02
CA VAL A 48 0.65 -4.55 -7.02
C VAL A 48 1.53 -5.12 -8.13
N GLY A 49 2.32 -6.13 -7.78
CA GLY A 49 3.15 -6.77 -8.76
C GLY A 49 4.61 -6.48 -8.57
N ILE A 50 5.04 -6.39 -7.34
CA ILE A 50 6.44 -6.21 -7.08
C ILE A 50 7.03 -7.58 -6.95
N MET A 51 7.75 -7.98 -7.93
CA MET A 51 8.35 -9.27 -7.94
C MET A 51 9.74 -9.18 -7.35
N ALA A 52 10.31 -7.99 -7.46
CA ALA A 52 11.62 -7.70 -6.97
C ALA A 52 11.66 -6.25 -6.60
N ALA A 53 12.45 -5.92 -5.60
CA ALA A 53 12.56 -4.56 -5.09
C ALA A 53 12.99 -3.57 -6.17
N PRO A 54 12.10 -2.64 -6.54
CA PRO A 54 12.39 -1.59 -7.50
C PRO A 54 13.37 -0.56 -6.93
N PRO A 55 14.24 0.02 -7.76
CA PRO A 55 15.16 1.06 -7.31
C PRO A 55 14.39 2.26 -6.78
N GLU A 56 14.67 2.62 -5.55
CA GLU A 56 13.96 3.71 -4.86
C GLU A 56 14.32 5.09 -5.42
N GLU A 57 15.22 5.12 -6.36
CA GLU A 57 15.56 6.33 -7.08
C GLU A 57 14.44 6.67 -8.07
N MET A 58 13.62 5.69 -8.35
CA MET A 58 12.48 5.86 -9.22
C MET A 58 11.26 6.08 -8.34
N GLN A 59 10.26 6.78 -8.83
CA GLN A 59 9.05 6.96 -8.07
C GLN A 59 8.08 5.87 -8.41
N TRP A 60 7.38 5.42 -7.43
CA TRP A 60 6.44 4.35 -7.58
C TRP A 60 5.11 4.77 -7.03
N PHE A 61 4.08 4.69 -7.82
CA PHE A 61 2.77 4.98 -7.35
C PHE A 61 1.94 3.72 -7.48
N CYS A 62 1.05 3.56 -6.60
CA CYS A 62 0.24 2.40 -6.48
C CYS A 62 -0.91 2.44 -7.46
N PRO A 63 -1.58 1.29 -7.70
CA PRO A 63 -2.74 1.22 -8.60
C PRO A 63 -3.92 2.08 -8.09
N LYS A 64 -3.84 2.53 -6.86
CA LYS A 64 -4.85 3.39 -6.29
C LYS A 64 -4.54 4.84 -6.59
N CYS A 65 -3.41 5.32 -6.08
CA CYS A 65 -3.06 6.72 -6.20
C CYS A 65 -2.61 7.11 -7.60
N ALA A 66 -2.05 6.16 -8.35
CA ALA A 66 -1.64 6.47 -9.71
C ALA A 66 -2.86 6.60 -10.57
N ASN A 67 -3.93 5.94 -10.16
CA ASN A 67 -5.17 5.95 -10.91
C ASN A 67 -6.05 7.11 -10.47
N LYS A 68 -5.60 7.83 -9.47
CA LYS A 68 -6.26 9.06 -9.08
C LYS A 68 -5.73 10.16 -9.97
N ILE A 69 -4.40 10.18 -10.09
CA ILE A 69 -3.68 11.13 -10.93
C ILE A 69 -4.01 10.83 -12.38
N LYS A 70 -3.70 9.62 -12.77
CA LYS A 70 -3.97 9.15 -14.08
C LYS A 70 -5.23 8.34 -14.01
N LYS A 71 -6.32 9.05 -13.83
CA LYS A 71 -7.63 8.43 -13.72
C LYS A 71 -8.00 7.84 -15.06
N ASP A 72 -8.07 8.68 -16.05
CA ASP A 72 -8.33 8.23 -17.41
C ASP A 72 -7.41 8.94 -18.38
N LYS A 73 -6.58 9.81 -17.82
CA LYS A 73 -5.65 10.63 -18.54
C LYS A 73 -4.83 11.40 -17.50
N LYS A 74 -3.62 11.80 -17.80
CA LYS A 74 -2.84 12.56 -16.86
C LYS A 74 -2.93 14.03 -17.26
N HIS A 75 -2.88 14.92 -16.30
CA HIS A 75 -2.94 16.34 -16.61
C HIS A 75 -1.53 16.89 -16.68
ZN ZN B . -0.80 5.73 -3.13
ZN ZN C . -2.39 -6.41 -0.17
N GLY A 1 -11.33 -10.79 20.64
CA GLY A 1 -10.10 -10.00 20.63
C GLY A 1 -10.34 -8.68 21.31
N SER A 2 -9.41 -8.27 22.16
CA SER A 2 -9.49 -6.99 22.86
C SER A 2 -9.51 -5.83 21.85
N HIS A 3 -8.67 -5.96 20.85
CA HIS A 3 -8.61 -5.01 19.77
C HIS A 3 -8.55 -5.82 18.50
N MET A 4 -8.91 -5.26 17.40
CA MET A 4 -8.87 -5.97 16.16
C MET A 4 -8.35 -5.10 15.07
N ALA A 5 -9.19 -4.28 14.56
CA ALA A 5 -8.85 -3.39 13.49
C ALA A 5 -9.66 -2.13 13.59
N MET A 6 -9.04 -1.02 13.30
CA MET A 6 -9.73 0.26 13.29
C MET A 6 -10.48 0.30 11.98
N ALA A 7 -9.79 -0.15 10.95
CA ALA A 7 -10.29 -0.21 9.59
C ALA A 7 -9.26 -0.91 8.75
N TYR A 8 -8.25 -0.19 8.42
CA TYR A 8 -7.12 -0.71 7.68
C TYR A 8 -5.89 -0.71 8.59
N VAL A 9 -6.12 -0.50 9.86
CA VAL A 9 -5.05 -0.48 10.84
C VAL A 9 -5.34 -1.50 11.93
N ILE A 10 -4.37 -2.34 12.18
CA ILE A 10 -4.42 -3.36 13.21
C ILE A 10 -3.17 -3.15 14.08
N ARG A 11 -3.10 -3.75 15.23
CA ARG A 11 -1.93 -3.68 16.07
C ARG A 11 -1.39 -5.09 16.19
N ASP A 12 -0.10 -5.24 16.16
CA ASP A 12 0.50 -6.57 16.24
C ASP A 12 0.55 -7.02 17.71
N GLU A 13 1.27 -8.09 17.94
CA GLU A 13 1.45 -8.67 19.25
C GLU A 13 2.22 -7.71 20.18
N TRP A 14 3.14 -6.96 19.60
CA TRP A 14 3.95 -6.03 20.35
C TRP A 14 3.28 -4.66 20.50
N GLY A 15 2.54 -4.27 19.50
CA GLY A 15 1.82 -3.01 19.57
C GLY A 15 2.17 -2.06 18.46
N ASN A 16 2.77 -2.59 17.42
CA ASN A 16 3.11 -1.82 16.25
C ASN A 16 1.88 -1.77 15.40
N GLN A 17 1.72 -0.75 14.64
CA GLN A 17 0.61 -0.67 13.79
C GLN A 17 0.84 -1.51 12.55
N ILE A 18 -0.16 -2.21 12.22
CA ILE A 18 -0.20 -3.05 11.08
C ILE A 18 -1.02 -2.36 10.03
N TRP A 19 -0.46 -2.30 8.90
CA TRP A 19 -1.10 -1.74 7.77
C TRP A 19 -1.83 -2.81 6.98
N ILE A 20 -2.95 -2.44 6.47
CA ILE A 20 -3.75 -3.26 5.61
C ILE A 20 -3.73 -2.69 4.20
N CYS A 21 -3.29 -3.51 3.26
CA CYS A 21 -3.19 -3.17 1.88
C CYS A 21 -4.59 -2.93 1.31
N PRO A 22 -4.91 -1.69 0.94
CA PRO A 22 -6.22 -1.31 0.38
C PRO A 22 -6.53 -1.99 -0.96
N GLY A 23 -5.56 -2.72 -1.48
CA GLY A 23 -5.74 -3.42 -2.70
C GLY A 23 -6.56 -4.69 -2.52
N CYS A 24 -6.33 -5.38 -1.42
CA CYS A 24 -6.96 -6.67 -1.16
C CYS A 24 -7.69 -6.67 0.19
N ASN A 25 -7.45 -5.61 0.96
CA ASN A 25 -7.89 -5.43 2.34
C ASN A 25 -7.35 -6.51 3.27
N LYS A 26 -6.14 -6.97 2.95
CA LYS A 26 -5.42 -7.90 3.78
C LYS A 26 -4.30 -7.17 4.54
N PRO A 27 -4.11 -7.50 5.82
CA PRO A 27 -3.04 -6.91 6.66
C PRO A 27 -1.64 -7.43 6.34
N ASP A 28 -0.67 -6.80 6.93
CA ASP A 28 0.73 -7.21 6.84
C ASP A 28 0.97 -8.44 7.71
N ASP A 29 1.85 -9.31 7.25
CA ASP A 29 2.24 -10.52 7.99
C ASP A 29 3.72 -10.43 8.35
N GLY A 30 4.33 -9.34 7.94
CA GLY A 30 5.74 -9.17 8.04
C GLY A 30 6.34 -9.48 6.70
N SER A 31 5.64 -9.03 5.69
CA SER A 31 5.94 -9.36 4.33
C SER A 31 6.56 -8.15 3.60
N PRO A 32 7.14 -8.33 2.38
CA PRO A 32 7.66 -7.22 1.62
C PRO A 32 6.52 -6.43 1.06
N MET A 33 6.41 -5.24 1.49
CA MET A 33 5.37 -4.40 1.04
C MET A 33 5.98 -3.19 0.45
N ILE A 34 5.24 -2.48 -0.32
CA ILE A 34 5.75 -1.33 -0.98
C ILE A 34 4.95 -0.10 -0.62
N GLY A 35 5.65 0.95 -0.30
CA GLY A 35 5.01 2.18 0.07
C GLY A 35 4.95 3.13 -1.09
N CYS A 36 3.87 3.87 -1.16
CA CYS A 36 3.65 4.82 -2.22
C CYS A 36 4.57 6.02 -2.05
N ASP A 37 4.65 6.83 -3.07
CA ASP A 37 5.40 8.05 -2.98
C ASP A 37 4.51 9.11 -2.38
N ASP A 38 3.21 8.94 -2.56
CA ASP A 38 2.25 9.88 -1.98
C ASP A 38 1.75 9.35 -0.67
N CYS A 39 1.37 8.11 -0.63
CA CYS A 39 0.86 7.52 0.57
C CYS A 39 2.04 7.06 1.43
N ASP A 40 1.89 7.14 2.70
CA ASP A 40 2.90 6.64 3.64
C ASP A 40 2.45 5.29 4.15
N ASP A 41 1.52 4.72 3.45
CA ASP A 41 0.98 3.46 3.81
C ASP A 41 1.47 2.42 2.81
N TRP A 42 1.26 1.16 3.10
CA TRP A 42 1.90 0.11 2.34
C TRP A 42 0.91 -0.76 1.58
N TYR A 43 1.36 -1.28 0.47
CA TYR A 43 0.63 -2.23 -0.36
C TYR A 43 1.47 -3.48 -0.51
N HIS A 44 0.85 -4.62 -0.65
CA HIS A 44 1.61 -5.88 -0.75
C HIS A 44 2.24 -6.03 -2.12
N TRP A 45 3.44 -6.56 -2.15
CA TRP A 45 4.14 -6.88 -3.40
C TRP A 45 3.32 -7.80 -4.33
N PRO A 46 2.77 -8.95 -3.83
CA PRO A 46 1.94 -9.84 -4.66
C PRO A 46 0.67 -9.15 -5.19
N CYS A 47 0.26 -8.05 -4.57
CA CYS A 47 -0.97 -7.37 -4.97
C CYS A 47 -0.73 -6.44 -6.14
N VAL A 48 0.50 -6.07 -6.31
CA VAL A 48 0.86 -5.15 -7.36
C VAL A 48 1.83 -5.81 -8.34
N GLY A 49 1.96 -7.13 -8.21
CA GLY A 49 2.80 -7.92 -9.11
C GLY A 49 4.26 -7.55 -9.03
N ILE A 50 4.77 -7.45 -7.84
CA ILE A 50 6.16 -7.08 -7.64
C ILE A 50 6.93 -8.19 -6.95
N MET A 51 8.13 -8.46 -7.42
CA MET A 51 9.01 -9.45 -6.82
C MET A 51 10.34 -8.85 -6.39
N ALA A 52 10.58 -7.63 -6.83
CA ALA A 52 11.78 -6.86 -6.51
C ALA A 52 11.45 -5.40 -6.68
N ALA A 53 11.90 -4.56 -5.73
CA ALA A 53 11.59 -3.11 -5.67
C ALA A 53 11.84 -2.36 -6.99
N PRO A 54 10.77 -2.11 -7.73
CA PRO A 54 10.82 -1.48 -9.03
C PRO A 54 10.42 0.02 -9.09
N PRO A 55 11.14 0.78 -9.88
CA PRO A 55 10.70 2.08 -10.31
C PRO A 55 10.06 1.92 -11.70
N GLU A 56 9.17 2.78 -12.07
CA GLU A 56 8.60 2.64 -13.39
C GLU A 56 9.43 3.34 -14.45
N GLU A 57 10.11 4.38 -14.00
CA GLU A 57 10.95 5.33 -14.71
C GLU A 57 10.82 6.61 -13.92
N MET A 58 9.79 6.57 -13.11
CA MET A 58 9.37 7.58 -12.24
C MET A 58 9.09 6.86 -10.94
N GLN A 59 8.87 7.61 -9.89
CA GLN A 59 8.52 7.07 -8.58
C GLN A 59 7.33 6.10 -8.67
N TRP A 60 7.09 5.42 -7.61
CA TRP A 60 6.09 4.38 -7.61
C TRP A 60 4.83 4.89 -6.98
N PHE A 61 3.74 4.64 -7.66
CA PHE A 61 2.45 5.05 -7.20
C PHE A 61 1.56 3.84 -7.20
N CYS A 62 0.76 3.73 -6.19
CA CYS A 62 -0.12 2.62 -5.99
C CYS A 62 -1.27 2.63 -7.00
N PRO A 63 -2.03 1.51 -7.11
CA PRO A 63 -3.23 1.45 -7.95
C PRO A 63 -4.24 2.58 -7.62
N LYS A 64 -4.11 3.14 -6.43
CA LYS A 64 -4.95 4.23 -5.99
C LYS A 64 -4.45 5.56 -6.57
N CYS A 65 -3.17 5.85 -6.41
CA CYS A 65 -2.61 7.09 -6.94
C CYS A 65 -2.41 7.05 -8.46
N ALA A 66 -2.16 5.88 -9.00
CA ALA A 66 -2.00 5.73 -10.44
C ALA A 66 -3.32 6.00 -11.15
N ASN A 67 -4.40 5.81 -10.41
CA ASN A 67 -5.76 6.06 -10.90
C ASN A 67 -5.95 7.57 -11.09
N LYS A 68 -5.22 8.34 -10.28
CA LYS A 68 -5.27 9.80 -10.31
C LYS A 68 -4.43 10.31 -11.49
N ILE A 69 -3.30 9.63 -11.69
CA ILE A 69 -2.32 9.96 -12.74
C ILE A 69 -2.93 9.82 -14.14
N LYS A 70 -3.62 8.71 -14.36
CA LYS A 70 -4.22 8.44 -15.66
C LYS A 70 -5.53 9.22 -15.81
N LYS A 71 -6.14 9.14 -16.97
CA LYS A 71 -7.40 9.80 -17.20
C LYS A 71 -8.45 8.79 -17.54
N ASP A 72 -9.49 8.72 -16.76
CA ASP A 72 -10.61 7.84 -17.07
C ASP A 72 -11.47 8.53 -18.12
N LYS A 73 -11.67 9.79 -17.88
CA LYS A 73 -12.40 10.68 -18.75
C LYS A 73 -11.68 12.02 -18.70
N LYS A 74 -11.30 12.37 -17.51
CA LYS A 74 -10.50 13.51 -17.19
C LYS A 74 -9.76 13.09 -15.92
N HIS A 75 -9.29 14.01 -15.14
CA HIS A 75 -8.76 13.64 -13.86
C HIS A 75 -9.86 13.80 -12.85
ZN ZN B . -0.68 6.36 -3.28
ZN ZN C . -2.56 -6.50 -0.55
#